data_6B8C
# 
_entry.id   6B8C 
# 
_audit_conform.dict_name       mmcif_pdbx.dic 
_audit_conform.dict_version    5.379 
_audit_conform.dict_location   http://mmcif.pdb.org/dictionaries/ascii/mmcif_pdbx.dic 
# 
loop_
_database_2.database_id 
_database_2.database_code 
_database_2.pdbx_database_accession 
_database_2.pdbx_DOI 
PDB   6B8C         pdb_00006b8c 10.2210/pdb6b8c/pdb 
WWPDB D_1000229067 ?            ?                   
# 
_pdbx_database_status.status_code                     REL 
_pdbx_database_status.status_code_sf                  REL 
_pdbx_database_status.status_code_mr                  ? 
_pdbx_database_status.entry_id                        6B8C 
_pdbx_database_status.recvd_initial_deposition_date   2017-10-06 
_pdbx_database_status.SG_entry                        N 
_pdbx_database_status.deposit_site                    RCSB 
_pdbx_database_status.process_site                    RCSB 
_pdbx_database_status.status_code_cs                  ? 
_pdbx_database_status.methods_development_category    ? 
_pdbx_database_status.pdb_format_compatible           Y 
_pdbx_database_status.status_code_nmr_data            ? 
# 
loop_
_audit_author.name 
_audit_author.pdbx_ordinal 
_audit_author.identifier_ORCID 
'Kim, B.'    1 ? 
'Oren, D.A.' 2 ? 
'Hang, H.C.' 3 ? 
# 
_citation.abstract                  ? 
_citation.abstract_id_CAS           ? 
_citation.book_id_ISBN              ? 
_citation.book_publisher            ? 
_citation.book_publisher_city       ? 
_citation.book_title                ? 
_citation.coordinate_linkage        ? 
_citation.country                   US 
_citation.database_id_Medline       ? 
_citation.details                   ? 
_citation.id                        primary 
_citation.journal_abbrev            Elife 
_citation.journal_id_ASTM           ? 
_citation.journal_id_CSD            ? 
_citation.journal_id_ISSN           2050-084X 
_citation.journal_full              ? 
_citation.journal_issue             ? 
_citation.journal_volume            8 
_citation.language                  ? 
_citation.page_first                ? 
_citation.page_last                 ? 
_citation.title                     
'Enterococcus faeciumsecreted antigen A generates muropeptides to enhance host immunity and limit bacterial pathogenesis.' 
_citation.year                      2019 
_citation.database_id_CSD           ? 
_citation.pdbx_database_id_DOI      10.7554/eLife.45343 
_citation.pdbx_database_id_PubMed   30969170 
_citation.unpublished_flag          ? 
# 
loop_
_citation_author.citation_id 
_citation_author.name 
_citation_author.ordinal 
_citation_author.identifier_ORCID 
primary 'Kim, B.'        1  0000-0002-0207-7357 
primary 'Wang, Y.C.'     2  ?                   
primary 'Hespen, C.W.'   3  0000-0001-5466-0280 
primary 'Espinosa, J.'   4  0000-0003-2104-5331 
primary 'Salje, J.'      5  ?                   
primary 'Rangan, K.J.'   6  ?                   
primary 'Oren, D.A.'     7  ?                   
primary 'Kang, J.Y.'     8  ?                   
primary 'Pedicord, V.A.' 9  ?                   
primary 'Hang, H.C.'     10 0000-0003-4053-5547 
# 
_cell.angle_alpha                  90.00 
_cell.angle_alpha_esd              ? 
_cell.angle_beta                   90.00 
_cell.angle_beta_esd               ? 
_cell.angle_gamma                  90.00 
_cell.angle_gamma_esd              ? 
_cell.entry_id                     6B8C 
_cell.details                      ? 
_cell.formula_units_Z              ? 
_cell.length_a                     100.385 
_cell.length_a_esd                 ? 
_cell.length_b                     100.385 
_cell.length_b_esd                 ? 
_cell.length_c                     100.385 
_cell.length_c_esd                 ? 
_cell.volume                       ? 
_cell.volume_esd                   ? 
_cell.Z_PDB                        24 
_cell.reciprocal_angle_alpha       ? 
_cell.reciprocal_angle_beta        ? 
_cell.reciprocal_angle_gamma       ? 
_cell.reciprocal_angle_alpha_esd   ? 
_cell.reciprocal_angle_beta_esd    ? 
_cell.reciprocal_angle_gamma_esd   ? 
_cell.reciprocal_length_a          ? 
_cell.reciprocal_length_b          ? 
_cell.reciprocal_length_c          ? 
_cell.reciprocal_length_a_esd      ? 
_cell.reciprocal_length_b_esd      ? 
_cell.reciprocal_length_c_esd      ? 
_cell.pdbx_unique_axis             ? 
# 
_symmetry.entry_id                         6B8C 
_symmetry.cell_setting                     ? 
_symmetry.Int_Tables_number                207 
_symmetry.space_group_name_Hall            ? 
_symmetry.space_group_name_H-M             'P 4 3 2' 
_symmetry.pdbx_full_space_group_name_H-M   ? 
# 
loop_
_entity.id 
_entity.type 
_entity.src_method 
_entity.pdbx_description 
_entity.formula_weight 
_entity.pdbx_number_of_molecules 
_entity.pdbx_ec 
_entity.pdbx_mutation 
_entity.pdbx_fragment 
_entity.details 
1 polymer man NLP/P60 15715.212 1 ? ? ? ? 
2 water   nat water   18.015    8 ? ? ? ? 
# 
_entity_name_com.entity_id   1 
_entity_name_com.name        SagA 
# 
_entity_poly.entity_id                      1 
_entity_poly.type                           'polypeptide(L)' 
_entity_poly.nstd_linkage                   no 
_entity_poly.nstd_monomer                   no 
_entity_poly.pdbx_seq_one_letter_code       
;PGNSTGSNATNNTTNTTPTPTPSGSVNGAAIVAEAYKYIGTPYVWGGKDPSGFDCSGFTRYVYLQVTGRDIGGWTVPQES
AGTKISVSQAKAGDLLFWGSPGGTYHVAIALGGGQYIHAPQPGESVKVGSVQWFAPDFAVSMLEHHHHHH
;
_entity_poly.pdbx_seq_one_letter_code_can   
;PGNSTGSNATNNTTNTTPTPTPSGSVNGAAIVAEAYKYIGTPYVWGGKDPSGFDCSGFTRYVYLQVTGRDIGGWTVPQES
AGTKISVSQAKAGDLLFWGSPGGTYHVAIALGGGQYIHAPQPGESVKVGSVQWFAPDFAVSMLEHHHHHH
;
_entity_poly.pdbx_strand_id                 A 
_entity_poly.pdbx_target_identifier         ? 
# 
loop_
_entity_poly_seq.entity_id 
_entity_poly_seq.num 
_entity_poly_seq.mon_id 
_entity_poly_seq.hetero 
1 1   PRO n 
1 2   GLY n 
1 3   ASN n 
1 4   SER n 
1 5   THR n 
1 6   GLY n 
1 7   SER n 
1 8   ASN n 
1 9   ALA n 
1 10  THR n 
1 11  ASN n 
1 12  ASN n 
1 13  THR n 
1 14  THR n 
1 15  ASN n 
1 16  THR n 
1 17  THR n 
1 18  PRO n 
1 19  THR n 
1 20  PRO n 
1 21  THR n 
1 22  PRO n 
1 23  SER n 
1 24  GLY n 
1 25  SER n 
1 26  VAL n 
1 27  ASN n 
1 28  GLY n 
1 29  ALA n 
1 30  ALA n 
1 31  ILE n 
1 32  VAL n 
1 33  ALA n 
1 34  GLU n 
1 35  ALA n 
1 36  TYR n 
1 37  LYS n 
1 38  TYR n 
1 39  ILE n 
1 40  GLY n 
1 41  THR n 
1 42  PRO n 
1 43  TYR n 
1 44  VAL n 
1 45  TRP n 
1 46  GLY n 
1 47  GLY n 
1 48  LYS n 
1 49  ASP n 
1 50  PRO n 
1 51  SER n 
1 52  GLY n 
1 53  PHE n 
1 54  ASP n 
1 55  CYS n 
1 56  SER n 
1 57  GLY n 
1 58  PHE n 
1 59  THR n 
1 60  ARG n 
1 61  TYR n 
1 62  VAL n 
1 63  TYR n 
1 64  LEU n 
1 65  GLN n 
1 66  VAL n 
1 67  THR n 
1 68  GLY n 
1 69  ARG n 
1 70  ASP n 
1 71  ILE n 
1 72  GLY n 
1 73  GLY n 
1 74  TRP n 
1 75  THR n 
1 76  VAL n 
1 77  PRO n 
1 78  GLN n 
1 79  GLU n 
1 80  SER n 
1 81  ALA n 
1 82  GLY n 
1 83  THR n 
1 84  LYS n 
1 85  ILE n 
1 86  SER n 
1 87  VAL n 
1 88  SER n 
1 89  GLN n 
1 90  ALA n 
1 91  LYS n 
1 92  ALA n 
1 93  GLY n 
1 94  ASP n 
1 95  LEU n 
1 96  LEU n 
1 97  PHE n 
1 98  TRP n 
1 99  GLY n 
1 100 SER n 
1 101 PRO n 
1 102 GLY n 
1 103 GLY n 
1 104 THR n 
1 105 TYR n 
1 106 HIS n 
1 107 VAL n 
1 108 ALA n 
1 109 ILE n 
1 110 ALA n 
1 111 LEU n 
1 112 GLY n 
1 113 GLY n 
1 114 GLY n 
1 115 GLN n 
1 116 TYR n 
1 117 ILE n 
1 118 HIS n 
1 119 ALA n 
1 120 PRO n 
1 121 GLN n 
1 122 PRO n 
1 123 GLY n 
1 124 GLU n 
1 125 SER n 
1 126 VAL n 
1 127 LYS n 
1 128 VAL n 
1 129 GLY n 
1 130 SER n 
1 131 VAL n 
1 132 GLN n 
1 133 TRP n 
1 134 PHE n 
1 135 ALA n 
1 136 PRO n 
1 137 ASP n 
1 138 PHE n 
1 139 ALA n 
1 140 VAL n 
1 141 SER n 
1 142 MET n 
1 143 LEU n 
1 144 GLU n 
1 145 HIS n 
1 146 HIS n 
1 147 HIS n 
1 148 HIS n 
1 149 HIS n 
1 150 HIS n 
# 
_entity_src_gen.entity_id                          1 
_entity_src_gen.pdbx_src_id                        1 
_entity_src_gen.pdbx_alt_source_flag               sample 
_entity_src_gen.pdbx_seq_type                      'Biological sequence' 
_entity_src_gen.pdbx_beg_seq_num                   1 
_entity_src_gen.pdbx_end_seq_num                   150 
_entity_src_gen.gene_src_common_name               'Streptococcus faecium' 
_entity_src_gen.gene_src_genus                     ? 
_entity_src_gen.pdbx_gene_src_gene                 FM130_01170 
_entity_src_gen.gene_src_species                   ? 
_entity_src_gen.gene_src_strain                    ? 
_entity_src_gen.gene_src_tissue                    ? 
_entity_src_gen.gene_src_tissue_fraction           ? 
_entity_src_gen.gene_src_details                   ? 
_entity_src_gen.pdbx_gene_src_fragment             ? 
_entity_src_gen.pdbx_gene_src_scientific_name      'Enterococcus faecium' 
_entity_src_gen.pdbx_gene_src_ncbi_taxonomy_id     1352 
_entity_src_gen.pdbx_gene_src_variant              ? 
_entity_src_gen.pdbx_gene_src_cell_line            ? 
_entity_src_gen.pdbx_gene_src_atcc                 ? 
_entity_src_gen.pdbx_gene_src_organ                ? 
_entity_src_gen.pdbx_gene_src_organelle            ? 
_entity_src_gen.pdbx_gene_src_cell                 ? 
_entity_src_gen.pdbx_gene_src_cellular_location    ? 
_entity_src_gen.host_org_common_name               ? 
_entity_src_gen.pdbx_host_org_scientific_name      'Escherichia coli' 
_entity_src_gen.pdbx_host_org_ncbi_taxonomy_id     562 
_entity_src_gen.host_org_genus                     ? 
_entity_src_gen.pdbx_host_org_gene                 ? 
_entity_src_gen.pdbx_host_org_organ                ? 
_entity_src_gen.host_org_species                   ? 
_entity_src_gen.pdbx_host_org_tissue               ? 
_entity_src_gen.pdbx_host_org_tissue_fraction      ? 
_entity_src_gen.pdbx_host_org_strain               BL21 
_entity_src_gen.pdbx_host_org_variant              ? 
_entity_src_gen.pdbx_host_org_cell_line            ? 
_entity_src_gen.pdbx_host_org_atcc                 ? 
_entity_src_gen.pdbx_host_org_culture_collection   ? 
_entity_src_gen.pdbx_host_org_cell                 ? 
_entity_src_gen.pdbx_host_org_organelle            ? 
_entity_src_gen.pdbx_host_org_cellular_location    ? 
_entity_src_gen.pdbx_host_org_vector_type          plasmid 
_entity_src_gen.pdbx_host_org_vector               ? 
_entity_src_gen.host_org_details                   ? 
_entity_src_gen.expression_system_id               ? 
_entity_src_gen.plasmid_name                       ? 
_entity_src_gen.plasmid_details                    ? 
_entity_src_gen.pdbx_description                   ? 
# 
_struct_ref.id                         1 
_struct_ref.db_name                    UNP 
_struct_ref.db_code                    A0A1T4J4N4_ENTFC 
_struct_ref.pdbx_db_accession          A0A1T4J4N4 
_struct_ref.pdbx_db_isoform            ? 
_struct_ref.entity_id                  1 
_struct_ref.pdbx_seq_one_letter_code   
;PGNSTGSNATNNTTNTTPTPTPSGSVNGAAIVAEAYKYIGTPYVWGGKDPSGFDCSGFTRYVYLQVTGRDIGGWTVPQES
AGTKISVSQAKAGDLLFWGSPGGTYHVAIALGGGQYIHAPQPGESVKVGSVQWFAPDFAVSM
;
_struct_ref.pdbx_align_begin           369 
# 
_struct_ref_seq.align_id                      1 
_struct_ref_seq.ref_id                        1 
_struct_ref_seq.pdbx_PDB_id_code              6B8C 
_struct_ref_seq.pdbx_strand_id                A 
_struct_ref_seq.seq_align_beg                 1 
_struct_ref_seq.pdbx_seq_align_beg_ins_code   ? 
_struct_ref_seq.seq_align_end                 142 
_struct_ref_seq.pdbx_seq_align_end_ins_code   ? 
_struct_ref_seq.pdbx_db_accession             A0A1T4J4N4 
_struct_ref_seq.db_align_beg                  369 
_struct_ref_seq.pdbx_db_align_beg_ins_code    ? 
_struct_ref_seq.db_align_end                  510 
_struct_ref_seq.pdbx_db_align_end_ins_code    ? 
_struct_ref_seq.pdbx_auth_seq_align_beg       389 
_struct_ref_seq.pdbx_auth_seq_align_end       530 
# 
loop_
_struct_ref_seq_dif.align_id 
_struct_ref_seq_dif.pdbx_pdb_id_code 
_struct_ref_seq_dif.mon_id 
_struct_ref_seq_dif.pdbx_pdb_strand_id 
_struct_ref_seq_dif.seq_num 
_struct_ref_seq_dif.pdbx_pdb_ins_code 
_struct_ref_seq_dif.pdbx_seq_db_name 
_struct_ref_seq_dif.pdbx_seq_db_accession_code 
_struct_ref_seq_dif.db_mon_id 
_struct_ref_seq_dif.pdbx_seq_db_seq_num 
_struct_ref_seq_dif.details 
_struct_ref_seq_dif.pdbx_auth_seq_num 
_struct_ref_seq_dif.pdbx_ordinal 
1 6B8C LEU A 143 ? UNP A0A1T4J4N4 ? ? 'expression tag' 531 1 
1 6B8C GLU A 144 ? UNP A0A1T4J4N4 ? ? 'expression tag' 532 2 
1 6B8C HIS A 145 ? UNP A0A1T4J4N4 ? ? 'expression tag' 533 3 
1 6B8C HIS A 146 ? UNP A0A1T4J4N4 ? ? 'expression tag' 534 4 
1 6B8C HIS A 147 ? UNP A0A1T4J4N4 ? ? 'expression tag' 535 5 
1 6B8C HIS A 148 ? UNP A0A1T4J4N4 ? ? 'expression tag' 536 6 
1 6B8C HIS A 149 ? UNP A0A1T4J4N4 ? ? 'expression tag' 537 7 
1 6B8C HIS A 150 ? UNP A0A1T4J4N4 ? ? 'expression tag' 538 8 
# 
loop_
_chem_comp.id 
_chem_comp.type 
_chem_comp.mon_nstd_flag 
_chem_comp.name 
_chem_comp.pdbx_synonyms 
_chem_comp.formula 
_chem_comp.formula_weight 
ALA 'L-peptide linking' y ALANINE         ? 'C3 H7 N O2'     89.093  
ARG 'L-peptide linking' y ARGININE        ? 'C6 H15 N4 O2 1' 175.209 
ASN 'L-peptide linking' y ASPARAGINE      ? 'C4 H8 N2 O3'    132.118 
ASP 'L-peptide linking' y 'ASPARTIC ACID' ? 'C4 H7 N O4'     133.103 
CYS 'L-peptide linking' y CYSTEINE        ? 'C3 H7 N O2 S'   121.158 
GLN 'L-peptide linking' y GLUTAMINE       ? 'C5 H10 N2 O3'   146.144 
GLU 'L-peptide linking' y 'GLUTAMIC ACID' ? 'C5 H9 N O4'     147.129 
GLY 'peptide linking'   y GLYCINE         ? 'C2 H5 N O2'     75.067  
HIS 'L-peptide linking' y HISTIDINE       ? 'C6 H10 N3 O2 1' 156.162 
HOH non-polymer         . WATER           ? 'H2 O'           18.015  
ILE 'L-peptide linking' y ISOLEUCINE      ? 'C6 H13 N O2'    131.173 
LEU 'L-peptide linking' y LEUCINE         ? 'C6 H13 N O2'    131.173 
LYS 'L-peptide linking' y LYSINE          ? 'C6 H15 N2 O2 1' 147.195 
MET 'L-peptide linking' y METHIONINE      ? 'C5 H11 N O2 S'  149.211 
PHE 'L-peptide linking' y PHENYLALANINE   ? 'C9 H11 N O2'    165.189 
PRO 'L-peptide linking' y PROLINE         ? 'C5 H9 N O2'     115.130 
SER 'L-peptide linking' y SERINE          ? 'C3 H7 N O3'     105.093 
THR 'L-peptide linking' y THREONINE       ? 'C4 H9 N O3'     119.119 
TRP 'L-peptide linking' y TRYPTOPHAN      ? 'C11 H12 N2 O2'  204.225 
TYR 'L-peptide linking' y TYROSINE        ? 'C9 H11 N O3'    181.189 
VAL 'L-peptide linking' y VALINE          ? 'C5 H11 N O2'    117.146 
# 
_exptl.absorpt_coefficient_mu     ? 
_exptl.absorpt_correction_T_max   ? 
_exptl.absorpt_correction_T_min   ? 
_exptl.absorpt_correction_type    ? 
_exptl.absorpt_process_details    ? 
_exptl.entry_id                   6B8C 
_exptl.crystals_number            1 
_exptl.details                    ? 
_exptl.method                     'X-RAY DIFFRACTION' 
_exptl.method_details             ? 
# 
_exptl_crystal.colour                      ? 
_exptl_crystal.density_diffrn              ? 
_exptl_crystal.density_Matthews            2.69 
_exptl_crystal.density_method              ? 
_exptl_crystal.density_percent_sol         54.23 
_exptl_crystal.description                 ? 
_exptl_crystal.F_000                       ? 
_exptl_crystal.id                          1 
_exptl_crystal.preparation                 ? 
_exptl_crystal.size_max                    ? 
_exptl_crystal.size_mid                    ? 
_exptl_crystal.size_min                    ? 
_exptl_crystal.size_rad                    ? 
_exptl_crystal.colour_lustre               ? 
_exptl_crystal.colour_modifier             ? 
_exptl_crystal.colour_primary              ? 
_exptl_crystal.density_meas                ? 
_exptl_crystal.density_meas_esd            ? 
_exptl_crystal.density_meas_gt             ? 
_exptl_crystal.density_meas_lt             ? 
_exptl_crystal.density_meas_temp           ? 
_exptl_crystal.density_meas_temp_esd       ? 
_exptl_crystal.density_meas_temp_gt        ? 
_exptl_crystal.density_meas_temp_lt        ? 
_exptl_crystal.pdbx_crystal_image_url      ? 
_exptl_crystal.pdbx_crystal_image_format   ? 
_exptl_crystal.pdbx_mosaicity              ? 
_exptl_crystal.pdbx_mosaicity_esd          ? 
# 
_exptl_crystal_grow.apparatus       ? 
_exptl_crystal_grow.atmosphere      ? 
_exptl_crystal_grow.crystal_id      1 
_exptl_crystal_grow.details         ? 
_exptl_crystal_grow.method          'VAPOR DIFFUSION, SITTING DROP' 
_exptl_crystal_grow.method_ref      ? 
_exptl_crystal_grow.pH              5.5 
_exptl_crystal_grow.pressure        ? 
_exptl_crystal_grow.pressure_esd    ? 
_exptl_crystal_grow.seeding         ? 
_exptl_crystal_grow.seeding_ref     ? 
_exptl_crystal_grow.temp            298 
_exptl_crystal_grow.temp_details    ? 
_exptl_crystal_grow.temp_esd        ? 
_exptl_crystal_grow.time            ? 
_exptl_crystal_grow.pdbx_details    '2 M ammonium sulfate, 0.1 M Bis-Tris' 
_exptl_crystal_grow.pdbx_pH_range   ? 
# 
_diffrn.ambient_environment              ? 
_diffrn.ambient_temp                     298 
_diffrn.ambient_temp_details             ? 
_diffrn.ambient_temp_esd                 ? 
_diffrn.crystal_id                       1 
_diffrn.crystal_support                  ? 
_diffrn.crystal_treatment                ? 
_diffrn.details                          ? 
_diffrn.id                               1 
_diffrn.ambient_pressure                 ? 
_diffrn.ambient_pressure_esd             ? 
_diffrn.ambient_pressure_gt              ? 
_diffrn.ambient_pressure_lt              ? 
_diffrn.ambient_temp_gt                  ? 
_diffrn.ambient_temp_lt                  ? 
_diffrn.pdbx_serial_crystal_experiment   N 
# 
_diffrn_detector.details                      ? 
_diffrn_detector.detector                     PIXEL 
_diffrn_detector.diffrn_id                    1 
_diffrn_detector.type                         'DECTRIS EIGER X 9M' 
_diffrn_detector.area_resol_mean              ? 
_diffrn_detector.dtime                        ? 
_diffrn_detector.pdbx_frames_total            ? 
_diffrn_detector.pdbx_collection_time_total   ? 
_diffrn_detector.pdbx_collection_date         2017-03-16 
_diffrn_detector.pdbx_frequency               ? 
# 
_diffrn_radiation.collimation                      ? 
_diffrn_radiation.diffrn_id                        1 
_diffrn_radiation.filter_edge                      ? 
_diffrn_radiation.inhomogeneity                    ? 
_diffrn_radiation.monochromator                    ? 
_diffrn_radiation.polarisn_norm                    ? 
_diffrn_radiation.polarisn_ratio                   ? 
_diffrn_radiation.probe                            ? 
_diffrn_radiation.type                             ? 
_diffrn_radiation.xray_symbol                      ? 
_diffrn_radiation.wavelength_id                    1 
_diffrn_radiation.pdbx_monochromatic_or_laue_m_l   M 
_diffrn_radiation.pdbx_wavelength_list             ? 
_diffrn_radiation.pdbx_wavelength                  ? 
_diffrn_radiation.pdbx_diffrn_protocol             'SINGLE WAVELENGTH' 
_diffrn_radiation.pdbx_analyzer                    ? 
_diffrn_radiation.pdbx_scattering_type             x-ray 
# 
_diffrn_radiation_wavelength.id           1 
_diffrn_radiation_wavelength.wavelength   0.97930 
_diffrn_radiation_wavelength.wt           1.0 
# 
_diffrn_source.current                     ? 
_diffrn_source.details                     ? 
_diffrn_source.diffrn_id                   1 
_diffrn_source.power                       ? 
_diffrn_source.size                        ? 
_diffrn_source.source                      SYNCHROTRON 
_diffrn_source.target                      ? 
_diffrn_source.type                        'NSLS-II BEAMLINE 17-ID-1' 
_diffrn_source.voltage                     ? 
_diffrn_source.take-off_angle              ? 
_diffrn_source.pdbx_wavelength_list        0.97930 
_diffrn_source.pdbx_wavelength             ? 
_diffrn_source.pdbx_synchrotron_beamline   17-ID-1 
_diffrn_source.pdbx_synchrotron_site       NSLS-II 
# 
_reflns.B_iso_Wilson_estimate            ? 
_reflns.entry_id                         6B8C 
_reflns.data_reduction_details           ? 
_reflns.data_reduction_method            ? 
_reflns.d_resolution_high                2.4 
_reflns.d_resolution_low                 50 
_reflns.details                          ? 
_reflns.limit_h_max                      ? 
_reflns.limit_h_min                      ? 
_reflns.limit_k_max                      ? 
_reflns.limit_k_min                      ? 
_reflns.limit_l_max                      ? 
_reflns.limit_l_min                      ? 
_reflns.number_all                       ? 
_reflns.number_obs                       8107 
_reflns.observed_criterion               ? 
_reflns.observed_criterion_F_max         ? 
_reflns.observed_criterion_F_min         ? 
_reflns.observed_criterion_I_max         ? 
_reflns.observed_criterion_I_min         ? 
_reflns.observed_criterion_sigma_F       ? 
_reflns.observed_criterion_sigma_I       -3 
_reflns.percent_possible_obs             100 
_reflns.R_free_details                   ? 
_reflns.Rmerge_F_all                     ? 
_reflns.Rmerge_F_obs                     ? 
_reflns.Friedel_coverage                 ? 
_reflns.number_gt                        ? 
_reflns.threshold_expression             ? 
_reflns.pdbx_redundancy                  10.2 
_reflns.pdbx_Rmerge_I_obs                ? 
_reflns.pdbx_Rmerge_I_all                ? 
_reflns.pdbx_Rsym_value                  0.109 
_reflns.pdbx_netI_over_av_sigmaI         ? 
_reflns.pdbx_netI_over_sigmaI            38.5 
_reflns.pdbx_res_netI_over_av_sigmaI_2   ? 
_reflns.pdbx_res_netI_over_sigmaI_2      ? 
_reflns.pdbx_chi_squared                 1.79 
_reflns.pdbx_scaling_rejects             ? 
_reflns.pdbx_d_res_high_opt              ? 
_reflns.pdbx_d_res_low_opt               ? 
_reflns.pdbx_d_res_opt_method            ? 
_reflns.phase_calculation_details        ? 
_reflns.pdbx_Rrim_I_all                  ? 
_reflns.pdbx_Rpim_I_all                  0.035 
_reflns.pdbx_d_opt                       ? 
_reflns.pdbx_number_measured_all         ? 
_reflns.pdbx_diffrn_id                   1 
_reflns.pdbx_ordinal                     1 
_reflns.pdbx_CC_half                     0.997 
_reflns.pdbx_R_split                     ? 
# 
_reflns_shell.d_res_high                  . 
_reflns_shell.d_res_low                   ? 
_reflns_shell.meanI_over_sigI_all         ? 
_reflns_shell.meanI_over_sigI_obs         ? 
_reflns_shell.number_measured_all         ? 
_reflns_shell.number_measured_obs         ? 
_reflns_shell.number_possible             ? 
_reflns_shell.number_unique_all           ? 
_reflns_shell.number_unique_obs           ? 
_reflns_shell.percent_possible_all        ? 
_reflns_shell.percent_possible_obs        ? 
_reflns_shell.Rmerge_F_all                ? 
_reflns_shell.Rmerge_F_obs                ? 
_reflns_shell.Rmerge_I_all                ? 
_reflns_shell.Rmerge_I_obs                ? 
_reflns_shell.meanI_over_sigI_gt          ? 
_reflns_shell.meanI_over_uI_all           ? 
_reflns_shell.meanI_over_uI_gt            ? 
_reflns_shell.number_measured_gt          ? 
_reflns_shell.number_unique_gt            ? 
_reflns_shell.percent_possible_gt         ? 
_reflns_shell.Rmerge_F_gt                 ? 
_reflns_shell.Rmerge_I_gt                 ? 
_reflns_shell.pdbx_redundancy             ? 
_reflns_shell.pdbx_Rsym_value             ? 
_reflns_shell.pdbx_chi_squared            0.55 
_reflns_shell.pdbx_netI_over_sigmaI_all   ? 
_reflns_shell.pdbx_netI_over_sigmaI_obs   ? 
_reflns_shell.pdbx_Rrim_I_all             ? 
_reflns_shell.pdbx_Rpim_I_all             ? 
_reflns_shell.pdbx_rejects                ? 
_reflns_shell.pdbx_ordinal                1 
_reflns_shell.pdbx_diffrn_id              1 
_reflns_shell.pdbx_CC_half                ? 
_reflns_shell.pdbx_R_split                ? 
# 
_refine.aniso_B[1][1]                            ? 
_refine.aniso_B[1][2]                            ? 
_refine.aniso_B[1][3]                            ? 
_refine.aniso_B[2][2]                            ? 
_refine.aniso_B[2][3]                            ? 
_refine.aniso_B[3][3]                            ? 
_refine.B_iso_max                                ? 
_refine.B_iso_mean                               ? 
_refine.B_iso_min                                ? 
_refine.correlation_coeff_Fo_to_Fc               ? 
_refine.correlation_coeff_Fo_to_Fc_free          ? 
_refine.details                                  ? 
_refine.diff_density_max                         ? 
_refine.diff_density_max_esd                     ? 
_refine.diff_density_min                         ? 
_refine.diff_density_min_esd                     ? 
_refine.diff_density_rms                         ? 
_refine.diff_density_rms_esd                     ? 
_refine.entry_id                                 6B8C 
_refine.pdbx_refine_id                           'X-RAY DIFFRACTION' 
_refine.ls_abs_structure_details                 ? 
_refine.ls_abs_structure_Flack                   ? 
_refine.ls_abs_structure_Flack_esd               ? 
_refine.ls_abs_structure_Rogers                  ? 
_refine.ls_abs_structure_Rogers_esd              ? 
_refine.ls_d_res_high                            2.403 
_refine.ls_d_res_low                             44.894 
_refine.ls_extinction_coef                       ? 
_refine.ls_extinction_coef_esd                   ? 
_refine.ls_extinction_expression                 ? 
_refine.ls_extinction_method                     ? 
_refine.ls_goodness_of_fit_all                   ? 
_refine.ls_goodness_of_fit_all_esd               ? 
_refine.ls_goodness_of_fit_obs                   ? 
_refine.ls_goodness_of_fit_obs_esd               ? 
_refine.ls_hydrogen_treatment                    ? 
_refine.ls_matrix_type                           ? 
_refine.ls_number_constraints                    ? 
_refine.ls_number_parameters                     ? 
_refine.ls_number_reflns_all                     ? 
_refine.ls_number_reflns_obs                     7155 
_refine.ls_number_reflns_R_free                  717 
_refine.ls_number_reflns_R_work                  ? 
_refine.ls_number_restraints                     ? 
_refine.ls_percent_reflns_obs                    99.17 
_refine.ls_percent_reflns_R_free                 10.02 
_refine.ls_R_factor_all                          ? 
_refine.ls_R_factor_obs                          0.2426 
_refine.ls_R_factor_R_free                       0.2692 
_refine.ls_R_factor_R_free_error                 ? 
_refine.ls_R_factor_R_free_error_details         ? 
_refine.ls_R_factor_R_work                       0.2395 
_refine.ls_R_Fsqd_factor_obs                     ? 
_refine.ls_R_I_factor_obs                        ? 
_refine.ls_redundancy_reflns_all                 ? 
_refine.ls_redundancy_reflns_obs                 ? 
_refine.ls_restrained_S_all                      ? 
_refine.ls_restrained_S_obs                      ? 
_refine.ls_shift_over_esd_max                    ? 
_refine.ls_shift_over_esd_mean                   ? 
_refine.ls_structure_factor_coef                 ? 
_refine.ls_weighting_details                     ? 
_refine.ls_weighting_scheme                      ? 
_refine.ls_wR_factor_all                         ? 
_refine.ls_wR_factor_obs                         ? 
_refine.ls_wR_factor_R_free                      ? 
_refine.ls_wR_factor_R_work                      ? 
_refine.occupancy_max                            ? 
_refine.occupancy_min                            ? 
_refine.solvent_model_details                    'FLAT BULK SOLVENT MODEL' 
_refine.solvent_model_param_bsol                 ? 
_refine.solvent_model_param_ksol                 ? 
_refine.ls_R_factor_gt                           ? 
_refine.ls_goodness_of_fit_gt                    ? 
_refine.ls_goodness_of_fit_ref                   ? 
_refine.ls_shift_over_su_max                     ? 
_refine.ls_shift_over_su_max_lt                  ? 
_refine.ls_shift_over_su_mean                    ? 
_refine.ls_shift_over_su_mean_lt                 ? 
_refine.pdbx_ls_sigma_I                          ? 
_refine.pdbx_ls_sigma_F                          1.34 
_refine.pdbx_ls_sigma_Fsqd                       ? 
_refine.pdbx_data_cutoff_high_absF               ? 
_refine.pdbx_data_cutoff_high_rms_absF           ? 
_refine.pdbx_data_cutoff_low_absF                ? 
_refine.pdbx_isotropic_thermal_model             ? 
_refine.pdbx_ls_cross_valid_method               'FREE R-VALUE' 
_refine.pdbx_method_to_determine_struct          'MOLECULAR REPLACEMENT' 
_refine.pdbx_starting_model                      4FDY 
_refine.pdbx_stereochemistry_target_values       ML 
_refine.pdbx_R_Free_selection_details            ? 
_refine.pdbx_stereochem_target_val_spec_case     ? 
_refine.pdbx_overall_ESU_R                       ? 
_refine.pdbx_overall_ESU_R_Free                  ? 
_refine.pdbx_solvent_vdw_probe_radii             1.11 
_refine.pdbx_solvent_ion_probe_radii             ? 
_refine.pdbx_solvent_shrinkage_radii             0.90 
_refine.pdbx_real_space_R                        ? 
_refine.pdbx_density_correlation                 ? 
_refine.pdbx_pd_number_of_powder_patterns        ? 
_refine.pdbx_pd_number_of_points                 ? 
_refine.pdbx_pd_meas_number_of_points            ? 
_refine.pdbx_pd_proc_ls_prof_R_factor            ? 
_refine.pdbx_pd_proc_ls_prof_wR_factor           ? 
_refine.pdbx_pd_Marquardt_correlation_coeff      ? 
_refine.pdbx_pd_Fsqrd_R_factor                   ? 
_refine.pdbx_pd_ls_matrix_band_width             ? 
_refine.pdbx_overall_phase_error                 29.38 
_refine.pdbx_overall_SU_R_free_Cruickshank_DPI   ? 
_refine.pdbx_overall_SU_R_free_Blow_DPI          ? 
_refine.pdbx_overall_SU_R_Blow_DPI               ? 
_refine.pdbx_TLS_residual_ADP_flag               ? 
_refine.pdbx_diffrn_id                           1 
_refine.overall_SU_B                             ? 
_refine.overall_SU_ML                            0.46 
_refine.overall_SU_R_Cruickshank_DPI             ? 
_refine.overall_SU_R_free                        ? 
_refine.overall_FOM_free_R_set                   ? 
_refine.overall_FOM_work_R_set                   ? 
_refine.pdbx_average_fsc_overall                 ? 
_refine.pdbx_average_fsc_work                    ? 
_refine.pdbx_average_fsc_free                    ? 
# 
_refine_hist.pdbx_refine_id                   'X-RAY DIFFRACTION' 
_refine_hist.cycle_id                         LAST 
_refine_hist.pdbx_number_atoms_protein        870 
_refine_hist.pdbx_number_atoms_nucleic_acid   0 
_refine_hist.pdbx_number_atoms_ligand         0 
_refine_hist.number_atoms_solvent             8 
_refine_hist.number_atoms_total               878 
_refine_hist.d_res_high                       2.403 
_refine_hist.d_res_low                        44.894 
# 
loop_
_refine_ls_restr.pdbx_refine_id 
_refine_ls_restr.criterion 
_refine_ls_restr.dev_ideal 
_refine_ls_restr.dev_ideal_target 
_refine_ls_restr.number 
_refine_ls_restr.rejects 
_refine_ls_restr.type 
_refine_ls_restr.weight 
_refine_ls_restr.pdbx_restraint_function 
'X-RAY DIFFRACTION' ? 0.003  ? 898  ? f_bond_d           ? ? 
'X-RAY DIFFRACTION' ? 0.640  ? 1225 ? f_angle_d          ? ? 
'X-RAY DIFFRACTION' ? 16.418 ? 496  ? f_dihedral_angle_d ? ? 
'X-RAY DIFFRACTION' ? 0.049  ? 126  ? f_chiral_restr     ? ? 
'X-RAY DIFFRACTION' ? 0.005  ? 158  ? f_plane_restr      ? ? 
# 
loop_
_refine_ls_shell.pdbx_refine_id 
_refine_ls_shell.d_res_high 
_refine_ls_shell.d_res_low 
_refine_ls_shell.number_reflns_all 
_refine_ls_shell.number_reflns_obs 
_refine_ls_shell.number_reflns_R_free 
_refine_ls_shell.number_reflns_R_work 
_refine_ls_shell.percent_reflns_obs 
_refine_ls_shell.percent_reflns_R_free 
_refine_ls_shell.R_factor_all 
_refine_ls_shell.R_factor_obs 
_refine_ls_shell.R_factor_R_free 
_refine_ls_shell.R_factor_R_free_error 
_refine_ls_shell.R_factor_R_work 
_refine_ls_shell.redundancy_reflns_all 
_refine_ls_shell.redundancy_reflns_obs 
_refine_ls_shell.wR_factor_all 
_refine_ls_shell.wR_factor_obs 
_refine_ls_shell.wR_factor_R_free 
_refine_ls_shell.wR_factor_R_work 
_refine_ls_shell.pdbx_total_number_of_bins_used 
_refine_ls_shell.pdbx_phase_error 
_refine_ls_shell.pdbx_fsc_work 
_refine_ls_shell.pdbx_fsc_free 
'X-RAY DIFFRACTION' 2.4031 2.5886  . . 135 1200 96.00  . . . 0.4356 . 0.4447 . . . . . . . . . . 
'X-RAY DIFFRACTION' 2.5886 2.8491  . . 138 1254 100.00 . . . 0.2577 . 0.2887 . . . . . . . . . . 
'X-RAY DIFFRACTION' 2.8491 3.2613  . . 142 1274 100.00 . . . 0.3492 . 0.2783 . . . . . . . . . . 
'X-RAY DIFFRACTION' 3.2613 4.1084  . . 144 1292 100.00 . . . 0.2400 . 0.2198 . . . . . . . . . . 
'X-RAY DIFFRACTION' 4.1084 44.9014 . . 158 1418 100.00 . . . 0.2527 . 0.2171 . . . . . . . . . . 
# 
_struct.entry_id                     6B8C 
_struct.title                        'Crystal structure of NlpC/p60 domain of peptidoglycan hydrolase SagA' 
_struct.pdbx_model_details           ? 
_struct.pdbx_formula_weight          ? 
_struct.pdbx_formula_weight_method   ? 
_struct.pdbx_model_type_details      ? 
_struct.pdbx_CASP_flag               N 
# 
_struct_keywords.entry_id        6B8C 
_struct_keywords.text            'peptidoglycan endopeptidase, HYDROLASE' 
_struct_keywords.pdbx_keywords   HYDROLASE 
# 
loop_
_struct_asym.id 
_struct_asym.pdbx_blank_PDB_chainid_flag 
_struct_asym.pdbx_modified 
_struct_asym.entity_id 
_struct_asym.details 
A N N 1 ? 
B N N 2 ? 
# 
loop_
_struct_conf.conf_type_id 
_struct_conf.id 
_struct_conf.pdbx_PDB_helix_id 
_struct_conf.beg_label_comp_id 
_struct_conf.beg_label_asym_id 
_struct_conf.beg_label_seq_id 
_struct_conf.pdbx_beg_PDB_ins_code 
_struct_conf.end_label_comp_id 
_struct_conf.end_label_asym_id 
_struct_conf.end_label_seq_id 
_struct_conf.pdbx_end_PDB_ins_code 
_struct_conf.beg_auth_comp_id 
_struct_conf.beg_auth_asym_id 
_struct_conf.beg_auth_seq_id 
_struct_conf.end_auth_comp_id 
_struct_conf.end_auth_asym_id 
_struct_conf.end_auth_seq_id 
_struct_conf.pdbx_PDB_helix_class 
_struct_conf.details 
_struct_conf.pdbx_PDB_helix_length 
HELX_P HELX_P1 AA1 ASN A 27 ? LYS A 37 ? ASN A 415 LYS A 425 1 ? 11 
HELX_P HELX_P2 AA2 ASP A 54 ? GLY A 68 ? ASP A 442 GLY A 456 1 ? 15 
HELX_P HELX_P3 AA3 VAL A 76 ? ALA A 81 ? VAL A 464 ALA A 469 5 ? 6  
# 
_struct_conf_type.id          HELX_P 
_struct_conf_type.criteria    ? 
_struct_conf_type.reference   ? 
# 
loop_
_struct_sheet.id 
_struct_sheet.type 
_struct_sheet.number_strands 
_struct_sheet.details 
AA1 ? 2 ? 
AA2 ? 6 ? 
# 
loop_
_struct_sheet_order.sheet_id 
_struct_sheet_order.range_id_1 
_struct_sheet_order.range_id_2 
_struct_sheet_order.offset 
_struct_sheet_order.sense 
AA1 1 2 ? anti-parallel 
AA2 1 2 ? anti-parallel 
AA2 2 3 ? anti-parallel 
AA2 3 4 ? anti-parallel 
AA2 4 5 ? anti-parallel 
AA2 5 6 ? anti-parallel 
# 
loop_
_struct_sheet_range.sheet_id 
_struct_sheet_range.id 
_struct_sheet_range.beg_label_comp_id 
_struct_sheet_range.beg_label_asym_id 
_struct_sheet_range.beg_label_seq_id 
_struct_sheet_range.pdbx_beg_PDB_ins_code 
_struct_sheet_range.end_label_comp_id 
_struct_sheet_range.end_label_asym_id 
_struct_sheet_range.end_label_seq_id 
_struct_sheet_range.pdbx_end_PDB_ins_code 
_struct_sheet_range.beg_auth_comp_id 
_struct_sheet_range.beg_auth_asym_id 
_struct_sheet_range.beg_auth_seq_id 
_struct_sheet_range.end_auth_comp_id 
_struct_sheet_range.end_auth_asym_id 
_struct_sheet_range.end_auth_seq_id 
AA1 1 LYS A 48  ? ASP A 49  ? LYS A 436 ASP A 437 
AA1 2 GLY A 52  ? PHE A 53  ? GLY A 440 PHE A 441 
AA2 1 THR A 83  ? ILE A 85  ? THR A 471 ILE A 473 
AA2 2 PHE A 138 ? SER A 141 ? PHE A 526 SER A 529 
AA2 3 LEU A 95  ? TRP A 98  ? LEU A 483 TRP A 486 
AA2 4 HIS A 106 ? GLY A 112 ? HIS A 494 GLY A 500 
AA2 5 GLN A 115 ? HIS A 118 ? GLN A 503 HIS A 506 
AA2 6 LYS A 127 ? SER A 130 ? LYS A 515 SER A 518 
# 
loop_
_pdbx_struct_sheet_hbond.sheet_id 
_pdbx_struct_sheet_hbond.range_id_1 
_pdbx_struct_sheet_hbond.range_id_2 
_pdbx_struct_sheet_hbond.range_1_label_atom_id 
_pdbx_struct_sheet_hbond.range_1_label_comp_id 
_pdbx_struct_sheet_hbond.range_1_label_asym_id 
_pdbx_struct_sheet_hbond.range_1_label_seq_id 
_pdbx_struct_sheet_hbond.range_1_PDB_ins_code 
_pdbx_struct_sheet_hbond.range_1_auth_atom_id 
_pdbx_struct_sheet_hbond.range_1_auth_comp_id 
_pdbx_struct_sheet_hbond.range_1_auth_asym_id 
_pdbx_struct_sheet_hbond.range_1_auth_seq_id 
_pdbx_struct_sheet_hbond.range_2_label_atom_id 
_pdbx_struct_sheet_hbond.range_2_label_comp_id 
_pdbx_struct_sheet_hbond.range_2_label_asym_id 
_pdbx_struct_sheet_hbond.range_2_label_seq_id 
_pdbx_struct_sheet_hbond.range_2_PDB_ins_code 
_pdbx_struct_sheet_hbond.range_2_auth_atom_id 
_pdbx_struct_sheet_hbond.range_2_auth_comp_id 
_pdbx_struct_sheet_hbond.range_2_auth_asym_id 
_pdbx_struct_sheet_hbond.range_2_auth_seq_id 
AA1 1 2 N ASP A 49  ? N ASP A 437 O GLY A 52  ? O GLY A 440 
AA2 1 2 N THR A 83  ? N THR A 471 O SER A 141 ? O SER A 529 
AA2 2 3 O PHE A 138 ? O PHE A 526 N PHE A 97  ? N PHE A 485 
AA2 3 4 N LEU A 96  ? N LEU A 484 O ALA A 108 ? O ALA A 496 
AA2 4 5 N LEU A 111 ? N LEU A 499 O GLN A 115 ? O GLN A 503 
AA2 5 6 N HIS A 118 ? N HIS A 506 O LYS A 127 ? O LYS A 515 
# 
_atom_sites.entry_id                    6B8C 
_atom_sites.fract_transf_matrix[1][1]   0.00956154 
_atom_sites.fract_transf_matrix[1][2]   -0.00137370 
_atom_sites.fract_transf_matrix[1][3]   -0.00243543 
_atom_sites.fract_transf_matrix[2][1]   -0.00037518 
_atom_sites.fract_transf_matrix[2][2]   -0.00922872 
_atom_sites.fract_transf_matrix[2][3]   0.00373249 
_atom_sites.fract_transf_matrix[3][1]   -0.00277085 
_atom_sites.fract_transf_matrix[3][2]   -0.00349073 
_atom_sites.fract_transf_matrix[3][3]   -0.00890947 
_atom_sites.fract_transf_vector[1]      1.087748 
_atom_sites.fract_transf_vector[2]      0.789482 
_atom_sites.fract_transf_vector[3]      1.399232 
# 
loop_
_atom_type.symbol 
C 
N 
O 
S 
# 
loop_
_atom_site.group_PDB 
_atom_site.id 
_atom_site.type_symbol 
_atom_site.label_atom_id 
_atom_site.label_alt_id 
_atom_site.label_comp_id 
_atom_site.label_asym_id 
_atom_site.label_entity_id 
_atom_site.label_seq_id 
_atom_site.pdbx_PDB_ins_code 
_atom_site.Cartn_x 
_atom_site.Cartn_y 
_atom_site.Cartn_z 
_atom_site.occupancy 
_atom_site.B_iso_or_equiv 
_atom_site.pdbx_formal_charge 
_atom_site.auth_seq_id 
_atom_site.auth_comp_id 
_atom_site.auth_asym_id 
_atom_site.auth_atom_id 
_atom_site.pdbx_PDB_model_num 
ATOM   1   N N   . VAL A 1 26  ? 17.767  -0.509  1.772   1.00 103.34 ? 414 VAL A N   1 
ATOM   2   C CA  . VAL A 1 26  ? 16.504  0.203   1.914   1.00 99.44  ? 414 VAL A CA  1 
ATOM   3   C C   . VAL A 1 26  ? 15.993  0.676   0.560   1.00 98.32  ? 414 VAL A C   1 
ATOM   4   O O   . VAL A 1 26  ? 15.588  1.826   0.404   1.00 98.97  ? 414 VAL A O   1 
ATOM   5   C CB  . VAL A 1 26  ? 16.639  1.386   2.881   1.00 101.10 ? 414 VAL A CB  1 
ATOM   6   C CG1 . VAL A 1 26  ? 16.532  0.904   4.318   1.00 100.10 ? 414 VAL A CG1 1 
ATOM   7   C CG2 . VAL A 1 26  ? 17.959  2.108   2.649   1.00 105.60 ? 414 VAL A CG2 1 
ATOM   8   N N   . ASN A 1 27  ? 16.028  -0.217  -0.421  1.00 95.81  ? 415 ASN A N   1 
ATOM   9   C CA  . ASN A 1 27  ? 15.443  0.047   -1.724  1.00 94.48  ? 415 ASN A CA  1 
ATOM   10  C C   . ASN A 1 27  ? 14.036  -0.542  -1.793  1.00 89.31  ? 415 ASN A C   1 
ATOM   11  O O   . ASN A 1 27  ? 13.607  -1.297  -0.916  1.00 87.95  ? 415 ASN A O   1 
ATOM   12  C CB  . ASN A 1 27  ? 16.335  -0.519  -2.829  1.00 96.26  ? 415 ASN A CB  1 
ATOM   13  C CG  . ASN A 1 27  ? 16.952  -1.853  -2.453  1.00 95.46  ? 415 ASN A CG  1 
ATOM   14  O OD1 . ASN A 1 27  ? 16.356  -2.640  -1.712  1.00 91.82  ? 415 ASN A OD1 1 
ATOM   15  N ND2 . ASN A 1 27  ? 18.154  -2.113  -2.954  1.00 98.60  ? 415 ASN A ND2 1 
ATOM   16  N N   . GLY A 1 28  ? 13.305  -0.170  -2.848  1.00 91.10  ? 416 GLY A N   1 
ATOM   17  C CA  . GLY A 1 28  ? 11.936  -0.640  -3.001  1.00 85.29  ? 416 GLY A CA  1 
ATOM   18  C C   . GLY A 1 28  ? 11.822  -2.150  -3.049  1.00 82.09  ? 416 GLY A C   1 
ATOM   19  O O   . GLY A 1 28  ? 10.774  -2.713  -2.700  1.00 79.64  ? 416 GLY A O   1 
ATOM   20  N N   . ALA A 1 29  ? 12.886  -2.828  -3.486  1.00 82.04  ? 417 ALA A N   1 
ATOM   21  C CA  . ALA A 1 29  ? 12.910  -4.286  -3.447  1.00 81.96  ? 417 ALA A CA  1 
ATOM   22  C C   . ALA A 1 29  ? 12.690  -4.801  -2.030  1.00 76.95  ? 417 ALA A C   1 
ATOM   23  O O   . ALA A 1 29  ? 12.017  -5.818  -1.830  1.00 74.44  ? 417 ALA A O   1 
ATOM   24  C CB  . ALA A 1 29  ? 14.235  -4.802  -4.011  1.00 87.86  ? 417 ALA A CB  1 
ATOM   25  N N   . ALA A 1 30  ? 13.232  -4.099  -1.031  1.00 81.72  ? 418 ALA A N   1 
ATOM   26  C CA  . ALA A 1 30  ? 13.055  -4.529  0.353   1.00 77.72  ? 418 ALA A CA  1 
ATOM   27  C C   . ALA A 1 30  ? 11.613  -4.339  0.809   1.00 75.20  ? 418 ALA A C   1 
ATOM   28  O O   . ALA A 1 30  ? 11.064  -5.190  1.522   1.00 76.06  ? 418 ALA A O   1 
ATOM   29  C CB  . ALA A 1 30  ? 14.016  -3.772  1.269   1.00 78.95  ? 418 ALA A CB  1 
ATOM   30  N N   . ILE A 1 31  ? 10.984  -3.232  0.406   1.00 76.27  ? 419 ILE A N   1 
ATOM   31  C CA  . ILE A 1 31  ? 9.571   -3.027  0.708   1.00 73.03  ? 419 ILE A CA  1 
ATOM   32  C C   . ILE A 1 31  ? 8.733   -4.147  0.104   1.00 69.65  ? 419 ILE A C   1 
ATOM   33  O O   . ILE A 1 31  ? 7.830   -4.688  0.754   1.00 67.20  ? 419 ILE A O   1 
ATOM   34  C CB  . ILE A 1 31  ? 9.112   -1.644  0.205   1.00 74.28  ? 419 ILE A CB  1 
ATOM   35  C CG1 . ILE A 1 31  ? 9.885   -0.524  0.908   1.00 75.81  ? 419 ILE A CG1 1 
ATOM   36  C CG2 . ILE A 1 31  ? 7.607   -1.474  0.395   1.00 72.64  ? 419 ILE A CG2 1 
ATOM   37  C CD1 . ILE A 1 31  ? 9.432   -0.256  2.326   1.00 74.30  ? 419 ILE A CD1 1 
ATOM   38  N N   . VAL A 1 32  ? 9.024   -4.513  -1.147  1.00 73.30  ? 420 VAL A N   1 
ATOM   39  C CA  . VAL A 1 32  ? 8.275   -5.580  -1.809  1.00 70.39  ? 420 VAL A CA  1 
ATOM   40  C C   . VAL A 1 32  ? 8.483   -6.910  -1.093  1.00 68.63  ? 420 VAL A C   1 
ATOM   41  O O   . VAL A 1 32  ? 7.533   -7.678  -0.878  1.00 65.70  ? 420 VAL A O   1 
ATOM   42  C CB  . VAL A 1 32  ? 8.684   -5.664  -3.290  1.00 72.34  ? 420 VAL A CB  1 
ATOM   43  C CG1 . VAL A 1 32  ? 8.054   -6.880  -3.951  1.00 72.00  ? 420 VAL A CG1 1 
ATOM   44  C CG2 . VAL A 1 32  ? 8.291   -4.388  -4.016  1.00 73.07  ? 420 VAL A CG2 1 
ATOM   45  N N   . ALA A 1 33  ? 9.729   -7.203  -0.715  1.00 66.92  ? 421 ALA A N   1 
ATOM   46  C CA  . ALA A 1 33  ? 10.023  -8.465  -0.048  1.00 67.50  ? 421 ALA A CA  1 
ATOM   47  C C   . ALA A 1 33  ? 9.328   -8.549  1.305   1.00 66.40  ? 421 ALA A C   1 
ATOM   48  O O   . ALA A 1 33  ? 8.855   -9.620  1.703   1.00 64.70  ? 421 ALA A O   1 
ATOM   49  C CB  . ALA A 1 33  ? 11.534  -8.634  0.108   1.00 70.76  ? 421 ALA A CB  1 
ATOM   50  N N   . GLU A 1 34  ? 9.252   -7.428  2.026   1.00 67.00  ? 422 GLU A N   1 
ATOM   51  C CA  . GLU A 1 34  ? 8.539   -7.423  3.300   1.00 66.06  ? 422 GLU A CA  1 
ATOM   52  C C   . GLU A 1 34  ? 7.035   -7.567  3.090   1.00 62.71  ? 422 GLU A C   1 
ATOM   53  O O   . GLU A 1 34  ? 6.361   -8.268  3.853   1.00 60.63  ? 422 GLU A O   1 
ATOM   54  C CB  . GLU A 1 34  ? 8.850   -6.143  4.074   1.00 68.53  ? 422 GLU A CB  1 
ATOM   55  C CG  . GLU A 1 34  ? 8.156   -6.030  5.431   1.00 68.76  ? 422 GLU A CG  1 
ATOM   56  C CD  . GLU A 1 34  ? 8.762   -6.941  6.493   1.00 70.94  ? 422 GLU A CD  1 
ATOM   57  O OE1 . GLU A 1 34  ? 8.069   -7.243  7.489   1.00 71.60  ? 422 GLU A OE1 1 
ATOM   58  O OE2 . GLU A 1 34  ? 9.930   -7.353  6.336   1.00 73.32  ? 422 GLU A OE2 1 
ATOM   59  N N   . ALA A 1 35  ? 6.492   -6.909  2.062   1.00 64.59  ? 423 ALA A N   1 
ATOM   60  C CA  . ALA A 1 35  ? 5.058   -6.995  1.810   1.00 62.22  ? 423 ALA A CA  1 
ATOM   61  C C   . ALA A 1 35  ? 4.643   -8.413  1.442   1.00 60.71  ? 423 ALA A C   1 
ATOM   62  O O   . ALA A 1 35  ? 3.551   -8.863  1.808   1.00 58.48  ? 423 ALA A O   1 
ATOM   63  C CB  . ALA A 1 35  ? 4.658   -6.014  0.707   1.00 63.07  ? 423 ALA A CB  1 
ATOM   64  N N   . TYR A 1 36  ? 5.505   -9.135  0.719   1.00 60.63  ? 424 TYR A N   1 
ATOM   65  C CA  . TYR A 1 36  ? 5.165   -10.502 0.331   1.00 60.23  ? 424 TYR A CA  1 
ATOM   66  C C   . TYR A 1 36  ? 5.005   -11.434 1.530   1.00 58.75  ? 424 TYR A C   1 
ATOM   67  O O   . TYR A 1 36  ? 4.327   -12.462 1.412   1.00 56.87  ? 424 TYR A O   1 
ATOM   68  C CB  . TYR A 1 36  ? 6.216   -11.059 -0.630  1.00 63.38  ? 424 TYR A CB  1 
ATOM   69  C CG  . TYR A 1 36  ? 5.824   -10.929 -2.086  1.00 64.85  ? 424 TYR A CG  1 
ATOM   70  C CD1 . TYR A 1 36  ? 5.920   -9.710  -2.746  1.00 66.65  ? 424 TYR A CD1 1 
ATOM   71  C CD2 . TYR A 1 36  ? 5.356   -12.024 -2.799  1.00 64.63  ? 424 TYR A CD2 1 
ATOM   72  C CE1 . TYR A 1 36  ? 5.559   -9.585  -4.075  1.00 67.40  ? 424 TYR A CE1 1 
ATOM   73  C CE2 . TYR A 1 36  ? 4.991   -11.909 -4.130  1.00 65.90  ? 424 TYR A CE2 1 
ATOM   74  C CZ  . TYR A 1 36  ? 5.096   -10.687 -4.762  1.00 67.57  ? 424 TYR A CZ  1 
ATOM   75  O OH  . TYR A 1 36  ? 4.737   -10.566 -6.085  1.00 69.45  ? 424 TYR A OH  1 
ATOM   76  N N   . LYS A 1 37  ? 5.588   -11.091 2.682   1.00 60.14  ? 425 LYS A N   1 
ATOM   77  C CA  . LYS A 1 37  ? 5.504   -11.961 3.851   1.00 59.68  ? 425 LYS A CA  1 
ATOM   78  C C   . LYS A 1 37  ? 4.083   -12.112 4.379   1.00 57.66  ? 425 LYS A C   1 
ATOM   79  O O   . LYS A 1 37  ? 3.808   -13.064 5.119   1.00 56.97  ? 425 LYS A O   1 
ATOM   80  C CB  . LYS A 1 37  ? 6.391   -11.430 4.979   1.00 61.31  ? 425 LYS A CB  1 
ATOM   81  C CG  . LYS A 1 37  ? 7.866   -11.318 4.634   1.00 63.60  ? 425 LYS A CG  1 
ATOM   82  C CD  . LYS A 1 37  ? 8.628   -10.669 5.777   1.00 64.90  ? 425 LYS A CD  1 
ATOM   83  C CE  . LYS A 1 37  ? 10.118  -10.618 5.496   1.00 68.37  ? 425 LYS A CE  1 
ATOM   84  N NZ  . LYS A 1 37  ? 10.866  -10.001 6.628   1.00 71.27  ? 425 LYS A NZ  1 
ATOM   85  N N   . TYR A 1 38  ? 3.175   -11.204 4.036   1.00 57.41  ? 426 TYR A N   1 
ATOM   86  C CA  . TYR A 1 38  ? 1.859   -11.179 4.657   1.00 55.71  ? 426 TYR A CA  1 
ATOM   87  C C   . TYR A 1 38  ? 0.742   -11.543 3.689   1.00 53.47  ? 426 TYR A C   1 
ATOM   88  O O   . TYR A 1 38  ? -0.433  -11.328 4.004   1.00 53.16  ? 426 TYR A O   1 
ATOM   89  C CB  . TYR A 1 38  ? 1.620   -9.808  5.291   1.00 56.86  ? 426 TYR A CB  1 
ATOM   90  C CG  . TYR A 1 38  ? 2.764   -9.428  6.200   1.00 59.74  ? 426 TYR A CG  1 
ATOM   91  C CD1 . TYR A 1 38  ? 2.871   -9.971  7.474   1.00 61.37  ? 426 TYR A CD1 1 
ATOM   92  C CD2 . TYR A 1 38  ? 3.762   -8.569  5.768   1.00 61.14  ? 426 TYR A CD2 1 
ATOM   93  C CE1 . TYR A 1 38  ? 3.928   -9.649  8.299   1.00 62.15  ? 426 TYR A CE1 1 
ATOM   94  C CE2 . TYR A 1 38  ? 4.822   -8.242  6.583   1.00 63.19  ? 426 TYR A CE2 1 
ATOM   95  C CZ  . TYR A 1 38  ? 4.901   -8.783  7.849   1.00 63.81  ? 426 TYR A CZ  1 
ATOM   96  O OH  . TYR A 1 38  ? 5.960   -8.453  8.665   1.00 66.87  ? 426 TYR A OH  1 
ATOM   97  N N   . ILE A 1 39  ? 1.082   -12.108 2.528   1.00 53.57  ? 427 ILE A N   1 
ATOM   98  C CA  . ILE A 1 39  ? 0.071   -12.625 1.616   1.00 52.25  ? 427 ILE A CA  1 
ATOM   99  C C   . ILE A 1 39  ? -0.783  -13.652 2.343   1.00 51.32  ? 427 ILE A C   1 
ATOM   100 O O   . ILE A 1 39  ? -0.267  -14.517 3.063   1.00 51.39  ? 427 ILE A O   1 
ATOM   101 C CB  . ILE A 1 39  ? 0.744   -13.215 0.367   1.00 52.43  ? 427 ILE A CB  1 
ATOM   102 C CG1 . ILE A 1 39  ? 1.332   -12.085 -0.480  1.00 52.46  ? 427 ILE A CG1 1 
ATOM   103 C CG2 . ILE A 1 39  ? -0.232  -14.060 -0.444  1.00 51.65  ? 427 ILE A CG2 1 
ATOM   104 C CD1 . ILE A 1 39  ? 2.174   -12.560 -1.622  1.00 53.60  ? 427 ILE A CD1 1 
ATOM   105 N N   . GLY A 1 40  ? -2.099  -13.538 2.190   1.00 49.98  ? 428 GLY A N   1 
ATOM   106 C CA  . GLY A 1 40  ? -3.019  -14.417 2.875   1.00 49.63  ? 428 GLY A CA  1 
ATOM   107 C C   . GLY A 1 40  ? -3.426  -13.966 4.261   1.00 50.48  ? 428 GLY A C   1 
ATOM   108 O O   . GLY A 1 40  ? -4.218  -14.660 4.908   1.00 51.36  ? 428 GLY A O   1 
ATOM   109 N N   . THR A 1 41  ? -2.906  -12.849 4.743   1.00 50.55  ? 429 THR A N   1 
ATOM   110 C CA  . THR A 1 41  ? -3.366  -12.292 6.006   1.00 50.83  ? 429 THR A CA  1 
ATOM   111 C C   . THR A 1 41  ? -4.800  -11.812 5.835   1.00 50.35  ? 429 THR A C   1 
ATOM   112 O O   . THR A 1 41  ? -5.077  -11.054 4.899   1.00 50.09  ? 429 THR A O   1 
ATOM   113 C CB  . THR A 1 41  ? -2.459  -11.147 6.446   1.00 51.96  ? 429 THR A CB  1 
ATOM   114 O OG1 . THR A 1 41  ? -1.113  -11.622 6.563   1.00 52.43  ? 429 THR A OG1 1 
ATOM   115 C CG2 . THR A 1 41  ? -2.909  -10.577 7.781   1.00 51.99  ? 429 THR A CG2 1 
ATOM   116 N N   . PRO A 1 42  ? -5.740  -12.245 6.672   1.00 52.10  ? 430 PRO A N   1 
ATOM   117 C CA  . PRO A 1 42  ? -7.138  -11.841 6.482   1.00 51.81  ? 430 PRO A CA  1 
ATOM   118 C C   . PRO A 1 42  ? -7.352  -10.355 6.733   1.00 52.59  ? 430 PRO A C   1 
ATOM   119 O O   . PRO A 1 42  ? -6.586  -9.687  7.432   1.00 52.42  ? 430 PRO A O   1 
ATOM   120 C CB  . PRO A 1 42  ? -7.901  -12.693 7.503   1.00 51.17  ? 430 PRO A CB  1 
ATOM   121 C CG  . PRO A 1 42  ? -6.879  -13.111 8.503   1.00 51.86  ? 430 PRO A CG  1 
ATOM   122 C CD  . PRO A 1 42  ? -5.584  -13.221 7.764   1.00 52.40  ? 430 PRO A CD  1 
ATOM   123 N N   . TYR A 1 43  ? -8.424  -9.842  6.137   1.00 52.31  ? 431 TYR A N   1 
ATOM   124 C CA  . TYR A 1 43  ? -8.795  -8.447  6.300   1.00 54.09  ? 431 TYR A CA  1 
ATOM   125 C C   . TYR A 1 43  ? -9.474  -8.247  7.646   1.00 55.54  ? 431 TYR A C   1 
ATOM   126 O O   . TYR A 1 43  ? -10.356 -9.022  8.028   1.00 57.03  ? 431 TYR A O   1 
ATOM   127 C CB  . TYR A 1 43  ? -9.731  -8.004  5.176   1.00 54.81  ? 431 TYR A CB  1 
ATOM   128 C CG  . TYR A 1 43  ? -9.849  -6.504  5.026   1.00 56.77  ? 431 TYR A CG  1 
ATOM   129 C CD1 . TYR A 1 43  ? -10.705 -5.766  5.839   1.00 58.02  ? 431 TYR A CD1 1 
ATOM   130 C CD2 . TYR A 1 43  ? -9.110  -5.828  4.067   1.00 57.03  ? 431 TYR A CD2 1 
ATOM   131 C CE1 . TYR A 1 43  ? -10.817 -4.396  5.698   1.00 59.20  ? 431 TYR A CE1 1 
ATOM   132 C CE2 . TYR A 1 43  ? -9.213  -4.464  3.917   1.00 58.71  ? 431 TYR A CE2 1 
ATOM   133 C CZ  . TYR A 1 43  ? -10.066 -3.748  4.735   1.00 60.25  ? 431 TYR A CZ  1 
ATOM   134 O OH  . TYR A 1 43  ? -10.163 -2.382  4.584   1.00 62.86  ? 431 TYR A OH  1 
ATOM   135 N N   . VAL A 1 44  ? -9.060  -7.209  8.361   1.00 54.52  ? 432 VAL A N   1 
ATOM   136 C CA  . VAL A 1 44  ? -9.712  -6.793  9.594   1.00 56.82  ? 432 VAL A CA  1 
ATOM   137 C C   . VAL A 1 44  ? -9.803  -5.277  9.574   1.00 58.79  ? 432 VAL A C   1 
ATOM   138 O O   . VAL A 1 44  ? -8.783  -4.593  9.423   1.00 58.98  ? 432 VAL A O   1 
ATOM   139 C CB  . VAL A 1 44  ? -8.957  -7.275  10.851  1.00 57.56  ? 432 VAL A CB  1 
ATOM   140 C CG1 . VAL A 1 44  ? -9.600  -6.698  12.098  1.00 58.88  ? 432 VAL A CG1 1 
ATOM   141 C CG2 . VAL A 1 44  ? -8.929  -8.800  10.922  1.00 56.10  ? 432 VAL A CG2 1 
ATOM   142 N N   . TRP A 1 45  ? -11.016 -4.750  9.714   1.00 55.85  ? 433 TRP A N   1 
ATOM   143 C CA  . TRP A 1 45  ? -11.191 -3.305  9.717   1.00 59.59  ? 433 TRP A CA  1 
ATOM   144 C C   . TRP A 1 45  ? -10.365 -2.679  10.833  1.00 59.96  ? 433 TRP A C   1 
ATOM   145 O O   . TRP A 1 45  ? -10.479 -3.067  12.000  1.00 60.20  ? 433 TRP A O   1 
ATOM   146 C CB  . TRP A 1 45  ? -12.663 -2.943  9.885   1.00 63.30  ? 433 TRP A CB  1 
ATOM   147 C CG  . TRP A 1 45  ? -12.901 -1.488  9.688   1.00 67.91  ? 433 TRP A CG  1 
ATOM   148 C CD1 . TRP A 1 45  ? -13.082 -0.544  10.658  1.00 70.83  ? 433 TRP A CD1 1 
ATOM   149 C CD2 . TRP A 1 45  ? -12.955 -0.797  8.438   1.00 69.47  ? 433 TRP A CD2 1 
ATOM   150 N NE1 . TRP A 1 45  ? -13.260 0.693   10.085  1.00 72.83  ? 433 TRP A NE1 1 
ATOM   151 C CE2 . TRP A 1 45  ? -13.186 0.564   8.722   1.00 71.54  ? 433 TRP A CE2 1 
ATOM   152 C CE3 . TRP A 1 45  ? -12.841 -1.198  7.103   1.00 69.30  ? 433 TRP A CE3 1 
ATOM   153 C CZ2 . TRP A 1 45  ? -13.301 1.525   7.721   1.00 72.91  ? 433 TRP A CZ2 1 
ATOM   154 C CZ3 . TRP A 1 45  ? -12.956 -0.243  6.110   1.00 71.30  ? 433 TRP A CZ3 1 
ATOM   155 C CH2 . TRP A 1 45  ? -13.184 1.103   6.424   1.00 72.40  ? 433 TRP A CH2 1 
ATOM   156 N N   . GLY A 1 46  ? -9.519  -1.718  10.467  1.00 61.72  ? 434 GLY A N   1 
ATOM   157 C CA  . GLY A 1 46  ? -8.619  -1.095  11.414  1.00 63.06  ? 434 GLY A CA  1 
ATOM   158 C C   . GLY A 1 46  ? -7.444  -1.941  11.859  1.00 61.90  ? 434 GLY A C   1 
ATOM   159 O O   . GLY A 1 46  ? -6.676  -1.490  12.715  1.00 62.01  ? 434 GLY A O   1 
ATOM   160 N N   . GLY A 1 47  ? -7.276  -3.144  11.316  1.00 59.37  ? 435 GLY A N   1 
ATOM   161 C CA  . GLY A 1 47  ? -6.183  -4.002  11.746  1.00 60.02  ? 435 GLY A CA  1 
ATOM   162 C C   . GLY A 1 47  ? -4.832  -3.438  11.338  1.00 62.46  ? 435 GLY A C   1 
ATOM   163 O O   . GLY A 1 47  ? -4.649  -2.944  10.224  1.00 61.76  ? 435 GLY A O   1 
ATOM   164 N N   . LYS A 1 48  ? -3.867  -3.522  12.262  1.00 62.60  ? 436 LYS A N   1 
ATOM   165 C CA  . LYS A 1 48  ? -2.558  -2.914  12.064  1.00 65.56  ? 436 LYS A CA  1 
ATOM   166 C C   . LYS A 1 48  ? -1.392  -3.881  12.264  1.00 65.59  ? 436 LYS A C   1 
ATOM   167 O O   . LYS A 1 48  ? -0.241  -3.429  12.345  1.00 66.91  ? 436 LYS A O   1 
ATOM   168 C CB  . LYS A 1 48  ? -2.391  -1.714  13.001  1.00 68.94  ? 436 LYS A CB  1 
ATOM   169 C CG  . LYS A 1 48  ? -3.322  -0.540  12.719  1.00 70.80  ? 436 LYS A CG  1 
ATOM   170 C CD  . LYS A 1 48  ? -3.051  0.600   13.691  1.00 75.38  ? 436 LYS A CD  1 
ATOM   171 C CE  . LYS A 1 48  ? -3.545  1.940   13.164  1.00 78.36  ? 436 LYS A CE  1 
ATOM   172 N NZ  . LYS A 1 48  ? -3.050  3.081   13.994  1.00 83.12  ? 436 LYS A NZ  1 
ATOM   173 N N   . ASP A 1 49  ? -1.643  -5.184  12.347  1.00 63.91  ? 437 ASP A N   1 
ATOM   174 C CA  . ASP A 1 49  ? -0.591  -6.154  12.621  1.00 65.53  ? 437 ASP A CA  1 
ATOM   175 C C   . ASP A 1 49  ? -0.916  -7.446  11.885  1.00 61.80  ? 437 ASP A C   1 
ATOM   176 O O   . ASP A 1 49  ? -2.007  -7.589  11.319  1.00 59.24  ? 437 ASP A O   1 
ATOM   177 C CB  . ASP A 1 49  ? -0.439  -6.381  14.132  1.00 70.83  ? 437 ASP A CB  1 
ATOM   178 C CG  . ASP A 1 49  ? -1.711  -6.867  14.784  1.00 75.74  ? 437 ASP A CG  1 
ATOM   179 O OD1 . ASP A 1 49  ? -2.125  -8.011  14.504  1.00 75.19  ? 437 ASP A OD1 1 
ATOM   180 O OD2 . ASP A 1 49  ? -2.288  -6.103  15.592  1.00 79.77  ? 437 ASP A OD2 1 
ATOM   181 N N   . PRO A 1 50  ? 0.026   -8.405  11.848  1.00 65.06  ? 438 PRO A N   1 
ATOM   182 C CA  . PRO A 1 50  ? -0.182  -9.613  11.021  1.00 62.51  ? 438 PRO A CA  1 
ATOM   183 C C   . PRO A 1 50  ? -1.361  -10.495 11.426  1.00 59.52  ? 438 PRO A C   1 
ATOM   184 O O   . PRO A 1 50  ? -1.653  -11.454 10.701  1.00 57.95  ? 438 PRO A O   1 
ATOM   185 C CB  . PRO A 1 50  ? 1.141   -10.375 11.174  1.00 63.79  ? 438 PRO A CB  1 
ATOM   186 C CG  . PRO A 1 50  ? 2.141   -9.316  11.439  1.00 66.37  ? 438 PRO A CG  1 
ATOM   187 C CD  . PRO A 1 50  ? 1.429   -8.305  12.295  1.00 67.02  ? 438 PRO A CD  1 
ATOM   188 N N   . SER A 1 51  ? -2.044  -10.229 12.541  1.00 63.43  ? 439 SER A N   1 
ATOM   189 C CA  . SER A 1 51  ? -3.266  -10.977 12.819  1.00 62.04  ? 439 SER A CA  1 
ATOM   190 C C   . SER A 1 51  ? -4.441  -10.495 11.978  1.00 60.20  ? 439 SER A C   1 
ATOM   191 O O   . SER A 1 51  ? -5.462  -11.187 11.906  1.00 60.80  ? 439 SER A O   1 
ATOM   192 C CB  . SER A 1 51  ? -3.626  -10.893 14.305  1.00 64.75  ? 439 SER A CB  1 
ATOM   193 O OG  . SER A 1 51  ? -4.271  -9.670  14.612  1.00 67.45  ? 439 SER A OG  1 
ATOM   194 N N   . GLY A 1 52  ? -4.321  -9.328  11.354  1.00 59.88  ? 440 GLY A N   1 
ATOM   195 C CA  . GLY A 1 52  ? -5.342  -8.811  10.471  1.00 57.89  ? 440 GLY A CA  1 
ATOM   196 C C   . GLY A 1 52  ? -5.008  -7.399  10.046  1.00 57.47  ? 440 GLY A C   1 
ATOM   197 O O   . GLY A 1 52  ? -4.611  -6.575  10.872  1.00 58.48  ? 440 GLY A O   1 
ATOM   198 N N   . PHE A 1 53  ? -5.159  -7.111  8.758   1.00 58.93  ? 441 PHE A N   1 
ATOM   199 C CA  . PHE A 1 53  ? -4.837  -5.815  8.188   1.00 58.26  ? 441 PHE A CA  1 
ATOM   200 C C   . PHE A 1 53  ? -6.050  -5.241  7.475   1.00 58.71  ? 441 PHE A C   1 
ATOM   201 O O   . PHE A 1 53  ? -6.853  -5.973  6.889   1.00 57.14  ? 441 PHE A O   1 
ATOM   202 C CB  . PHE A 1 53  ? -3.699  -5.902  7.161   1.00 56.44  ? 441 PHE A CB  1 
ATOM   203 C CG  . PHE A 1 53  ? -2.344  -6.122  7.750   1.00 55.80  ? 441 PHE A CG  1 
ATOM   204 C CD1 . PHE A 1 53  ? -1.784  -5.194  8.609   1.00 57.31  ? 441 PHE A CD1 1 
ATOM   205 C CD2 . PHE A 1 53  ? -1.604  -7.236  7.397   1.00 55.28  ? 441 PHE A CD2 1 
ATOM   206 C CE1 . PHE A 1 53  ? -0.522  -5.391  9.131   1.00 57.94  ? 441 PHE A CE1 1 
ATOM   207 C CE2 . PHE A 1 53  ? -0.341  -7.439  7.917   1.00 56.22  ? 441 PHE A CE2 1 
ATOM   208 C CZ  . PHE A 1 53  ? 0.200   -6.514  8.786   1.00 56.96  ? 441 PHE A CZ  1 
ATOM   209 N N   . ASP A 1 54  ? -6.168  -3.922  7.511   1.00 56.83  ? 442 ASP A N   1 
ATOM   210 C CA  . ASP A 1 54  ? -6.916  -3.213  6.490   1.00 57.84  ? 442 ASP A CA  1 
ATOM   211 C C   . ASP A 1 54  ? -5.905  -2.593  5.528   1.00 58.12  ? 442 ASP A C   1 
ATOM   212 O O   . ASP A 1 54  ? -4.694  -2.776  5.676   1.00 57.96  ? 442 ASP A O   1 
ATOM   213 C CB  . ASP A 1 54  ? -7.866  -2.182  7.108   1.00 60.66  ? 442 ASP A CB  1 
ATOM   214 C CG  . ASP A 1 54  ? -7.145  -1.090  7.885   1.00 64.88  ? 442 ASP A CG  1 
ATOM   215 O OD1 . ASP A 1 54  ? -5.895  -1.070  7.917   1.00 66.28  ? 442 ASP A OD1 1 
ATOM   216 O OD2 . ASP A 1 54  ? -7.846  -0.240  8.470   1.00 67.99  ? 442 ASP A OD2 1 
ATOM   217 N N   . CYS A 1 55  ? -6.403  -1.847  4.538   1.00 60.13  ? 443 CYS A N   1 
ATOM   218 C CA  . CYS A 1 55  ? -5.524  -1.372  3.471   1.00 60.24  ? 443 CYS A CA  1 
ATOM   219 C C   . CYS A 1 55  ? -4.388  -0.517  4.026   1.00 61.11  ? 443 CYS A C   1 
ATOM   220 O O   . CYS A 1 55  ? -3.217  -0.745  3.706   1.00 61.20  ? 443 CYS A O   1 
ATOM   221 C CB  . CYS A 1 55  ? -6.325  -0.608  2.409   1.00 60.50  ? 443 CYS A CB  1 
ATOM   222 S SG  . CYS A 1 55  ? -7.240  0.856   2.964   1.00 62.58  ? 443 CYS A SG  1 
ATOM   223 N N   . SER A 1 56  ? -4.710  0.450   4.888   1.00 63.51  ? 444 SER A N   1 
ATOM   224 C CA  . SER A 1 56  ? -3.689  1.370   5.384   1.00 65.41  ? 444 SER A CA  1 
ATOM   225 C C   . SER A 1 56  ? -2.798  0.720   6.439   1.00 64.99  ? 444 SER A C   1 
ATOM   226 O O   . SER A 1 56  ? -1.601  1.032   6.521   1.00 64.45  ? 444 SER A O   1 
ATOM   227 C CB  . SER A 1 56  ? -4.346  2.636   5.938   1.00 67.76  ? 444 SER A CB  1 
ATOM   228 O OG  . SER A 1 56  ? -5.384  2.317   6.848   1.00 68.90  ? 444 SER A OG  1 
ATOM   229 N N   . GLY A 1 57  ? -3.365  -0.164  7.265   1.00 63.06  ? 445 GLY A N   1 
ATOM   230 C CA  . GLY A 1 57  ? -2.564  -0.843  8.272   1.00 62.04  ? 445 GLY A CA  1 
ATOM   231 C C   . GLY A 1 57  ? -1.476  -1.701  7.661   1.00 61.10  ? 445 GLY A C   1 
ATOM   232 O O   . GLY A 1 57  ? -0.356  -1.758  8.170   1.00 63.01  ? 445 GLY A O   1 
ATOM   233 N N   . PHE A 1 58  ? -1.781  -2.346  6.536   1.00 60.34  ? 446 PHE A N   1 
ATOM   234 C CA  . PHE A 1 58  ? -0.804  -3.191  5.859   1.00 59.00  ? 446 PHE A CA  1 
ATOM   235 C C   . PHE A 1 58  ? 0.390   -2.376  5.359   1.00 60.40  ? 446 PHE A C   1 
ATOM   236 O O   . PHE A 1 58  ? 1.550   -2.719  5.630   1.00 60.04  ? 446 PHE A O   1 
ATOM   237 C CB  . PHE A 1 58  ? -1.500  -3.926  4.711   1.00 57.01  ? 446 PHE A CB  1 
ATOM   238 C CG  . PHE A 1 58  ? -0.566  -4.652  3.804   1.00 55.57  ? 446 PHE A CG  1 
ATOM   239 C CD1 . PHE A 1 58  ? 0.242   -5.660  4.290   1.00 54.50  ? 446 PHE A CD1 1 
ATOM   240 C CD2 . PHE A 1 58  ? -0.504  -4.335  2.458   1.00 55.65  ? 446 PHE A CD2 1 
ATOM   241 C CE1 . PHE A 1 58  ? 1.105   -6.336  3.451   1.00 54.91  ? 446 PHE A CE1 1 
ATOM   242 C CE2 . PHE A 1 58  ? 0.359   -5.005  1.613   1.00 55.39  ? 446 PHE A CE2 1 
ATOM   243 C CZ  . PHE A 1 58  ? 1.164   -6.006  2.110   1.00 55.38  ? 446 PHE A CZ  1 
ATOM   244 N N   . THR A 1 59  ? 0.121   -1.288  4.632   1.00 60.41  ? 447 THR A N   1 
ATOM   245 C CA  . THR A 1 59  ? 1.205   -0.456  4.112   1.00 62.84  ? 447 THR A CA  1 
ATOM   246 C C   . THR A 1 59  ? 2.005   0.183   5.241   1.00 65.65  ? 447 THR A C   1 
ATOM   247 O O   . THR A 1 59  ? 3.245   0.250   5.178   1.00 66.34  ? 447 THR A O   1 
ATOM   248 C CB  . THR A 1 59  ? 0.642   0.618   3.178   1.00 63.51  ? 447 THR A CB  1 
ATOM   249 O OG1 . THR A 1 59  ? -0.223  1.491   3.914   1.00 65.00  ? 447 THR A OG1 1 
ATOM   250 C CG2 . THR A 1 59  ? -0.147  -0.019  2.045   1.00 61.40  ? 447 THR A CG2 1 
ATOM   251 N N   . ARG A 1 60  ? 1.317   0.662   6.285   1.00 63.92  ? 448 ARG A N   1 
ATOM   252 C CA  . ARG A 1 60  ? 2.022   1.221   7.431   1.00 67.35  ? 448 ARG A CA  1 
ATOM   253 C C   . ARG A 1 60  ? 2.927   0.185   8.078   1.00 64.60  ? 448 ARG A C   1 
ATOM   254 O O   . ARG A 1 60  ? 4.066   0.492   8.447   1.00 65.73  ? 448 ARG A O   1 
ATOM   255 C CB  . ARG A 1 60  ? 1.024   1.765   8.453   1.00 71.29  ? 448 ARG A CB  1 
ATOM   256 C CG  . ARG A 1 60  ? 1.690   2.342   9.689   1.00 76.39  ? 448 ARG A CG  1 
ATOM   257 C CD  . ARG A 1 60  ? 0.706   3.077   10.581  1.00 78.98  ? 448 ARG A CD  1 
ATOM   258 N NE  . ARG A 1 60  ? 0.142   2.219   11.618  1.00 78.57  ? 448 ARG A NE  1 
ATOM   259 C CZ  . ARG A 1 60  ? 0.726   1.985   12.789  1.00 81.15  ? 448 ARG A CZ  1 
ATOM   260 N NH1 . ARG A 1 60  ? 0.142   1.189   13.675  1.00 81.76  ? 448 ARG A NH1 1 
ATOM   261 N NH2 . ARG A 1 60  ? 1.898   2.542   13.072  1.00 83.75  ? 448 ARG A NH2 1 
ATOM   262 N N   . TYR A 1 61  ? 2.444   -1.051  8.218   1.00 67.08  ? 449 TYR A N   1 
ATOM   263 C CA  . TYR A 1 61  ? 3.241   -2.093  8.851   1.00 65.20  ? 449 TYR A CA  1 
ATOM   264 C C   . TYR A 1 61  ? 4.469   -2.432  8.018   1.00 65.19  ? 449 TYR A C   1 
ATOM   265 O O   . TYR A 1 61  ? 5.565   -2.613  8.562   1.00 65.79  ? 449 TYR A O   1 
ATOM   266 C CB  . TYR A 1 61  ? 2.380   -3.337  9.075   1.00 61.64  ? 449 TYR A CB  1 
ATOM   267 C CG  . TYR A 1 61  ? 3.015   -4.353  9.995   1.00 61.01  ? 449 TYR A CG  1 
ATOM   268 C CD1 . TYR A 1 61  ? 3.687   -5.458  9.485   1.00 59.70  ? 449 TYR A CD1 1 
ATOM   269 C CD2 . TYR A 1 61  ? 2.954   -4.197  11.375  1.00 62.18  ? 449 TYR A CD2 1 
ATOM   270 C CE1 . TYR A 1 61  ? 4.273   -6.385  10.328  1.00 60.37  ? 449 TYR A CE1 1 
ATOM   271 C CE2 . TYR A 1 61  ? 3.540   -5.115  12.224  1.00 62.74  ? 449 TYR A CE2 1 
ATOM   272 C CZ  . TYR A 1 61  ? 4.198   -6.207  11.697  1.00 61.56  ? 449 TYR A CZ  1 
ATOM   273 O OH  . TYR A 1 61  ? 4.778   -7.126  12.543  1.00 61.52  ? 449 TYR A OH  1 
ATOM   274 N N   . VAL A 1 62  ? 4.303   -2.526  6.698   1.00 63.50  ? 450 VAL A N   1 
ATOM   275 C CA  . VAL A 1 62  ? 5.443   -2.815  5.828   1.00 64.81  ? 450 VAL A CA  1 
ATOM   276 C C   . VAL A 1 62  ? 6.504   -1.728  5.967   1.00 68.79  ? 450 VAL A C   1 
ATOM   277 O O   . VAL A 1 62  ? 7.697   -2.012  6.164   1.00 69.01  ? 450 VAL A O   1 
ATOM   278 C CB  . VAL A 1 62  ? 4.977   -2.975  4.370   1.00 63.03  ? 450 VAL A CB  1 
ATOM   279 C CG1 . VAL A 1 62  ? 6.168   -3.113  3.441   1.00 64.13  ? 450 VAL A CG1 1 
ATOM   280 C CG2 . VAL A 1 62  ? 4.068   -4.190  4.245   1.00 60.59  ? 450 VAL A CG2 1 
ATOM   281 N N   . TYR A 1 63  ? 6.083   -0.462  5.878   1.00 65.11  ? 451 TYR A N   1 
ATOM   282 C CA  . TYR A 1 63  ? 7.055   0.622   5.972   1.00 71.60  ? 451 TYR A CA  1 
ATOM   283 C C   . TYR A 1 63  ? 7.667   0.715   7.359   1.00 73.75  ? 451 TYR A C   1 
ATOM   284 O O   . TYR A 1 63  ? 8.834   1.091   7.491   1.00 76.16  ? 451 TYR A O   1 
ATOM   285 C CB  . TYR A 1 63  ? 6.411   1.944   5.569   1.00 75.10  ? 451 TYR A CB  1 
ATOM   286 C CG  . TYR A 1 63  ? 6.557   2.184   4.094   1.00 77.48  ? 451 TYR A CG  1 
ATOM   287 C CD1 . TYR A 1 63  ? 5.652   1.646   3.196   1.00 76.14  ? 451 TYR A CD1 1 
ATOM   288 C CD2 . TYR A 1 63  ? 7.631   2.909   3.596   1.00 81.41  ? 451 TYR A CD2 1 
ATOM   289 C CE1 . TYR A 1 63  ? 5.793   1.844   1.843   1.00 78.10  ? 451 TYR A CE1 1 
ATOM   290 C CE2 . TYR A 1 63  ? 7.783   3.113   2.242   1.00 82.82  ? 451 TYR A CE2 1 
ATOM   291 C CZ  . TYR A 1 63  ? 6.859   2.579   1.370   1.00 82.46  ? 451 TYR A CZ  1 
ATOM   292 O OH  . TYR A 1 63  ? 6.999   2.776   0.018   1.00 86.98  ? 451 TYR A OH  1 
ATOM   293 N N   . LEU A 1 64  ? 6.912   0.358   8.397   1.00 73.07  ? 452 LEU A N   1 
ATOM   294 C CA  . LEU A 1 64  ? 7.463   0.353   9.745   1.00 74.67  ? 452 LEU A CA  1 
ATOM   295 C C   . LEU A 1 64  ? 8.536   -0.716  9.892   1.00 74.80  ? 452 LEU A C   1 
ATOM   296 O O   . LEU A 1 64  ? 9.582   -0.475  10.506  1.00 77.18  ? 452 LEU A O   1 
ATOM   297 C CB  . LEU A 1 64  ? 6.337   0.140   10.752  1.00 73.67  ? 452 LEU A CB  1 
ATOM   298 C CG  . LEU A 1 64  ? 6.514   0.701   12.158  1.00 76.83  ? 452 LEU A CG  1 
ATOM   299 C CD1 . LEU A 1 64  ? 7.367   1.956   12.127  1.00 80.78  ? 452 LEU A CD1 1 
ATOM   300 C CD2 . LEU A 1 64  ? 5.142   1.006   12.736  1.00 75.88  ? 452 LEU A CD2 1 
ATOM   301 N N   . GLN A 1 65  ? 8.296   -1.899  9.324   1.00 71.57  ? 453 GLN A N   1 
ATOM   302 C CA  . GLN A 1 65  ? 9.278   -2.974  9.415   1.00 72.33  ? 453 GLN A CA  1 
ATOM   303 C C   . GLN A 1 65  ? 10.547  -2.637  8.644   1.00 74.23  ? 453 GLN A C   1 
ATOM   304 O O   . GLN A 1 65  ? 11.654  -2.945  9.101   1.00 76.72  ? 453 GLN A O   1 
ATOM   305 C CB  . GLN A 1 65  ? 8.678   -4.281  8.900   1.00 70.11  ? 453 GLN A CB  1 
ATOM   306 C CG  . GLN A 1 65  ? 7.544   -4.812  9.745   1.00 69.26  ? 453 GLN A CG  1 
ATOM   307 C CD  . GLN A 1 65  ? 7.911   -4.896  11.210  1.00 72.55  ? 453 GLN A CD  1 
ATOM   308 O OE1 . GLN A 1 65  ? 7.465   -4.083  12.019  1.00 75.76  ? 453 GLN A OE1 1 
ATOM   309 N NE2 . GLN A 1 65  ? 8.732   -5.879  11.560  1.00 72.84  ? 453 GLN A NE2 1 
ATOM   310 N N   . VAL A 1 66  ? 10.413  -2.016  7.471   1.00 75.42  ? 454 VAL A N   1 
ATOM   311 C CA  . VAL A 1 66  ? 11.599  -1.819  6.639   1.00 75.89  ? 454 VAL A CA  1 
ATOM   312 C C   . VAL A 1 66  ? 12.357  -0.555  7.038   1.00 78.81  ? 454 VAL A C   1 
ATOM   313 O O   . VAL A 1 66  ? 13.592  -0.555  7.104   1.00 80.49  ? 454 VAL A O   1 
ATOM   314 C CB  . VAL A 1 66  ? 11.211  -1.802  5.149   1.00 74.47  ? 454 VAL A CB  1 
ATOM   315 C CG1 . VAL A 1 66  ? 12.416  -1.446  4.294   1.00 77.17  ? 454 VAL A CG1 1 
ATOM   316 C CG2 . VAL A 1 66  ? 10.660  -3.149  4.740   1.00 71.55  ? 454 VAL A CG2 1 
ATOM   317 N N   . THR A 1 67  ? 11.644  0.539   7.317   1.00 77.48  ? 455 THR A N   1 
ATOM   318 C CA  . THR A 1 67  ? 12.270  1.838   7.518   1.00 81.86  ? 455 THR A CA  1 
ATOM   319 C C   . THR A 1 67  ? 12.212  2.344   8.952   1.00 84.21  ? 455 THR A C   1 
ATOM   320 O O   . THR A 1 67  ? 12.969  3.256   9.294   1.00 87.84  ? 455 THR A O   1 
ATOM   321 C CB  . THR A 1 67  ? 11.615  2.892   6.614   1.00 82.76  ? 455 THR A CB  1 
ATOM   322 O OG1 . THR A 1 67  ? 10.320  3.218   7.129   1.00 81.10  ? 455 THR A OG1 1 
ATOM   323 C CG2 . THR A 1 67  ? 11.467  2.360   5.192   1.00 81.50  ? 455 THR A CG2 1 
ATOM   324 N N   . GLY A 1 68  ? 11.332  1.795   9.788   1.00 82.47  ? 456 GLY A N   1 
ATOM   325 C CA  . GLY A 1 68  ? 11.209  2.244   11.158  1.00 85.31  ? 456 GLY A CA  1 
ATOM   326 C C   . GLY A 1 68  ? 10.389  3.499   11.358  1.00 87.45  ? 456 GLY A C   1 
ATOM   327 O O   . GLY A 1 68  ? 10.081  3.840   12.508  1.00 88.37  ? 456 GLY A O   1 
ATOM   328 N N   . ARG A 1 69  ? 10.032  4.205   10.291  1.00 84.66  ? 457 ARG A N   1 
ATOM   329 C CA  . ARG A 1 69  ? 9.225   5.408   10.410  1.00 87.77  ? 457 ARG A CA  1 
ATOM   330 C C   . ARG A 1 69  ? 7.747   5.077   10.235  1.00 84.36  ? 457 ARG A C   1 
ATOM   331 O O   . ARG A 1 69  ? 7.371   4.078   9.614   1.00 81.48  ? 457 ARG A O   1 
ATOM   332 C CB  . ARG A 1 69  ? 9.660   6.456   9.387   1.00 91.99  ? 457 ARG A CB  1 
ATOM   333 C CG  . ARG A 1 69  ? 9.333   6.092   7.957   1.00 92.38  ? 457 ARG A CG  1 
ATOM   334 C CD  . ARG A 1 69  ? 10.442  6.534   7.021   1.00 98.60  ? 457 ARG A CD  1 
ATOM   335 N NE  . ARG A 1 69  ? 9.960   7.460   6.003   1.00 102.22 ? 457 ARG A NE  1 
ATOM   336 C CZ  . ARG A 1 69  ? 9.334   7.087   4.893   1.00 100.39 ? 457 ARG A CZ  1 
ATOM   337 N NH1 . ARG A 1 69  ? 9.105   5.799   4.661   1.00 98.18  ? 457 ARG A NH1 1 
ATOM   338 N NH2 . ARG A 1 69  ? 8.931   7.999   4.017   1.00 100.80 ? 457 ARG A NH2 1 
ATOM   339 N N   . ASP A 1 70  ? 6.908   5.940   10.792  1.00 89.54  ? 458 ASP A N   1 
ATOM   340 C CA  . ASP A 1 70  ? 5.471   5.711   10.884  1.00 85.62  ? 458 ASP A CA  1 
ATOM   341 C C   . ASP A 1 70  ? 4.761   6.657   9.921   1.00 85.50  ? 458 ASP A C   1 
ATOM   342 O O   . ASP A 1 70  ? 4.470   7.806   10.266  1.00 87.60  ? 458 ASP A O   1 
ATOM   343 C CB  . ASP A 1 70  ? 4.992   5.910   12.322  1.00 85.79  ? 458 ASP A CB  1 
ATOM   344 C CG  . ASP A 1 70  ? 3.655   5.242   12.599  1.00 82.12  ? 458 ASP A CG  1 
ATOM   345 O OD1 . ASP A 1 70  ? 2.770   5.275   11.725  1.00 79.83  ? 458 ASP A OD1 1 
ATOM   346 O OD2 . ASP A 1 70  ? 3.488   4.675   13.698  1.00 81.79  ? 458 ASP A OD2 1 
ATOM   347 N N   . ILE A 1 71  ? 4.477   6.170   8.713   1.00 82.78  ? 459 ILE A N   1 
ATOM   348 C CA  . ILE A 1 71  ? 3.563   6.869   7.818   1.00 83.12  ? 459 ILE A CA  1 
ATOM   349 C C   . ILE A 1 71  ? 2.183   6.735   8.446   1.00 84.47  ? 459 ILE A C   1 
ATOM   350 O O   . ILE A 1 71  ? 1.990   5.917   9.350   1.00 81.03  ? 459 ILE A O   1 
ATOM   351 C CB  . ILE A 1 71  ? 3.620   6.303   6.386   1.00 78.72  ? 459 ILE A CB  1 
ATOM   352 C CG1 . ILE A 1 71  ? 2.980   4.916   6.315   1.00 73.27  ? 459 ILE A CG1 1 
ATOM   353 C CG2 . ILE A 1 71  ? 5.061   6.206   5.921   1.00 79.58  ? 459 ILE A CG2 1 
ATOM   354 C CD1 . ILE A 1 71  ? 2.988   4.314   4.915   1.00 70.16  ? 459 ILE A CD1 1 
ATOM   355 N N   . GLY A 1 72  ? 1.222   7.535   7.998   1.00 80.35  ? 460 GLY A N   1 
ATOM   356 C CA  . GLY A 1 72  ? -0.073  7.593   8.658   1.00 83.12  ? 460 GLY A CA  1 
ATOM   357 C C   . GLY A 1 72  ? -0.746  6.272   8.995   1.00 80.35  ? 460 GLY A C   1 
ATOM   358 O O   . GLY A 1 72  ? -0.549  5.266   8.305   1.00 78.83  ? 460 GLY A O   1 
ATOM   359 N N   . GLY A 1 73  ? -1.552  6.267   10.063  1.00 83.28  ? 461 GLY A N   1 
ATOM   360 C CA  . GLY A 1 73  ? -2.286  5.075   10.449  1.00 81.03  ? 461 GLY A CA  1 
ATOM   361 C C   . GLY A 1 73  ? -3.521  4.801   9.618   1.00 81.54  ? 461 GLY A C   1 
ATOM   362 O O   . GLY A 1 73  ? -3.981  3.655   9.567   1.00 81.38  ? 461 GLY A O   1 
ATOM   363 N N   . TRP A 1 74  ? -4.072  5.822   8.975   1.00 83.08  ? 462 TRP A N   1 
ATOM   364 C CA  . TRP A 1 74  ? -5.160  5.671   8.022   1.00 80.35  ? 462 TRP A CA  1 
ATOM   365 C C   . TRP A 1 74  ? -4.713  6.263   6.684   1.00 80.66  ? 462 TRP A C   1 
ATOM   366 O O   . TRP A 1 74  ? -3.551  6.634   6.502   1.00 83.11  ? 462 TRP A O   1 
ATOM   367 C CB  . TRP A 1 74  ? -6.456  6.293   8.554   1.00 80.90  ? 462 TRP A CB  1 
ATOM   368 C CG  . TRP A 1 74  ? -6.336  7.699   9.079   1.00 83.05  ? 462 TRP A CG  1 
ATOM   369 C CD1 . TRP A 1 74  ? -5.598  8.123   10.150  1.00 84.30  ? 462 TRP A CD1 1 
ATOM   370 C CD2 . TRP A 1 74  ? -7.014  8.856   8.579   1.00 83.99  ? 462 TRP A CD2 1 
ATOM   371 N NE1 . TRP A 1 74  ? -5.758  9.475   10.331  1.00 87.21  ? 462 TRP A NE1 1 
ATOM   372 C CE2 . TRP A 1 74  ? -6.624  9.949   9.380   1.00 86.99  ? 462 TRP A CE2 1 
ATOM   373 C CE3 . TRP A 1 74  ? -7.905  9.077   7.524   1.00 82.68  ? 462 TRP A CE3 1 
ATOM   374 C CZ2 . TRP A 1 74  ? -7.093  11.241  9.160   1.00 89.38  ? 462 TRP A CZ2 1 
ATOM   375 C CZ3 . TRP A 1 74  ? -8.372  10.364  7.310   1.00 85.36  ? 462 TRP A CZ3 1 
ATOM   376 C CH2 . TRP A 1 74  ? -7.963  11.427  8.122   1.00 88.56  ? 462 TRP A CH2 1 
ATOM   377 N N   . THR A 1 75  ? -5.650  6.347   5.741   1.00 85.04  ? 463 THR A N   1 
ATOM   378 C CA  . THR A 1 75  ? -5.274  6.512   4.339   1.00 82.64  ? 463 THR A CA  1 
ATOM   379 C C   . THR A 1 75  ? -4.708  7.899   4.049   1.00 84.67  ? 463 THR A C   1 
ATOM   380 O O   . THR A 1 75  ? -3.708  8.027   3.332   1.00 85.04  ? 463 THR A O   1 
ATOM   381 C CB  . THR A 1 75  ? -6.481  6.225   3.446   1.00 81.52  ? 463 THR A CB  1 
ATOM   382 O OG1 . THR A 1 75  ? -6.233  6.716   2.125   1.00 82.37  ? 463 THR A OG1 1 
ATOM   383 C CG2 . THR A 1 75  ? -7.738  6.880   4.013   1.00 83.10  ? 463 THR A CG2 1 
ATOM   384 N N   . VAL A 1 76  ? -5.314  8.945   4.600   1.00 85.42  ? 464 VAL A N   1 
ATOM   385 C CA  . VAL A 1 76  ? -5.039  10.307  4.143   1.00 87.52  ? 464 VAL A CA  1 
ATOM   386 C C   . VAL A 1 76  ? -3.672  10.809  4.606   1.00 88.44  ? 464 VAL A C   1 
ATOM   387 O O   . VAL A 1 76  ? -2.939  11.385  3.787   1.00 88.94  ? 464 VAL A O   1 
ATOM   388 C CB  . VAL A 1 76  ? -6.163  11.267  4.570   1.00 90.49  ? 464 VAL A CB  1 
ATOM   389 C CG1 . VAL A 1 76  ? -5.863  12.672  4.085   1.00 95.67  ? 464 VAL A CG1 1 
ATOM   390 C CG2 . VAL A 1 76  ? -7.493  10.791  4.009   1.00 88.73  ? 464 VAL A CG2 1 
ATOM   391 N N   . PRO A 1 77  ? -3.268  10.636  5.874   1.00 85.34  ? 465 PRO A N   1 
ATOM   392 C CA  . PRO A 1 77  ? -1.894  11.023  6.244   1.00 87.85  ? 465 PRO A CA  1 
ATOM   393 C C   . PRO A 1 77  ? -0.828  10.365  5.387   1.00 87.83  ? 465 PRO A C   1 
ATOM   394 O O   . PRO A 1 77  ? 0.190   11.001  5.077   1.00 90.68  ? 465 PRO A O   1 
ATOM   395 C CB  . PRO A 1 77  ? -1.787  10.591  7.714   1.00 87.25  ? 465 PRO A CB  1 
ATOM   396 C CG  . PRO A 1 77  ? -2.947  9.671   7.947   1.00 84.45  ? 465 PRO A CG  1 
ATOM   397 C CD  . PRO A 1 77  ? -4.023  10.170  7.050   1.00 84.64  ? 465 PRO A CD  1 
ATOM   398 N N   . GLN A 1 78  ? -1.043  9.117   4.964   1.00 87.10  ? 466 GLN A N   1 
ATOM   399 C CA  . GLN A 1 78  ? -0.075  8.435   4.115   1.00 85.90  ? 466 GLN A CA  1 
ATOM   400 C C   . GLN A 1 78  ? 0.141   9.137   2.781   1.00 89.30  ? 466 GLN A C   1 
ATOM   401 O O   . GLN A 1 78  ? 1.114   8.826   2.087   1.00 89.05  ? 466 GLN A O   1 
ATOM   402 C CB  . GLN A 1 78  ? -0.521  6.988   3.883   1.00 80.17  ? 466 GLN A CB  1 
ATOM   403 C CG  . GLN A 1 78  ? -0.683  6.196   5.168   1.00 76.63  ? 466 GLN A CG  1 
ATOM   404 C CD  . GLN A 1 78  ? -0.741  4.697   4.939   1.00 71.48  ? 466 GLN A CD  1 
ATOM   405 O OE1 . GLN A 1 78  ? -0.740  4.226   3.803   1.00 69.68  ? 466 GLN A OE1 1 
ATOM   406 N NE2 . GLN A 1 78  ? -0.785  3.939   6.027   1.00 69.35  ? 466 GLN A NE2 1 
ATOM   407 N N   . GLU A 1 79  ? -0.728  10.082  2.416   1.00 80.48  ? 467 GLU A N   1 
ATOM   408 C CA  . GLU A 1 79  ? -0.533  10.863  1.202   1.00 85.41  ? 467 GLU A CA  1 
ATOM   409 C C   . GLU A 1 79  ? 0.622   11.851  1.315   1.00 87.86  ? 467 GLU A C   1 
ATOM   410 O O   . GLU A 1 79  ? 1.029   12.416  0.295   1.00 88.76  ? 467 GLU A O   1 
ATOM   411 C CB  . GLU A 1 79  ? -1.812  11.627  0.858   1.00 92.00  ? 467 GLU A CB  1 
ATOM   412 C CG  . GLU A 1 79  ? -3.038  10.760  0.631   1.00 95.80  ? 467 GLU A CG  1 
ATOM   413 C CD  . GLU A 1 79  ? -4.314  11.582  0.548   1.00 101.17 ? 467 GLU A CD  1 
ATOM   414 O OE1 . GLU A 1 79  ? -5.348  11.142  1.095   1.00 100.67 ? 467 GLU A OE1 1 
ATOM   415 O OE2 . GLU A 1 79  ? -4.280  12.675  -0.056  1.00 104.75 ? 467 GLU A OE2 1 
ATOM   416 N N   . SER A 1 80  ? 1.156   12.074  2.518   1.00 89.00  ? 468 SER A N   1 
ATOM   417 C CA  . SER A 1 80  ? 2.231   13.037  2.715   1.00 93.87  ? 468 SER A CA  1 
ATOM   418 C C   . SER A 1 80  ? 3.608   12.395  2.814   1.00 93.67  ? 468 SER A C   1 
ATOM   419 O O   . SER A 1 80  ? 4.608   13.119  2.857   1.00 98.22  ? 468 SER A O   1 
ATOM   420 C CB  . SER A 1 80  ? 1.977   13.864  3.982   1.00 96.81  ? 468 SER A CB  1 
ATOM   421 O OG  . SER A 1 80  ? 0.684   14.442  3.965   1.00 97.59  ? 468 SER A OG  1 
ATOM   422 N N   . ALA A 1 81  ? 3.684   11.064  2.848   1.00 96.94  ? 469 ALA A N   1 
ATOM   423 C CA  . ALA A 1 81  ? 4.927   10.371  3.163   1.00 95.45  ? 469 ALA A CA  1 
ATOM   424 C C   . ALA A 1 81  ? 5.984   10.483  2.072   1.00 98.44  ? 469 ALA A C   1 
ATOM   425 O O   . ALA A 1 81  ? 7.139   10.127  2.327   1.00 101.49 ? 469 ALA A O   1 
ATOM   426 C CB  . ALA A 1 81  ? 4.627   8.901   3.450   1.00 89.74  ? 469 ALA A CB  1 
ATOM   427 N N   . GLY A 1 82  ? 5.634   10.958  0.888   1.00 96.62  ? 470 GLY A N   1 
ATOM   428 C CA  . GLY A 1 82  ? 6.586   11.104  -0.200  1.00 98.43  ? 470 GLY A CA  1 
ATOM   429 C C   . GLY A 1 82  ? 6.148   12.210  -1.130  1.00 100.82 ? 470 GLY A C   1 
ATOM   430 O O   . GLY A 1 82  ? 5.428   13.129  -0.730  1.00 103.32 ? 470 GLY A O   1 
ATOM   431 N N   . THR A 1 83  ? 6.579   12.126  -2.385  1.00 102.17 ? 471 THR A N   1 
ATOM   432 C CA  . THR A 1 83  ? 6.232   13.122  -3.393  1.00 102.93 ? 471 THR A CA  1 
ATOM   433 C C   . THR A 1 83  ? 5.207   12.540  -4.360  1.00 99.36  ? 471 THR A C   1 
ATOM   434 O O   . THR A 1 83  ? 5.394   11.435  -4.877  1.00 96.91  ? 471 THR A O   1 
ATOM   435 C CB  . THR A 1 83  ? 7.475   13.602  -4.152  1.00 105.70 ? 471 THR A CB  1 
ATOM   436 O OG1 . THR A 1 83  ? 7.078   14.343  -5.314  1.00 107.17 ? 471 THR A OG1 1 
ATOM   437 C CG2 . THR A 1 83  ? 8.347   12.427  -4.571  1.00 104.01 ? 471 THR A CG2 1 
ATOM   438 N N   . LYS A 1 84  ? 4.116   13.273  -4.581  1.00 102.24 ? 472 LYS A N   1 
ATOM   439 C CA  . LYS A 1 84  ? 3.068   12.810  -5.483  1.00 99.27  ? 472 LYS A CA  1 
ATOM   440 C C   . LYS A 1 84  ? 3.607   12.650  -6.898  1.00 99.68  ? 472 LYS A C   1 
ATOM   441 O O   . LYS A 1 84  ? 4.495   13.385  -7.340  1.00 102.87 ? 472 LYS A O   1 
ATOM   442 C CB  . LYS A 1 84  ? 1.887   13.780  -5.476  1.00 100.39 ? 472 LYS A CB  1 
ATOM   443 C CG  . LYS A 1 84  ? 0.942   13.572  -4.307  1.00 97.68  ? 472 LYS A CG  1 
ATOM   444 C CD  . LYS A 1 84  ? -0.132  14.644  -4.258  1.00 99.14  ? 472 LYS A CD  1 
ATOM   445 C CE  . LYS A 1 84  ? -1.153  14.334  -3.177  1.00 95.84  ? 472 LYS A CE  1 
ATOM   446 N NZ  . LYS A 1 84  ? -0.502  14.035  -1.869  1.00 93.77  ? 472 LYS A NZ  1 
ATOM   447 N N   . ILE A 1 85  ? 3.057   11.669  -7.614  1.00 99.28  ? 473 ILE A N   1 
ATOM   448 C CA  . ILE A 1 85  ? 3.600   11.257  -8.900  1.00 100.50 ? 473 ILE A CA  1 
ATOM   449 C C   . ILE A 1 85  ? 2.509   10.510  -9.658  1.00 98.01  ? 473 ILE A C   1 
ATOM   450 O O   . ILE A 1 85  ? 1.510   10.073  -9.078  1.00 94.68  ? 473 ILE A O   1 
ATOM   451 C CB  . ILE A 1 85  ? 4.872   10.392  -8.695  1.00 100.27 ? 473 ILE A CB  1 
ATOM   452 C CG1 . ILE A 1 85  ? 5.838   10.547  -9.869  1.00 103.07 ? 473 ILE A CG1 1 
ATOM   453 C CG2 . ILE A 1 85  ? 4.515   8.927   -8.472  1.00 96.27  ? 473 ILE A CG2 1 
ATOM   454 C CD1 . ILE A 1 85  ? 7.202   9.933   -9.618  1.00 102.68 ? 473 ILE A CD1 1 
ATOM   455 N N   . SER A 1 86  ? 2.685   10.388  -10.971 1.00 100.83 ? 474 SER A N   1 
ATOM   456 C CA  . SER A 1 86  ? 1.728   9.644   -11.772 1.00 99.79  ? 474 SER A CA  1 
ATOM   457 C C   . SER A 1 86  ? 1.900   8.146   -11.540 1.00 96.23  ? 474 SER A C   1 
ATOM   458 O O   . SER A 1 86  ? 2.963   7.670   -11.132 1.00 94.50  ? 474 SER A O   1 
ATOM   459 C CB  . SER A 1 86  ? 1.889   9.967   -13.258 1.00 103.66 ? 474 SER A CB  1 
ATOM   460 O OG  . SER A 1 86  ? 2.868   9.136   -13.859 1.00 104.15 ? 474 SER A OG  1 
ATOM   461 N N   . VAL A 1 87  ? 0.825   7.399   -11.799 1.00 95.70  ? 475 VAL A N   1 
ATOM   462 C CA  . VAL A 1 87  ? 0.887   5.949   -11.645 1.00 94.37  ? 475 VAL A CA  1 
ATOM   463 C C   . VAL A 1 87  ? 1.875   5.347   -12.637 1.00 96.86  ? 475 VAL A C   1 
ATOM   464 O O   . VAL A 1 87  ? 2.481   4.302   -12.368 1.00 95.45  ? 475 VAL A O   1 
ATOM   465 C CB  . VAL A 1 87  ? -0.522  5.343   -11.793 1.00 93.26  ? 475 VAL A CB  1 
ATOM   466 C CG1 . VAL A 1 87  ? -0.501  3.847   -11.519 1.00 90.46  ? 475 VAL A CG1 1 
ATOM   467 C CG2 . VAL A 1 87  ? -1.499  6.044   -10.858 1.00 92.72  ? 475 VAL A CG2 1 
ATOM   468 N N   . SER A 1 88  ? 2.068   6.000   -13.786 1.00 96.40  ? 476 SER A N   1 
ATOM   469 C CA  . SER A 1 88  ? 3.050   5.519   -14.754 1.00 99.82  ? 476 SER A CA  1 
ATOM   470 C C   . SER A 1 88  ? 4.461   5.571   -14.182 1.00 101.44 ? 476 SER A C   1 
ATOM   471 O O   . SER A 1 88  ? 5.267   4.661   -14.409 1.00 102.44 ? 476 SER A O   1 
ATOM   472 C CB  . SER A 1 88  ? 2.969   6.344   -16.038 1.00 105.85 ? 476 SER A CB  1 
ATOM   473 O OG  . SER A 1 88  ? 1.653   6.354   -16.565 1.00 107.93 ? 476 SER A OG  1 
ATOM   474 N N   . GLN A 1 89  ? 4.772   6.624   -13.430 1.00 99.45  ? 477 GLN A N   1 
ATOM   475 C CA  . GLN A 1 89  ? 6.100   6.833   -12.872 1.00 100.86 ? 477 GLN A CA  1 
ATOM   476 C C   . GLN A 1 89  ? 6.274   6.173   -11.507 1.00 97.57  ? 477 GLN A C   1 
ATOM   477 O O   . GLN A 1 89  ? 7.128   6.602   -10.722 1.00 99.65  ? 477 GLN A O   1 
ATOM   478 C CB  . GLN A 1 89  ? 6.389   8.332   -12.784 1.00 104.11 ? 477 GLN A CB  1 
ATOM   479 C CG  . GLN A 1 89  ? 6.135   9.064   -14.095 1.00 106.81 ? 477 GLN A CG  1 
ATOM   480 C CD  . GLN A 1 89  ? 5.980   10.561  -13.917 1.00 108.63 ? 477 GLN A CD  1 
ATOM   481 O OE1 . GLN A 1 89  ? 6.328   11.114  -12.877 1.00 108.32 ? 477 GLN A OE1 1 
ATOM   482 N NE2 . GLN A 1 89  ? 5.448   11.226  -14.940 1.00 110.83 ? 477 GLN A NE2 1 
ATOM   483 N N   . ALA A 1 90  ? 5.484   5.144   -11.211 1.00 101.73 ? 478 ALA A N   1 
ATOM   484 C CA  . ALA A 1 90  ? 5.563   4.439   -9.938  1.00 96.33  ? 478 ALA A CA  1 
ATOM   485 C C   . ALA A 1 90  ? 6.519   3.260   -10.072 1.00 93.83  ? 478 ALA A C   1 
ATOM   486 O O   . ALA A 1 90  ? 6.304   2.369   -10.900 1.00 92.76  ? 478 ALA A O   1 
ATOM   487 C CB  . ALA A 1 90  ? 4.179   3.963   -9.495  1.00 92.77  ? 478 ALA A CB  1 
ATOM   488 N N   . LYS A 1 91  ? 7.572   3.262   -9.265  1.00 93.09  ? 479 LYS A N   1 
ATOM   489 C CA  . LYS A 1 91  ? 8.509   2.152   -9.202  1.00 91.52  ? 479 LYS A CA  1 
ATOM   490 C C   . LYS A 1 91  ? 8.130   1.219   -8.054  1.00 86.90  ? 479 LYS A C   1 
ATOM   491 O O   . LYS A 1 91  ? 7.258   1.519   -7.235  1.00 83.84  ? 479 LYS A O   1 
ATOM   492 C CB  . LYS A 1 91  ? 9.942   2.676   -9.048  1.00 94.95  ? 479 LYS A CB  1 
ATOM   493 C CG  . LYS A 1 91  ? 10.332  3.700   -10.119 1.00 99.67  ? 479 LYS A CG  1 
ATOM   494 C CD  . LYS A 1 91  ? 11.700  4.330   -9.860  1.00 104.96 ? 479 LYS A CD  1 
ATOM   495 C CE  . LYS A 1 91  ? 12.842  3.366   -10.158 1.00 106.62 ? 479 LYS A CE  1 
ATOM   496 N NZ  . LYS A 1 91  ? 14.178  4.028   -10.065 1.00 110.91 ? 479 LYS A NZ  1 
ATOM   497 N N   . ALA A 1 92  ? 8.793   0.066   -8.012  1.00 83.46  ? 480 ALA A N   1 
ATOM   498 C CA  . ALA A 1 92  ? 8.525   -0.912  -6.968  1.00 80.46  ? 480 ALA A CA  1 
ATOM   499 C C   . ALA A 1 92  ? 8.779   -0.309  -5.591  1.00 79.46  ? 480 ALA A C   1 
ATOM   500 O O   . ALA A 1 92  ? 9.856   0.228   -5.323  1.00 81.85  ? 480 ALA A O   1 
ATOM   501 C CB  . ALA A 1 92  ? 9.396   -2.151  -7.173  1.00 81.24  ? 480 ALA A CB  1 
ATOM   502 N N   . GLY A 1 93  ? 7.774   -0.391  -4.721  1.00 79.65  ? 481 GLY A N   1 
ATOM   503 C CA  . GLY A 1 93  ? 7.840   0.159   -3.385  1.00 78.73  ? 481 GLY A CA  1 
ATOM   504 C C   . GLY A 1 93  ? 7.020   1.415   -3.178  1.00 79.37  ? 481 GLY A C   1 
ATOM   505 O O   . GLY A 1 93  ? 6.639   1.706   -2.036  1.00 77.56  ? 481 GLY A O   1 
ATOM   506 N N   . ASP A 1 94  ? 6.734   2.168   -4.240  1.00 77.79  ? 482 ASP A N   1 
ATOM   507 C CA  . ASP A 1 94  ? 5.949   3.384   -4.098  1.00 80.63  ? 482 ASP A CA  1 
ATOM   508 C C   . ASP A 1 94  ? 4.534   3.056   -3.634  1.00 76.17  ? 482 ASP A C   1 
ATOM   509 O O   . ASP A 1 94  ? 4.070   1.917   -3.714  1.00 74.31  ? 482 ASP A O   1 
ATOM   510 C CB  . ASP A 1 94  ? 5.897   4.159   -5.417  1.00 87.18  ? 482 ASP A CB  1 
ATOM   511 C CG  . ASP A 1 94  ? 7.244   4.731   -5.813  1.00 95.49  ? 482 ASP A CG  1 
ATOM   512 O OD1 . ASP A 1 94  ? 7.529   4.804   -7.028  1.00 99.65  ? 482 ASP A OD1 1 
ATOM   513 O OD2 . ASP A 1 94  ? 8.024   5.094   -4.906  1.00 98.59  ? 482 ASP A OD2 1 
ATOM   514 N N   . LEU A 1 95  ? 3.840   4.076   -3.142  1.00 81.29  ? 483 LEU A N   1 
ATOM   515 C CA  . LEU A 1 95  ? 2.468   3.913   -2.684  1.00 76.81  ? 483 LEU A CA  1 
ATOM   516 C C   . LEU A 1 95  ? 1.508   4.327   -3.793  1.00 76.57  ? 483 LEU A C   1 
ATOM   517 O O   . LEU A 1 95  ? 1.799   5.242   -4.561  1.00 78.76  ? 483 LEU A O   1 
ATOM   518 C CB  . LEU A 1 95  ? 2.215   4.734   -1.418  1.00 76.39  ? 483 LEU A CB  1 
ATOM   519 C CG  . LEU A 1 95  ? 2.885   4.233   -0.133  1.00 74.44  ? 483 LEU A CG  1 
ATOM   520 C CD1 . LEU A 1 95  ? 2.736   5.237   1.001   1.00 75.80  ? 483 LEU A CD1 1 
ATOM   521 C CD2 . LEU A 1 95  ? 2.305   2.890   0.274   1.00 70.84  ? 483 LEU A CD2 1 
ATOM   522 N N   . LEU A 1 96  ? 0.375   3.636   -3.887  1.00 75.14  ? 484 LEU A N   1 
ATOM   523 C CA  . LEU A 1 96  ? -0.650  3.921   -4.884  1.00 74.84  ? 484 LEU A CA  1 
ATOM   524 C C   . LEU A 1 96  ? -1.951  4.239   -4.164  1.00 72.93  ? 484 LEU A C   1 
ATOM   525 O O   . LEU A 1 96  ? -2.336  3.520   -3.237  1.00 70.71  ? 484 LEU A O   1 
ATOM   526 C CB  . LEU A 1 96  ? -0.851  2.735   -5.830  1.00 73.76  ? 484 LEU A CB  1 
ATOM   527 C CG  . LEU A 1 96  ? 0.399   2.177   -6.506  1.00 75.91  ? 484 LEU A CG  1 
ATOM   528 C CD1 . LEU A 1 96  ? 0.070   0.888   -7.233  1.00 73.90  ? 484 LEU A CD1 1 
ATOM   529 C CD2 . LEU A 1 96  ? 0.990   3.195   -7.466  1.00 81.86  ? 484 LEU A CD2 1 
ATOM   530 N N   . PHE A 1 97  ? -2.632  5.296   -4.601  1.00 76.04  ? 485 PHE A N   1 
ATOM   531 C CA  . PHE A 1 97  ? -3.776  5.840   -3.882  1.00 76.07  ? 485 PHE A CA  1 
ATOM   532 C C   . PHE A 1 97  ? -4.987  5.934   -4.797  1.00 77.13  ? 485 PHE A C   1 
ATOM   533 O O   . PHE A 1 97  ? -4.887  6.436   -5.926  1.00 79.07  ? 485 PHE A O   1 
ATOM   534 C CB  . PHE A 1 97  ? -3.452  7.220   -3.296  1.00 77.82  ? 485 PHE A CB  1 
ATOM   535 C CG  . PHE A 1 97  ? -2.488  7.173   -2.149  1.00 75.67  ? 485 PHE A CG  1 
ATOM   536 C CD1 . PHE A 1 97  ? -1.122  7.249   -2.369  1.00 75.71  ? 485 PHE A CD1 1 
ATOM   537 C CD2 . PHE A 1 97  ? -2.947  7.033   -0.849  1.00 73.52  ? 485 PHE A CD2 1 
ATOM   538 C CE1 . PHE A 1 97  ? -0.233  7.197   -1.313  1.00 74.74  ? 485 PHE A CE1 1 
ATOM   539 C CE2 . PHE A 1 97  ? -2.065  6.982   0.210   1.00 72.61  ? 485 PHE A CE2 1 
ATOM   540 C CZ  . PHE A 1 97  ? -0.704  7.063   -0.023  1.00 73.41  ? 485 PHE A CZ  1 
ATOM   541 N N   . TRP A 1 98  ? -6.120  5.439   -4.299  1.00 75.10  ? 486 TRP A N   1 
ATOM   542 C CA  . TRP A 1 98  ? -7.418  5.607   -4.931  1.00 76.62  ? 486 TRP A CA  1 
ATOM   543 C C   . TRP A 1 98  ? -8.142  6.780   -4.291  1.00 79.20  ? 486 TRP A C   1 
ATOM   544 O O   . TRP A 1 98  ? -8.129  6.937   -3.067  1.00 78.77  ? 486 TRP A O   1 
ATOM   545 C CB  . TRP A 1 98  ? -8.275  4.351   -4.770  1.00 73.62  ? 486 TRP A CB  1 
ATOM   546 C CG  . TRP A 1 98  ? -7.925  3.203   -5.655  1.00 72.17  ? 486 TRP A CG  1 
ATOM   547 C CD1 . TRP A 1 98  ? -8.676  2.705   -6.675  1.00 72.70  ? 486 TRP A CD1 1 
ATOM   548 C CD2 . TRP A 1 98  ? -6.751  2.384   -5.582  1.00 70.70  ? 486 TRP A CD2 1 
ATOM   549 N NE1 . TRP A 1 98  ? -8.044  1.631   -7.250  1.00 71.57  ? 486 TRP A NE1 1 
ATOM   550 C CE2 . TRP A 1 98  ? -6.860  1.412   -6.598  1.00 70.23  ? 486 TRP A CE2 1 
ATOM   551 C CE3 . TRP A 1 98  ? -5.620  2.378   -4.764  1.00 69.96  ? 486 TRP A CE3 1 
ATOM   552 C CZ2 . TRP A 1 98  ? -5.878  0.447   -6.817  1.00 68.69  ? 486 TRP A CZ2 1 
ATOM   553 C CZ3 . TRP A 1 98  ? -4.647  1.420   -4.983  1.00 69.37  ? 486 TRP A CZ3 1 
ATOM   554 C CH2 . TRP A 1 98  ? -4.781  0.469   -6.002  1.00 68.39  ? 486 TRP A CH2 1 
ATOM   555 N N   . GLY A 1 99  ? -8.801  7.580   -5.116  1.00 81.48  ? 487 GLY A N   1 
ATOM   556 C CA  . GLY A 1 99  ? -9.494  8.762   -4.647  1.00 84.69  ? 487 GLY A CA  1 
ATOM   557 C C   . GLY A 1 99  ? -8.693  10.022  -4.904  1.00 86.90  ? 487 GLY A C   1 
ATOM   558 O O   . GLY A 1 99  ? -7.562  10.000  -5.399  1.00 86.71  ? 487 GLY A O   1 
ATOM   559 N N   . SER A 1 100 ? -9.293  11.128  -4.549  1.00 86.90  ? 488 SER A N   1 
ATOM   560 C CA  . SER A 1 100 ? -8.610  12.390  -4.788  1.00 90.90  ? 488 SER A CA  1 
ATOM   561 C C   . SER A 1 100 ? -7.783  12.788  -3.568  1.00 91.21  ? 488 SER A C   1 
ATOM   562 O O   . SER A 1 100 ? -8.099  12.389  -2.441  1.00 89.23  ? 488 SER A O   1 
ATOM   563 C CB  . SER A 1 100 ? -9.620  13.487  -5.108  1.00 95.32  ? 488 SER A CB  1 
ATOM   564 O OG  . SER A 1 100 ? -10.579 13.615  -4.073  1.00 97.01  ? 488 SER A OG  1 
ATOM   565 N N   . PRO A 1 101 ? -6.706  13.560  -3.773  1.00 90.36  ? 489 PRO A N   1 
ATOM   566 C CA  . PRO A 1 101 ? -5.895  14.021  -2.635  1.00 91.53  ? 489 PRO A CA  1 
ATOM   567 C C   . PRO A 1 101 ? -6.739  14.709  -1.573  1.00 93.45  ? 489 PRO A C   1 
ATOM   568 O O   . PRO A 1 101 ? -7.489  15.645  -1.866  1.00 96.32  ? 489 PRO A O   1 
ATOM   569 C CB  . PRO A 1 101 ? -4.886  14.982  -3.280  1.00 94.75  ? 489 PRO A CB  1 
ATOM   570 C CG  . PRO A 1 101 ? -5.409  15.250  -4.665  1.00 96.67  ? 489 PRO A CG  1 
ATOM   571 C CD  . PRO A 1 101 ? -6.160  14.023  -5.058  1.00 92.83  ? 489 PRO A CD  1 
ATOM   572 N N   . GLY A 1 102 ? -6.631  14.230  -0.336  1.00 92.50  ? 490 GLY A N   1 
ATOM   573 C CA  . GLY A 1 102 ? -7.495  14.634  0.745   1.00 94.50  ? 490 GLY A CA  1 
ATOM   574 C C   . GLY A 1 102 ? -8.650  13.693  1.007   1.00 92.83  ? 490 GLY A C   1 
ATOM   575 O O   . GLY A 1 102 ? -9.196  13.695  2.118   1.00 92.68  ? 490 GLY A O   1 
ATOM   576 N N   . GLY A 1 103 ? -9.029  12.888  0.019   1.00 92.42  ? 491 GLY A N   1 
ATOM   577 C CA  . GLY A 1 103 ? -10.141 11.974  0.165   1.00 90.66  ? 491 GLY A CA  1 
ATOM   578 C C   . GLY A 1 103 ? -9.830  10.589  -0.358  1.00 87.56  ? 491 GLY A C   1 
ATOM   579 O O   . GLY A 1 103 ? -10.723 9.897   -0.858  1.00 87.89  ? 491 GLY A O   1 
ATOM   580 N N   . THR A 1 104 ? -8.567  10.178  -0.264  1.00 89.08  ? 492 THR A N   1 
ATOM   581 C CA  . THR A 1 104 ? -8.209  8.829   -0.668  1.00 84.95  ? 492 THR A CA  1 
ATOM   582 C C   . THR A 1 104 ? -8.926  7.812   0.206   1.00 82.55  ? 492 THR A C   1 
ATOM   583 O O   . THR A 1 104 ? -9.066  7.996   1.417   1.00 85.70  ? 492 THR A O   1 
ATOM   584 C CB  . THR A 1 104 ? -6.700  8.612   -0.585  1.00 83.78  ? 492 THR A CB  1 
ATOM   585 O OG1 . THR A 1 104 ? -6.236  8.963   0.723   1.00 84.44  ? 492 THR A OG1 1 
ATOM   586 C CG2 . THR A 1 104 ? -5.983  9.451   -1.632  1.00 86.46  ? 492 THR A CG2 1 
ATOM   587 N N   . TYR A 1 105 ? -9.399  6.740   -0.423  1.00 78.25  ? 493 TYR A N   1 
ATOM   588 C CA  . TYR A 1 105 ? -10.119 5.689   0.274   1.00 74.53  ? 493 TYR A CA  1 
ATOM   589 C C   . TYR A 1 105 ? -9.415  4.341   0.202   1.00 69.63  ? 493 TYR A C   1 
ATOM   590 O O   . TYR A 1 105 ? -9.900  3.373   0.800   1.00 67.00  ? 493 TYR A O   1 
ATOM   591 C CB  . TYR A 1 105 ? -11.548 5.563   -0.283  1.00 75.40  ? 493 TYR A CB  1 
ATOM   592 C CG  . TYR A 1 105 ? -11.627 5.296   -1.775  1.00 75.61  ? 493 TYR A CG  1 
ATOM   593 C CD1 . TYR A 1 105 ? -11.576 4.000   -2.271  1.00 73.26  ? 493 TYR A CD1 1 
ATOM   594 C CD2 . TYR A 1 105 ? -11.760 6.341   -2.683  1.00 78.43  ? 493 TYR A CD2 1 
ATOM   595 C CE1 . TYR A 1 105 ? -11.649 3.749   -3.629  1.00 73.87  ? 493 TYR A CE1 1 
ATOM   596 C CE2 . TYR A 1 105 ? -11.836 6.099   -4.048  1.00 78.97  ? 493 TYR A CE2 1 
ATOM   597 C CZ  . TYR A 1 105 ? -11.780 4.798   -4.513  1.00 76.65  ? 493 TYR A CZ  1 
ATOM   598 O OH  . TYR A 1 105 ? -11.853 4.544   -5.864  1.00 77.08  ? 493 TYR A OH  1 
ATOM   599 N N   . HIS A 1 106 ? -8.291  4.248   -0.503  1.00 71.96  ? 494 HIS A N   1 
ATOM   600 C CA  . HIS A 1 106 ? -7.596  2.980   -0.653  1.00 67.44  ? 494 HIS A CA  1 
ATOM   601 C C   . HIS A 1 106 ? -6.143  3.253   -1.004  1.00 67.91  ? 494 HIS A C   1 
ATOM   602 O O   . HIS A 1 106 ? -5.824  4.243   -1.667  1.00 70.12  ? 494 HIS A O   1 
ATOM   603 C CB  . HIS A 1 106 ? -8.245  2.105   -1.729  1.00 64.98  ? 494 HIS A CB  1 
ATOM   604 C CG  . HIS A 1 106 ? -7.818  0.672   -1.674  1.00 60.68  ? 494 HIS A CG  1 
ATOM   605 N ND1 . HIS A 1 106 ? -8.329  -0.221  -0.756  1.00 58.82  ? 494 HIS A ND1 1 
ATOM   606 C CD2 . HIS A 1 106 ? -6.920  -0.022  -2.414  1.00 60.10  ? 494 HIS A CD2 1 
ATOM   607 C CE1 . HIS A 1 106 ? -7.769  -1.403  -0.936  1.00 56.84  ? 494 HIS A CE1 1 
ATOM   608 N NE2 . HIS A 1 106 ? -6.910  -1.310  -1.936  1.00 57.98  ? 494 HIS A NE2 1 
ATOM   609 N N   . VAL A 1 107 ? -5.273  2.344   -0.571  1.00 66.51  ? 495 VAL A N   1 
ATOM   610 C CA  . VAL A 1 107 ? -3.840  2.446   -0.801  1.00 66.50  ? 495 VAL A CA  1 
ATOM   611 C C   . VAL A 1 107 ? -3.283  1.047   -1.031  1.00 64.07  ? 495 VAL A C   1 
ATOM   612 O O   . VAL A 1 107 ? -3.818  0.053   -0.533  1.00 62.56  ? 495 VAL A O   1 
ATOM   613 C CB  . VAL A 1 107 ? -3.126  3.142   0.383   1.00 60.93  ? 495 VAL A CB  1 
ATOM   614 C CG1 . VAL A 1 107 ? -3.132  2.245   1.609   1.00 60.44  ? 495 VAL A CG1 1 
ATOM   615 C CG2 . VAL A 1 107 ? -1.708  3.538   0.007   1.00 62.51  ? 495 VAL A CG2 1 
ATOM   616 N N   . ALA A 1 108 ? -2.211  0.977   -1.812  1.00 63.64  ? 496 ALA A N   1 
ATOM   617 C CA  . ALA A 1 108 ? -1.506  -0.277  -2.049  1.00 62.67  ? 496 ALA A CA  1 
ATOM   618 C C   . ALA A 1 108 ? -0.027  0.026   -2.246  1.00 64.18  ? 496 ALA A C   1 
ATOM   619 O O   . ALA A 1 108 ? 0.374   1.181   -2.387  1.00 65.71  ? 496 ALA A O   1 
ATOM   620 C CB  . ALA A 1 108 ? -2.077  -1.031  -3.255  1.00 62.41  ? 496 ALA A CB  1 
ATOM   621 N N   . ILE A 1 109 ? 0.788   -1.027  -2.246  1.00 63.46  ? 497 ILE A N   1 
ATOM   622 C CA  . ILE A 1 109 ? 2.221   -0.908  -2.496  1.00 66.02  ? 497 ILE A CA  1 
ATOM   623 C C   . ILE A 1 109 ? 2.497   -1.297  -3.942  1.00 67.15  ? 497 ILE A C   1 
ATOM   624 O O   . ILE A 1 109 ? 2.136   -2.397  -4.379  1.00 64.76  ? 497 ILE A O   1 
ATOM   625 C CB  . ILE A 1 109 ? 3.041   -1.775  -1.525  1.00 65.67  ? 497 ILE A CB  1 
ATOM   626 C CG1 . ILE A 1 109 ? 2.985   -1.193  -0.109  1.00 65.57  ? 497 ILE A CG1 1 
ATOM   627 C CG2 . ILE A 1 109 ? 4.487   -1.873  -1.993  1.00 67.52  ? 497 ILE A CG2 1 
ATOM   628 C CD1 . ILE A 1 109 ? 3.543   -2.110  0.949   1.00 64.11  ? 497 ILE A CD1 1 
ATOM   629 N N   . ALA A 1 110 ? 3.139   -0.397  -4.679  1.00 69.74  ? 498 ALA A N   1 
ATOM   630 C CA  . ALA A 1 110 ? 3.437   -0.653  -6.080  1.00 71.78  ? 498 ALA A CA  1 
ATOM   631 C C   . ALA A 1 110 ? 4.477   -1.756  -6.219  1.00 73.06  ? 498 ALA A C   1 
ATOM   632 O O   . ALA A 1 110 ? 5.468   -1.799  -5.484  1.00 73.49  ? 498 ALA A O   1 
ATOM   633 C CB  . ALA A 1 110 ? 3.935   0.622   -6.760  1.00 74.37  ? 498 ALA A CB  1 
ATOM   634 N N   . LEU A 1 111 ? 4.240   -2.655  -7.170  1.00 70.13  ? 499 LEU A N   1 
ATOM   635 C CA  . LEU A 1 111 ? 5.202   -3.683  -7.531  1.00 72.23  ? 499 LEU A CA  1 
ATOM   636 C C   . LEU A 1 111 ? 5.935   -3.379  -8.830  1.00 76.58  ? 499 LEU A C   1 
ATOM   637 O O   . LEU A 1 111 ? 6.844   -4.131  -9.198  1.00 77.95  ? 499 LEU A O   1 
ATOM   638 C CB  . LEU A 1 111 ? 4.507   -5.042  -7.659  1.00 70.86  ? 499 LEU A CB  1 
ATOM   639 C CG  . LEU A 1 111 ? 3.827   -5.586  -6.406  1.00 68.30  ? 499 LEU A CG  1 
ATOM   640 C CD1 . LEU A 1 111 ? 3.208   -6.931  -6.714  1.00 66.89  ? 499 LEU A CD1 1 
ATOM   641 C CD2 . LEU A 1 111 ? 4.815   -5.699  -5.259  1.00 68.07  ? 499 LEU A CD2 1 
ATOM   642 N N   . GLY A 1 112 ? 5.563   -2.310  -9.529  1.00 75.06  ? 500 GLY A N   1 
ATOM   643 C CA  . GLY A 1 112 ? 6.104   -2.050  -10.845 1.00 78.67  ? 500 GLY A CA  1 
ATOM   644 C C   . GLY A 1 112 ? 5.371   -2.848  -11.904 1.00 80.25  ? 500 GLY A C   1 
ATOM   645 O O   . GLY A 1 112 ? 4.897   -3.956  -11.636 1.00 80.05  ? 500 GLY A O   1 
ATOM   646 N N   . GLY A 1 113 ? 5.256   -2.291  -13.104 1.00 81.86  ? 501 GLY A N   1 
ATOM   647 C CA  . GLY A 1 113 ? 4.590   -2.996  -14.185 1.00 82.10  ? 501 GLY A CA  1 
ATOM   648 C C   . GLY A 1 113 ? 3.097   -3.154  -13.998 1.00 80.05  ? 501 GLY A C   1 
ATOM   649 O O   . GLY A 1 113 ? 2.545   -4.212  -14.330 1.00 80.01  ? 501 GLY A O   1 
ATOM   650 N N   . GLY A 1 114 ? 2.426   -2.132  -13.466 1.00 80.85  ? 502 GLY A N   1 
ATOM   651 C CA  . GLY A 1 114 ? 0.984   -2.179  -13.311 1.00 78.23  ? 502 GLY A CA  1 
ATOM   652 C C   . GLY A 1 114 ? 0.477   -3.128  -12.251 1.00 73.60  ? 502 GLY A C   1 
ATOM   653 O O   . GLY A 1 114 ? -0.715  -3.452  -12.249 1.00 72.08  ? 502 GLY A O   1 
ATOM   654 N N   . GLN A 1 115 ? 1.343   -3.580  -11.350 1.00 74.49  ? 503 GLN A N   1 
ATOM   655 C CA  . GLN A 1 115 ? 0.985   -4.539  -10.319 1.00 70.27  ? 503 GLN A CA  1 
ATOM   656 C C   . GLN A 1 115 ? 1.158   -3.911  -8.946  1.00 67.47  ? 503 GLN A C   1 
ATOM   657 O O   . GLN A 1 115 ? 2.002   -3.034  -8.743  1.00 69.16  ? 503 GLN A O   1 
ATOM   658 C CB  . GLN A 1 115 ? 1.845   -5.802  -10.421 1.00 70.64  ? 503 GLN A CB  1 
ATOM   659 C CG  . GLN A 1 115 ? 1.743   -6.493  -11.764 1.00 72.68  ? 503 GLN A CG  1 
ATOM   660 C CD  . GLN A 1 115 ? 2.940   -7.367  -12.055 1.00 74.57  ? 503 GLN A CD  1 
ATOM   661 O OE1 . GLN A 1 115 ? 3.576   -7.233  -13.099 1.00 78.40  ? 503 GLN A OE1 1 
ATOM   662 N NE2 . GLN A 1 115 ? 3.256   -8.271  -11.135 1.00 72.62  ? 503 GLN A NE2 1 
ATOM   663 N N   . TYR A 1 116 ? 0.347   -4.369  -8.000  1.00 66.53  ? 504 TYR A N   1 
ATOM   664 C CA  . TYR A 1 116 ? 0.456   -3.907  -6.628  1.00 64.30  ? 504 TYR A CA  1 
ATOM   665 C C   . TYR A 1 116 ? 0.068   -5.042  -5.697  1.00 60.01  ? 504 TYR A C   1 
ATOM   666 O O   . TYR A 1 116 ? -0.375  -6.107  -6.128  1.00 58.34  ? 504 TYR A O   1 
ATOM   667 C CB  . TYR A 1 116 ? -0.407  -2.666  -6.379  1.00 65.94  ? 504 TYR A CB  1 
ATOM   668 C CG  . TYR A 1 116 ? -1.810  -2.755  -6.926  1.00 66.44  ? 504 TYR A CG  1 
ATOM   669 C CD1 . TYR A 1 116 ? -2.809  -3.422  -6.229  1.00 64.34  ? 504 TYR A CD1 1 
ATOM   670 C CD2 . TYR A 1 116 ? -2.141  -2.149  -8.133  1.00 68.53  ? 504 TYR A CD2 1 
ATOM   671 C CE1 . TYR A 1 116 ? -4.097  -3.495  -6.724  1.00 64.23  ? 504 TYR A CE1 1 
ATOM   672 C CE2 . TYR A 1 116 ? -3.422  -2.215  -8.635  1.00 68.68  ? 504 TYR A CE2 1 
ATOM   673 C CZ  . TYR A 1 116 ? -4.395  -2.889  -7.929  1.00 66.68  ? 504 TYR A CZ  1 
ATOM   674 O OH  . TYR A 1 116 ? -5.673  -2.955  -8.435  1.00 66.92  ? 504 TYR A OH  1 
ATOM   675 N N   . ILE A 1 117 ? 0.249   -4.802  -4.406  1.00 60.46  ? 505 ILE A N   1 
ATOM   676 C CA  . ILE A 1 117 ? -0.121  -5.756  -3.373  1.00 57.62  ? 505 ILE A CA  1 
ATOM   677 C C   . ILE A 1 117 ? -0.872  -4.989  -2.297  1.00 56.68  ? 505 ILE A C   1 
ATOM   678 O O   . ILE A 1 117 ? -0.515  -3.850  -1.976  1.00 57.60  ? 505 ILE A O   1 
ATOM   679 C CB  . ILE A 1 117 ? 1.120   -6.484  -2.804  1.00 57.34  ? 505 ILE A CB  1 
ATOM   680 C CG1 . ILE A 1 117 ? 0.731   -7.398  -1.644  1.00 55.04  ? 505 ILE A CG1 1 
ATOM   681 C CG2 . ILE A 1 117 ? 2.201   -5.483  -2.396  1.00 59.92  ? 505 ILE A CG2 1 
ATOM   682 C CD1 . ILE A 1 117 ? 1.862   -8.267  -1.171  1.00 56.27  ? 505 ILE A CD1 1 
ATOM   683 N N   . HIS A 1 118 ? -1.937  -5.591  -1.768  1.00 54.24  ? 506 HIS A N   1 
ATOM   684 C CA  . HIS A 1 118 ? -2.797  -4.838  -0.865  1.00 54.25  ? 506 HIS A CA  1 
ATOM   685 C C   . HIS A 1 118 ? -3.682  -5.768  -0.054  1.00 54.73  ? 506 HIS A C   1 
ATOM   686 O O   . HIS A 1 118 ? -3.866  -6.943  -0.386  1.00 54.88  ? 506 HIS A O   1 
ATOM   687 C CB  . HIS A 1 118 ? -3.669  -3.831  -1.629  1.00 53.93  ? 506 HIS A CB  1 
ATOM   688 C CG  . HIS A 1 118 ? -4.602  -4.456  -2.622  1.00 52.32  ? 506 HIS A CG  1 
ATOM   689 N ND1 . HIS A 1 118 ? -5.709  -3.798  -3.113  1.00 52.83  ? 506 HIS A ND1 1 
ATOM   690 C CD2 . HIS A 1 118 ? -4.591  -5.670  -3.224  1.00 51.29  ? 506 HIS A CD2 1 
ATOM   691 C CE1 . HIS A 1 118 ? -6.341  -4.579  -3.972  1.00 52.18  ? 506 HIS A CE1 1 
ATOM   692 N NE2 . HIS A 1 118 ? -5.683  -5.721  -4.057  1.00 51.74  ? 506 HIS A NE2 1 
ATOM   693 N N   . ALA A 1 119 ? -4.213  -5.210  1.036   1.00 54.78  ? 507 ALA A N   1 
ATOM   694 C CA  . ALA A 1 119 ? -5.358  -5.753  1.750   1.00 55.24  ? 507 ALA A CA  1 
ATOM   695 C C   . ALA A 1 119 ? -6.597  -5.221  1.042   1.00 55.64  ? 507 ALA A C   1 
ATOM   696 O O   . ALA A 1 119 ? -6.967  -4.057  1.231   1.00 57.82  ? 507 ALA A O   1 
ATOM   697 C CB  . ALA A 1 119 ? -5.334  -5.351  3.226   1.00 56.92  ? 507 ALA A CB  1 
ATOM   698 N N   . PRO A 1 120 ? -7.244  -6.031  0.206   1.00 55.01  ? 508 PRO A N   1 
ATOM   699 C CA  . PRO A 1 120 ? -8.229  -5.487  -0.742  1.00 56.12  ? 508 PRO A CA  1 
ATOM   700 C C   . PRO A 1 120 ? -9.497  -4.941  -0.098  1.00 57.97  ? 508 PRO A C   1 
ATOM   701 O O   . PRO A 1 120 ? -9.834  -3.774  -0.312  1.00 60.38  ? 508 PRO A O   1 
ATOM   702 C CB  . PRO A 1 120 ? -8.541  -6.688  -1.646  1.00 55.20  ? 508 PRO A CB  1 
ATOM   703 C CG  . PRO A 1 120 ? -7.427  -7.664  -1.409  1.00 53.89  ? 508 PRO A CG  1 
ATOM   704 C CD  . PRO A 1 120 ? -7.049  -7.475  0.023   1.00 53.78  ? 508 PRO A CD  1 
ATOM   705 N N   . GLN A 1 121 ? -10.198 -5.744  0.693   1.00 54.38  ? 509 GLN A N   1 
ATOM   706 C CA  . GLN A 1 121 ? -11.506 -5.361  1.208   1.00 57.77  ? 509 GLN A CA  1 
ATOM   707 C C   . GLN A 1 121 ? -11.933 -6.391  2.255   1.00 58.59  ? 509 GLN A C   1 
ATOM   708 O O   . GLN A 1 121 ? -11.386 -7.499  2.289   1.00 56.40  ? 509 GLN A O   1 
ATOM   709 C CB  . GLN A 1 121 ? -12.544 -5.290  0.078   1.00 58.48  ? 509 GLN A CB  1 
ATOM   710 C CG  . GLN A 1 121 ? -13.007 -6.661  -0.352  1.00 57.67  ? 509 GLN A CG  1 
ATOM   711 C CD  . GLN A 1 121 ? -13.737 -6.636  -1.666  1.00 59.43  ? 509 GLN A CD  1 
ATOM   712 O OE1 . GLN A 1 121 ? -13.374 -5.891  -2.574  1.00 62.68  ? 509 GLN A OE1 1 
ATOM   713 N NE2 . GLN A 1 121 ? -14.774 -7.457  -1.781  1.00 58.75  ? 509 GLN A NE2 1 
ATOM   714 N N   . PRO A 1 122 ? -12.917 -6.046  3.101   1.00 54.97  ? 510 PRO A N   1 
ATOM   715 C CA  . PRO A 1 122 ? -13.411 -7.007  4.108   1.00 56.66  ? 510 PRO A CA  1 
ATOM   716 C C   . PRO A 1 122 ? -13.588 -8.436  3.611   1.00 58.03  ? 510 PRO A C   1 
ATOM   717 O O   . PRO A 1 122 ? -13.392 -9.383  4.386   1.00 60.25  ? 510 PRO A O   1 
ATOM   718 C CB  . PRO A 1 122 ? -14.744 -6.377  4.532   1.00 58.29  ? 510 PRO A CB  1 
ATOM   719 C CG  . PRO A 1 122 ? -14.469 -4.899  4.453   1.00 59.85  ? 510 PRO A CG  1 
ATOM   720 C CD  . PRO A 1 122 ? -13.524 -4.711  3.279   1.00 58.22  ? 510 PRO A CD  1 
ATOM   721 N N   . GLY A 1 123 ? -13.921 -8.633  2.341   1.00 59.42  ? 511 GLY A N   1 
ATOM   722 C CA  . GLY A 1 123 ? -14.045 -9.991  1.840   1.00 59.85  ? 511 GLY A CA  1 
ATOM   723 C C   . GLY A 1 123 ? -12.738 -10.769 1.845   1.00 61.93  ? 511 GLY A C   1 
ATOM   724 O O   . GLY A 1 123 ? -12.718 -11.961 2.160   1.00 61.91  ? 511 GLY A O   1 
ATOM   725 N N   . GLU A 1 124 ? -11.634 -10.118 1.488   1.00 59.96  ? 512 GLU A N   1 
ATOM   726 C CA  . GLU A 1 124 ? -10.469 -10.840 1.000   1.00 60.24  ? 512 GLU A CA  1 
ATOM   727 C C   . GLU A 1 124 ? -9.254  -10.661 1.902   1.00 54.47  ? 512 GLU A C   1 
ATOM   728 O O   . GLU A 1 124 ? -9.222  -9.814  2.794   1.00 54.05  ? 512 GLU A O   1 
ATOM   729 C CB  . GLU A 1 124 ? -10.144 -10.399 -0.433  1.00 66.99  ? 512 GLU A CB  1 
ATOM   730 C CG  . GLU A 1 124 ? -11.287 -10.675 -1.397  1.00 74.86  ? 512 GLU A CG  1 
ATOM   731 C CD  . GLU A 1 124 ? -11.823 -12.097 -1.265  1.00 81.77  ? 512 GLU A CD  1 
ATOM   732 O OE1 . GLU A 1 124 ? -11.007 -13.038 -1.136  1.00 84.34  ? 512 GLU A OE1 1 
ATOM   733 O OE2 . GLU A 1 124 ? -13.062 -12.277 -1.283  1.00 86.29  ? 512 GLU A OE2 1 
ATOM   734 N N   . SER A 1 125 ? -8.247  -11.492 1.655   1.00 57.79  ? 513 SER A N   1 
ATOM   735 C CA  . SER A 1 125 ? -6.978  -11.433 2.360   1.00 54.26  ? 513 SER A CA  1 
ATOM   736 C C   . SER A 1 125 ? -5.927  -10.745 1.491   1.00 52.17  ? 513 SER A C   1 
ATOM   737 O O   . SER A 1 125 ? -6.124  -10.523 0.295   1.00 52.25  ? 513 SER A O   1 
ATOM   738 C CB  . SER A 1 125 ? -6.522  -12.841 2.758   1.00 52.29  ? 513 SER A CB  1 
ATOM   739 O OG  . SER A 1 125 ? -6.329  -13.645 1.611   1.00 52.22  ? 513 SER A OG  1 
ATOM   740 N N   . VAL A 1 126 ? -4.794  -10.402 2.118   1.00 53.44  ? 514 VAL A N   1 
ATOM   741 C CA  . VAL A 1 126 ? -3.736  -9.674  1.419   1.00 52.29  ? 514 VAL A CA  1 
ATOM   742 C C   . VAL A 1 126 ? -3.330  -10.444 0.172   1.00 51.61  ? 514 VAL A C   1 
ATOM   743 O O   . VAL A 1 126 ? -3.032  -11.644 0.231   1.00 49.21  ? 514 VAL A O   1 
ATOM   744 C CB  . VAL A 1 126 ? -2.532  -9.442  2.346   1.00 52.51  ? 514 VAL A CB  1 
ATOM   745 C CG1 . VAL A 1 126 ? -1.377  -8.820  1.568   1.00 53.60  ? 514 VAL A CG1 1 
ATOM   746 C CG2 . VAL A 1 126 ? -2.918  -8.564  3.528   1.00 53.07  ? 514 VAL A CG2 1 
ATOM   747 N N   . LYS A 1 127 ? -3.329  -9.760  -0.971  1.00 51.37  ? 515 LYS A N   1 
ATOM   748 C CA  . LYS A 1 127 ? -3.058  -10.430 -2.234  1.00 54.11  ? 515 LYS A CA  1 
ATOM   749 C C   . LYS A 1 127 ? -2.489  -9.442  -3.244  1.00 54.65  ? 515 LYS A C   1 
ATOM   750 O O   . LYS A 1 127 ? -2.373  -8.235  -2.991  1.00 54.37  ? 515 LYS A O   1 
ATOM   751 C CB  . LYS A 1 127 ? -4.320  -11.102 -2.790  1.00 55.98  ? 515 LYS A CB  1 
ATOM   752 C CG  . LYS A 1 127 ? -5.406  -10.135 -3.230  1.00 58.42  ? 515 LYS A CG  1 
ATOM   753 C CD  . LYS A 1 127 ? -6.455  -10.844 -4.084  1.00 61.48  ? 515 LYS A CD  1 
ATOM   754 C CE  . LYS A 1 127 ? -7.707  -11.205 -3.293  1.00 62.29  ? 515 LYS A CE  1 
ATOM   755 N NZ  . LYS A 1 127 ? -7.439  -12.119 -2.145  1.00 63.18  ? 515 LYS A NZ  1 
ATOM   756 N N   . VAL A 1 128 ? -2.149  -9.979  -4.405  1.00 57.01  ? 516 VAL A N   1 
ATOM   757 C CA  . VAL A 1 128 ? -1.652  -9.189  -5.515  1.00 58.62  ? 516 VAL A CA  1 
ATOM   758 C C   . VAL A 1 128 ? -2.831  -8.706  -6.356  1.00 59.13  ? 516 VAL A C   1 
ATOM   759 O O   . VAL A 1 128 ? -3.930  -9.271  -6.331  1.00 57.81  ? 516 VAL A O   1 
ATOM   760 C CB  . VAL A 1 128 ? -0.647  -10.003 -6.359  1.00 59.51  ? 516 VAL A CB  1 
ATOM   761 C CG1 . VAL A 1 128 ? -1.372  -10.850 -7.399  1.00 59.04  ? 516 VAL A CG1 1 
ATOM   762 C CG2 . VAL A 1 128 ? 0.379   -9.094  -7.008  1.00 62.68  ? 516 VAL A CG2 1 
ATOM   763 N N   . GLY A 1 129 ? -2.598  -7.633  -7.102  1.00 60.82  ? 517 GLY A N   1 
ATOM   764 C CA  . GLY A 1 129 ? -3.618  -7.066  -7.962  1.00 61.82  ? 517 GLY A CA  1 
ATOM   765 C C   . GLY A 1 129 ? -2.970  -6.335  -9.116  1.00 64.26  ? 517 GLY A C   1 
ATOM   766 O O   . GLY A 1 129 ? -1.779  -6.009  -9.087  1.00 64.72  ? 517 GLY A O   1 
ATOM   767 N N   . SER A 1 130 ? -3.776  -6.074  -10.138 1.00 64.94  ? 518 SER A N   1 
ATOM   768 C CA  . SER A 1 130 ? -3.324  -5.407  -11.346 1.00 68.12  ? 518 SER A CA  1 
ATOM   769 C C   . SER A 1 130 ? -4.111  -4.120  -11.544 1.00 70.21  ? 518 SER A C   1 
ATOM   770 O O   . SER A 1 130 ? -5.268  -4.016  -11.125 1.00 69.08  ? 518 SER A O   1 
ATOM   771 C CB  . SER A 1 130 ? -3.482  -6.319  -12.572 1.00 69.65  ? 518 SER A CB  1 
ATOM   772 O OG  . SER A 1 130 ? -3.133  -5.641  -13.767 1.00 74.30  ? 518 SER A OG  1 
ATOM   773 N N   . VAL A 1 131 ? -3.471  -3.130  -12.173 1.00 68.43  ? 519 VAL A N   1 
ATOM   774 C CA  . VAL A 1 131 ? -4.189  -1.910  -12.516 1.00 71.50  ? 519 VAL A CA  1 
ATOM   775 C C   . VAL A 1 131 ? -5.175  -2.161  -13.644 1.00 74.81  ? 519 VAL A C   1 
ATOM   776 O O   . VAL A 1 131 ? -6.071  -1.341  -13.877 1.00 76.46  ? 519 VAL A O   1 
ATOM   777 C CB  . VAL A 1 131 ? -3.220  -0.774  -12.891 1.00 73.71  ? 519 VAL A CB  1 
ATOM   778 C CG1 . VAL A 1 131 ? -2.230  -0.528  -11.761 1.00 72.04  ? 519 VAL A CG1 1 
ATOM   779 C CG2 . VAL A 1 131 ? -2.502  -1.087  -14.197 1.00 75.80  ? 519 VAL A CG2 1 
ATOM   780 N N   . GLN A 1 132 ? -5.030  -3.278  -14.358 1.00 74.29  ? 520 GLN A N   1 
ATOM   781 C CA  . GLN A 1 132 ? -6.038  -3.675  -15.331 1.00 76.54  ? 520 GLN A CA  1 
ATOM   782 C C   . GLN A 1 132 ? -7.308  -4.177  -14.659 1.00 71.79  ? 520 GLN A C   1 
ATOM   783 O O   . GLN A 1 132 ? -8.335  -4.323  -15.330 1.00 72.63  ? 520 GLN A O   1 
ATOM   784 C CB  . GLN A 1 132 ? -5.477  -4.747  -16.266 1.00 80.82  ? 520 GLN A CB  1 
ATOM   785 C CG  . GLN A 1 132 ? -4.352  -4.251  -17.157 1.00 87.06  ? 520 GLN A CG  1 
ATOM   786 C CD  . GLN A 1 132 ? -4.808  -3.174  -18.124 1.00 94.32  ? 520 GLN A CD  1 
ATOM   787 O OE1 . GLN A 1 132 ? -4.126  -2.166  -18.315 1.00 99.24  ? 520 GLN A OE1 1 
ATOM   788 N NE2 . GLN A 1 132 ? -5.964  -3.387  -18.748 1.00 96.09  ? 520 GLN A NE2 1 
ATOM   789 N N   . TRP A 1 133 ? -7.256  -4.462  -13.358 1.00 73.67  ? 521 TRP A N   1 
ATOM   790 C CA  . TRP A 1 133 ? -8.450  -4.808  -12.594 1.00 70.53  ? 521 TRP A CA  1 
ATOM   791 C C   . TRP A 1 133 ? -9.081  -3.564  -11.970 1.00 69.75  ? 521 TRP A C   1 
ATOM   792 O O   . TRP A 1 133 ? -10.227 -3.218  -12.275 1.00 70.64  ? 521 TRP A O   1 
ATOM   793 C CB  . TRP A 1 133 ? -8.104  -5.829  -11.502 1.00 67.02  ? 521 TRP A CB  1 
ATOM   794 C CG  . TRP A 1 133 ? -7.479  -7.111  -11.985 1.00 65.10  ? 521 TRP A CG  1 
ATOM   795 C CD1 . TRP A 1 133 ? -7.380  -7.550  -13.274 1.00 66.55  ? 521 TRP A CD1 1 
ATOM   796 C CD2 . TRP A 1 133 ? -6.867  -8.118  -11.171 1.00 61.44  ? 521 TRP A CD2 1 
ATOM   797 N NE1 . TRP A 1 133 ? -6.741  -8.768  -13.312 1.00 65.21  ? 521 TRP A NE1 1 
ATOM   798 C CE2 . TRP A 1 133 ? -6.418  -9.138  -12.032 1.00 62.25  ? 521 TRP A CE2 1 
ATOM   799 C CE3 . TRP A 1 133 ? -6.656  -8.255  -9.794  1.00 58.25  ? 521 TRP A CE3 1 
ATOM   800 C CZ2 . TRP A 1 133 ? -5.773  -10.280 -11.564 1.00 60.69  ? 521 TRP A CZ2 1 
ATOM   801 C CZ3 . TRP A 1 133 ? -6.014  -9.389  -9.330  1.00 56.52  ? 521 TRP A CZ3 1 
ATOM   802 C CH2 . TRP A 1 133 ? -5.581  -10.386 -10.212 1.00 58.18  ? 521 TRP A CH2 1 
ATOM   803 N N   . PHE A 1 134 ? -8.333  -2.878  -11.104 1.00 69.67  ? 522 PHE A N   1 
ATOM   804 C CA  . PHE A 1 134 ? -8.796  -1.660  -10.442 1.00 70.10  ? 522 PHE A CA  1 
ATOM   805 C C   . PHE A 1 134 ? -7.642  -0.668  -10.453 1.00 70.49  ? 522 PHE A C   1 
ATOM   806 O O   . PHE A 1 134 ? -6.603  -0.915  -9.834  1.00 68.85  ? 522 PHE A O   1 
ATOM   807 C CB  . PHE A 1 134 ? -9.274  -1.943  -9.017  1.00 68.63  ? 522 PHE A CB  1 
ATOM   808 C CG  . PHE A 1 134 ? -10.505 -2.802  -8.955  1.00 67.48  ? 522 PHE A CG  1 
ATOM   809 C CD1 . PHE A 1 134 ? -11.754 -2.259  -9.213  1.00 68.84  ? 522 PHE A CD1 1 
ATOM   810 C CD2 . PHE A 1 134 ? -10.414 -4.150  -8.659  1.00 65.07  ? 522 PHE A CD2 1 
ATOM   811 C CE1 . PHE A 1 134 ? -12.894 -3.045  -9.174  1.00 67.99  ? 522 PHE A CE1 1 
ATOM   812 C CE2 . PHE A 1 134 ? -11.552 -4.945  -8.616  1.00 64.63  ? 522 PHE A CE2 1 
ATOM   813 C CZ  . PHE A 1 134 ? -12.794 -4.387  -8.875  1.00 65.94  ? 522 PHE A CZ  1 
ATOM   814 N N   . ALA A 1 135 ? -7.821  0.446   -11.162 1.00 72.05  ? 523 ALA A N   1 
ATOM   815 C CA  . ALA A 1 135 ? -6.740  1.393   -11.404 1.00 73.77  ? 523 ALA A CA  1 
ATOM   816 C C   . ALA A 1 135 ? -6.662  2.411   -10.275 1.00 74.77  ? 523 ALA A C   1 
ATOM   817 O O   . ALA A 1 135 ? -7.683  3.016   -9.926  1.00 73.38  ? 523 ALA A O   1 
ATOM   818 C CB  . ALA A 1 135 ? -6.939  2.117   -12.727 1.00 76.56  ? 523 ALA A CB  1 
ATOM   819 N N   . PRO A 1 136 ? -5.486  2.637   -9.698  1.00 72.37  ? 524 PRO A N   1 
ATOM   820 C CA  . PRO A 1 136 ? -5.356  3.692   -8.692  1.00 74.25  ? 524 PRO A CA  1 
ATOM   821 C C   . PRO A 1 136 ? -5.380  5.061   -9.345  1.00 77.53  ? 524 PRO A C   1 
ATOM   822 O O   . PRO A 1 136 ? -5.166  5.215   -10.549 1.00 78.82  ? 524 PRO A O   1 
ATOM   823 C CB  . PRO A 1 136 ? -3.999  3.405   -8.045  1.00 74.13  ? 524 PRO A CB  1 
ATOM   824 C CG  . PRO A 1 136 ? -3.220  2.725   -9.116  1.00 74.63  ? 524 PRO A CG  1 
ATOM   825 C CD  . PRO A 1 136 ? -4.209  1.944   -9.946  1.00 72.92  ? 524 PRO A CD  1 
ATOM   826 N N   . ASP A 1 137 ? -5.651  6.071   -8.522  1.00 76.62  ? 525 ASP A N   1 
ATOM   827 C CA  . ASP A 1 137 ? -5.784  7.431   -9.028  1.00 81.87  ? 525 ASP A CA  1 
ATOM   828 C C   . ASP A 1 137 ? -4.448  8.166   -9.103  1.00 81.93  ? 525 ASP A C   1 
ATOM   829 O O   . ASP A 1 137 ? -4.190  8.859   -10.093 1.00 84.60  ? 525 ASP A O   1 
ATOM   830 C CB  . ASP A 1 137 ? -6.784  8.215   -8.173  1.00 86.96  ? 525 ASP A CB  1 
ATOM   831 C CG  . ASP A 1 137 ? -8.212  7.721   -8.349  1.00 91.00  ? 525 ASP A CG  1 
ATOM   832 O OD1 . ASP A 1 137 ? -8.725  7.750   -9.490  1.00 94.00  ? 525 ASP A OD1 1 
ATOM   833 O OD2 . ASP A 1 137 ? -8.820  7.283   -7.350  1.00 89.89  ? 525 ASP A OD2 1 
ATOM   834 N N   . PHE A 1 138 ? -3.585  8.044   -8.095  1.00 85.35  ? 526 PHE A N   1 
ATOM   835 C CA  . PHE A 1 138 ? -2.241  8.621   -8.225  1.00 86.70  ? 526 PHE A CA  1 
ATOM   836 C C   . PHE A 1 138 ? -1.256  7.765   -7.435  1.00 83.83  ? 526 PHE A C   1 
ATOM   837 O O   . PHE A 1 138 ? -1.618  6.718   -6.890  1.00 80.28  ? 526 PHE A O   1 
ATOM   838 C CB  . PHE A 1 138 ? -2.216  10.097  -7.795  1.00 88.36  ? 526 PHE A CB  1 
ATOM   839 C CG  . PHE A 1 138 ? -2.621  10.338  -6.366  1.00 86.25  ? 526 PHE A CG  1 
ATOM   840 C CD1 . PHE A 1 138 ? -3.937  10.635  -6.047  1.00 85.47  ? 526 PHE A CD1 1 
ATOM   841 C CD2 . PHE A 1 138 ? -1.683  10.294  -5.346  1.00 85.25  ? 526 PHE A CD2 1 
ATOM   842 C CE1 . PHE A 1 138 ? -4.313  10.867  -4.738  1.00 84.38  ? 526 PHE A CE1 1 
ATOM   843 C CE2 . PHE A 1 138 ? -2.053  10.526  -4.032  1.00 83.91  ? 526 PHE A CE2 1 
ATOM   844 C CZ  . PHE A 1 138 ? -3.368  10.812  -3.729  1.00 83.61  ? 526 PHE A CZ  1 
ATOM   845 N N   . ALA A 1 139 ? 0.003   8.200   -7.376  1.00 87.89  ? 527 ALA A N   1 
ATOM   846 C CA  . ALA A 1 139 ? 1.029   7.459   -6.666  1.00 86.52  ? 527 ALA A CA  1 
ATOM   847 C C   . ALA A 1 139 ? 1.883   8.431   -5.867  1.00 89.11  ? 527 ALA A C   1 
ATOM   848 O O   . ALA A 1 139 ? 1.784   9.651   -6.011  1.00 91.45  ? 527 ALA A O   1 
ATOM   849 C CB  . ALA A 1 139 ? 1.895   6.638   -7.630  1.00 86.42  ? 527 ALA A CB  1 
ATOM   850 N N   . VAL A 1 140 ? 2.737   7.866   -5.019  1.00 86.40  ? 528 VAL A N   1 
ATOM   851 C CA  . VAL A 1 140 ? 3.584   8.625   -4.109  1.00 89.85  ? 528 VAL A CA  1 
ATOM   852 C C   . VAL A 1 140 ? 4.933   7.927   -4.046  1.00 90.81  ? 528 VAL A C   1 
ATOM   853 O O   . VAL A 1 140 ? 5.008   6.741   -3.699  1.00 87.78  ? 528 VAL A O   1 
ATOM   854 C CB  . VAL A 1 140 ? 2.968   8.743   -2.703  1.00 89.15  ? 528 VAL A CB  1 
ATOM   855 C CG1 . VAL A 1 140 ? 3.999   9.241   -1.715  1.00 91.37  ? 528 VAL A CG1 1 
ATOM   856 C CG2 . VAL A 1 140 ? 1.767   9.680   -2.724  1.00 90.38  ? 528 VAL A CG2 1 
ATOM   857 N N   . SER A 1 141 ? 5.989   8.651   -4.413  1.00 93.06  ? 529 SER A N   1 
ATOM   858 C CA  . SER A 1 141 ? 7.351   8.156   -4.296  1.00 95.15  ? 529 SER A CA  1 
ATOM   859 C C   . SER A 1 141 ? 7.847   8.331   -2.869  1.00 96.48  ? 529 SER A C   1 
ATOM   860 O O   . SER A 1 141 ? 7.530   9.322   -2.200  1.00 98.19  ? 529 SER A O   1 
ATOM   861 C CB  . SER A 1 141 ? 8.280   8.895   -5.262  1.00 99.95  ? 529 SER A CB  1 
ATOM   862 O OG  . SER A 1 141 ? 7.857   8.750   -6.607  1.00 101.01 ? 529 SER A OG  1 
ATOM   863 N N   . MET A 1 142 ? 8.633   7.362   -2.412  1.00 95.53  ? 530 MET A N   1 
ATOM   864 C CA  . MET A 1 142 ? 9.109   7.324   -1.037  1.00 97.40  ? 530 MET A CA  1 
ATOM   865 C C   . MET A 1 142 ? 10.634  7.330   -0.984  1.00 101.19 ? 530 MET A C   1 
ATOM   866 O O   . MET A 1 142 ? 11.283  6.348   -1.353  1.00 100.95 ? 530 MET A O   1 
ATOM   867 C CB  . MET A 1 142 ? 8.560   6.084   -0.331  1.00 93.95  ? 530 MET A CB  1 
ATOM   868 C CG  . MET A 1 142 ? 7.090   5.813   -0.623  1.00 91.59  ? 530 MET A CG  1 
ATOM   869 S SD  . MET A 1 142 ? 5.968   6.826   0.355   1.00 93.76  ? 530 MET A SD  1 
ATOM   870 C CE  . MET A 1 142 ? 6.356   6.238   2.001   1.00 95.66  ? 530 MET A CE  1 
HETATM 871 O O   . HOH B 2 .   ? -4.824  -11.835 -6.933  1.00 55.51  ? 601 HOH A O   1 
HETATM 872 O O   . HOH B 2 .   ? -9.021  -14.694 -0.106  1.00 57.94  ? 602 HOH A O   1 
HETATM 873 O O   . HOH B 2 .   ? 15.926  6.033   -9.096  1.00 107.39 ? 603 HOH A O   1 
HETATM 874 O O   . HOH B 2 .   ? -10.302 -11.905 4.923   1.00 57.07  ? 604 HOH A O   1 
HETATM 875 O O   . HOH B 2 .   ? 2.284   -13.962 7.598   1.00 60.50  ? 605 HOH A O   1 
HETATM 876 O O   . HOH B 2 .   ? -1.532  -13.157 -4.237  1.00 57.19  ? 606 HOH A O   1 
HETATM 877 O O   . HOH B 2 .   ? -11.101 1.730   -8.542  0.50 66.96  ? 607 HOH A O   1 
HETATM 878 O O   . HOH B 2 .   ? -7.801  -3.385  -22.613 1.00 92.99  ? 608 HOH A O   1 
# 
loop_
_atom_site_anisotrop.id 
_atom_site_anisotrop.type_symbol 
_atom_site_anisotrop.pdbx_label_atom_id 
_atom_site_anisotrop.pdbx_label_alt_id 
_atom_site_anisotrop.pdbx_label_comp_id 
_atom_site_anisotrop.pdbx_label_asym_id 
_atom_site_anisotrop.pdbx_label_seq_id 
_atom_site_anisotrop.pdbx_PDB_ins_code 
_atom_site_anisotrop.U[1][1] 
_atom_site_anisotrop.U[2][2] 
_atom_site_anisotrop.U[3][3] 
_atom_site_anisotrop.U[1][2] 
_atom_site_anisotrop.U[1][3] 
_atom_site_anisotrop.U[2][3] 
_atom_site_anisotrop.pdbx_auth_seq_id 
_atom_site_anisotrop.pdbx_auth_comp_id 
_atom_site_anisotrop.pdbx_auth_asym_id 
_atom_site_anisotrop.pdbx_auth_atom_id 
1   N N   . VAL A 26  ? 0.8993 1.5807 1.4464 -0.3921 -0.2560 0.2851  414 VAL A N   
2   C CA  . VAL A 26  ? 0.8942 1.4895 1.3947 -0.3982 -0.2747 0.2687  414 VAL A CA  
3   C C   . VAL A 26  ? 0.8952 1.4618 1.3789 -0.4158 -0.2568 0.2861  414 VAL A C   
4   O O   . VAL A 26  ? 0.9287 1.4355 1.3962 -0.4353 -0.2743 0.2851  414 VAL A O   
5   C CB  . VAL A 26  ? 0.9319 1.4803 1.4290 -0.4141 -0.3123 0.2519  414 VAL A CB  
6   C CG1 . VAL A 26  ? 0.9238 1.4709 1.4088 -0.3915 -0.3333 0.2263  414 VAL A CG1 
7   C CG2 . VAL A 26  ? 0.9614 1.5476 1.5032 -0.4406 -0.3164 0.2691  414 VAL A CG2 
8   N N   . ASN A 27  ? 0.8486 1.4575 1.3343 -0.4074 -0.2212 0.3022  415 ASN A N   
9   C CA  . ASN A 27  ? 0.8493 1.4318 1.3087 -0.4204 -0.2019 0.3178  415 ASN A CA  
10  C C   . ASN A 27  ? 0.8246 1.3464 1.2226 -0.3897 -0.1923 0.2967  415 ASN A C   
11  O O   . ASN A 27  ? 0.8175 1.3270 1.1972 -0.3578 -0.1935 0.2728  415 ASN A O   
12  C CB  . ASN A 27  ? 0.8426 1.4921 1.3228 -0.4225 -0.1624 0.3421  415 ASN A CB  
13  C CG  . ASN A 27  ? 0.8048 1.5171 1.3050 -0.3896 -0.1387 0.3357  415 ASN A CG  
14  O OD1 . ASN A 27  ? 0.7761 1.4641 1.2484 -0.3554 -0.1397 0.3116  415 ASN A OD1 
15  N ND2 . ASN A 27  ? 0.8053 1.5916 1.3496 -0.3951 -0.1154 0.3559  415 ASN A ND2 
16  N N   . GLY A 28  ? 0.8702 1.3543 1.2369 -0.4008 -0.1836 0.3075  416 GLY A N   
17  C CA  . GLY A 28  ? 0.8329 1.2617 1.1459 -0.3759 -0.1770 0.2896  416 GLY A CA  
18  C C   . GLY A 28  ? 0.7910 1.2444 1.0835 -0.3396 -0.1443 0.2764  416 GLY A C   
19  O O   . GLY A 28  ? 0.7856 1.1985 1.0420 -0.3140 -0.1430 0.2548  416 GLY A O   
20  N N   . ALA A 29  ? 0.7602 1.2795 1.0774 -0.3367 -0.1165 0.2896  417 ALA A N   
21  C CA  . ALA A 29  ? 0.7563 1.2986 1.0593 -0.3007 -0.0853 0.2767  417 ALA A CA  
22  C C   . ALA A 29  ? 0.6963 1.2268 1.0006 -0.2730 -0.1006 0.2531  417 ALA A C   
23  O O   . ALA A 29  ? 0.6822 1.1915 0.9547 -0.2425 -0.0850 0.2354  417 ALA A O   
24  C CB  . ALA A 29  ? 0.7929 1.4122 1.1331 -0.3017 -0.0552 0.2952  417 ALA A CB  
25  N N   . ALA A 30  ? 0.7417 1.2832 1.0800 -0.2849 -0.1317 0.2525  418 ALA A N   
26  C CA  . ALA A 30  ? 0.6960 1.2266 1.0305 -0.2603 -0.1481 0.2312  418 ALA A CA  
27  C C   . ALA A 30  ? 0.7048 1.1600 0.9923 -0.2499 -0.1620 0.2088  418 ALA A C   
28  O O   . ALA A 30  ? 0.7296 1.1675 0.9926 -0.2198 -0.1560 0.1905  418 ALA A O   
29  C CB  . ALA A 30  ? 0.6864 1.2480 1.0654 -0.2789 -0.1805 0.2355  418 ALA A CB  
30  N N   . ILE A 31  ? 0.7368 1.1477 1.0133 -0.2741 -0.1797 0.2115  419 ILE A N   
31  C CA  . ILE A 31  ? 0.7317 1.0745 0.9686 -0.2634 -0.1902 0.1921  419 ILE A CA  
32  C C   . ILE A 31  ? 0.7048 1.0353 0.9062 -0.2389 -0.1599 0.1855  419 ILE A C   
33  O O   . ILE A 31  ? 0.6934 0.9917 0.8683 -0.2149 -0.1584 0.1651  419 ILE A O   
34  C CB  . ILE A 31  ? 0.7617 1.0623 0.9982 -0.2930 -0.2124 0.2007  419 ILE A CB  
35  C CG1 . ILE A 31  ? 0.7688 1.0727 1.0391 -0.3184 -0.2448 0.2034  419 ILE A CG1 
36  C CG2 . ILE A 31  ? 0.7747 1.0098 0.9754 -0.2790 -0.2201 0.1825  419 ILE A CG2 
37  C CD1 . ILE A 31  ? 0.7659 1.0326 1.0245 -0.3056 -0.2700 0.1758  419 ILE A CD1 
38  N N   . VAL A 32  ? 0.7435 1.0991 0.9424 -0.2458 -0.1347 0.2021  420 VAL A N   
39  C CA  . VAL A 32  ? 0.7229 1.0657 0.8857 -0.2261 -0.1064 0.1946  420 VAL A CA  
40  C C   . VAL A 32  ? 0.6954 1.0568 0.8555 -0.1932 -0.0873 0.1805  420 VAL A C   
41  O O   . VAL A 32  ? 0.6792 1.0085 0.8085 -0.1717 -0.0775 0.1636  420 VAL A O   
42  C CB  . VAL A 32  ? 0.7409 1.1093 0.8984 -0.2419 -0.0831 0.2148  420 VAL A CB  
43  C CG1 . VAL A 32  ? 0.7528 1.1111 0.8717 -0.2215 -0.0529 0.2043  420 VAL A CG1 
44  C CG2 . VAL A 32  ? 0.7609 1.1020 0.9136 -0.2730 -0.1028 0.2307  420 VAL A CG2 
45  N N   . ALA A 33  ? 0.6447 1.0587 0.8392 -0.1889 -0.0819 0.1887  421 ALA A N   
46  C CA  . ALA A 33  ? 0.6454 1.0786 0.8406 -0.1562 -0.0644 0.1792  421 ALA A CA  
47  C C   . ALA A 33  ? 0.6486 1.0461 0.8283 -0.1391 -0.0839 0.1601  421 ALA A C   
48  O O   . ALA A 33  ? 0.6396 1.0217 0.7971 -0.1115 -0.0679 0.1480  421 ALA A O   
49  C CB  . ALA A 33  ? 0.6481 1.1497 0.8908 -0.1558 -0.0590 0.1948  421 ALA A CB  
50  N N   . GLU A 34  ? 0.6585 1.0398 0.8473 -0.1555 -0.1176 0.1569  422 GLU A N   
51  C CA  . GLU A 34  ? 0.6656 1.0104 0.8340 -0.1402 -0.1350 0.1372  422 GLU A CA  
52  C C   . GLU A 34  ? 0.6547 0.9434 0.7846 -0.1320 -0.1280 0.1226  422 GLU A C   
53  O O   . GLU A 34  ? 0.6438 0.9095 0.7503 -0.1086 -0.1218 0.1075  422 GLU A O   
54  C CB  . GLU A 34  ? 0.6934 1.0318 0.8785 -0.1610 -0.1722 0.1347  422 GLU A CB  
55  C CG  . GLU A 34  ? 0.7176 1.0176 0.8773 -0.1463 -0.1904 0.1125  422 GLU A CG  
56  C CD  . GLU A 34  ? 0.7354 1.0650 0.8951 -0.1223 -0.1884 0.1094  422 GLU A CD  
57  O OE1 . GLU A 34  ? 0.7643 1.0631 0.8932 -0.1033 -0.1919 0.0926  422 GLU A OE1 
58  O OE2 . GLU A 34  ? 0.7366 1.1214 0.9280 -0.1217 -0.1832 0.1252  422 GLU A OE2 
59  N N   . ALA A 35  ? 0.6875 0.9551 0.8116 -0.1516 -0.1295 0.1284  423 ALA A N   
60  C CA  . ALA A 35  ? 0.6836 0.9034 0.7773 -0.1452 -0.1257 0.1163  423 ALA A CA  
61  C C   . ALA A 35  ? 0.6717 0.8921 0.7431 -0.1237 -0.0943 0.1108  423 ALA A C   
62  O O   . ALA A 35  ? 0.6619 0.8490 0.7110 -0.1090 -0.0896 0.0959  423 ALA A O   
63  C CB  . ALA A 35  ? 0.7000 0.9022 0.7940 -0.1707 -0.1355 0.1280  423 ALA A CB  
64  N N   . TYR A 36  ? 0.6559 0.9134 0.7343 -0.1219 -0.0715 0.1220  424 TYR A N   
65  C CA  . TYR A 36  ? 0.6599 0.9130 0.7158 -0.1019 -0.0408 0.1150  424 TYR A CA  
66  C C   . TYR A 36  ? 0.6461 0.8907 0.6951 -0.0736 -0.0341 0.1025  424 TYR A C   
67  O O   . TYR A 36  ? 0.6374 0.8603 0.6632 -0.0580 -0.0136 0.0927  424 TYR A O   
68  C CB  . TYR A 36  ? 0.6826 0.9772 0.7485 -0.1034 -0.0158 0.1282  424 TYR A CB  
69  C CG  . TYR A 36  ? 0.7112 0.9970 0.7559 -0.1211 -0.0045 0.1335  424 TYR A CG  
70  C CD1 . TYR A 36  ? 0.7302 1.0195 0.7827 -0.1497 -0.0220 0.1481  424 TYR A CD1 
71  C CD2 . TYR A 36  ? 0.7234 0.9950 0.7375 -0.1101 0.0226  0.1243  424 TYR A CD2 
72  C CE1 . TYR A 36  ? 0.7504 1.0319 0.7786 -0.1661 -0.0131 0.1554  424 TYR A CE1 
73  C CE2 . TYR A 36  ? 0.7506 1.0141 0.7392 -0.1273 0.0309  0.1284  424 TYR A CE2 
74  C CZ  . TYR A 36  ? 0.7675 1.0375 0.7624 -0.1549 0.0127  0.1448  424 TYR A CZ  
75  O OH  . TYR A 36  ? 0.8038 1.0662 0.7688 -0.1722 0.0196  0.1512  424 TYR A OH  
76  N N   . LYS A 37  ? 0.6532 0.9123 0.7194 -0.0681 -0.0520 0.1029  425 LYS A N   
77  C CA  . LYS A 37  ? 0.6529 0.9057 0.7091 -0.0413 -0.0467 0.0943  425 LYS A CA  
78  C C   . LYS A 37  ? 0.6536 0.8572 0.6799 -0.0329 -0.0472 0.0776  425 LYS A C   
79  O O   . LYS A 37  ? 0.6538 0.8460 0.6648 -0.0105 -0.0345 0.0715  425 LYS A O   
80  C CB  . LYS A 37  ? 0.6581 0.9367 0.7346 -0.0405 -0.0709 0.0981  425 LYS A CB  
81  C CG  . LYS A 37  ? 0.6555 0.9909 0.7699 -0.0478 -0.0719 0.1158  425 LYS A CG  
82  C CD  . LYS A 37  ? 0.6577 1.0164 0.7919 -0.0516 -0.1024 0.1179  425 LYS A CD  
83  C CE  . LYS A 37  ? 0.6651 1.0880 0.8447 -0.0584 -0.1038 0.1370  425 LYS A CE  
84  N NZ  . LYS A 37  ? 0.6870 1.1346 0.8864 -0.0644 -0.1372 0.1384  425 LYS A NZ  
85  N N   . TYR A 38  ? 0.6617 0.8374 0.6820 -0.0495 -0.0610 0.0717  426 TYR A N   
86  C CA  . TYR A 38  ? 0.6603 0.7956 0.6606 -0.0417 -0.0638 0.0562  426 TYR A CA  
87  C C   . TYR A 38  ? 0.6444 0.7559 0.6313 -0.0460 -0.0500 0.0519  426 TYR A C   
88  O O   . TYR A 38  ? 0.6534 0.7352 0.6314 -0.0439 -0.0543 0.0409  426 TYR A O   
89  C CB  . TYR A 38  ? 0.6779 0.7978 0.6847 -0.0531 -0.0934 0.0501  426 TYR A CB  
90  C CG  . TYR A 38  ? 0.7024 0.8467 0.7210 -0.0527 -0.1105 0.0532  426 TYR A CG  
91  C CD1 . TYR A 38  ? 0.7278 0.8720 0.7321 -0.0326 -0.1097 0.0458  426 TYR A CD1 
92  C CD2 . TYR A 38  ? 0.7029 0.8731 0.7472 -0.0738 -0.1275 0.0653  426 TYR A CD2 
93  C CE1 . TYR A 38  ? 0.7261 0.8956 0.7398 -0.0331 -0.1284 0.0491  426 TYR A CE1 
94  C CE2 . TYR A 38  ? 0.7153 0.9116 0.7741 -0.0759 -0.1453 0.0682  426 TYR A CE2 
95  C CZ  . TYR A 38  ? 0.7283 0.9249 0.7714 -0.0554 -0.1470 0.0596  426 TYR A CZ  
96  O OH  . TYR A 38  ? 0.7532 0.9783 0.8094 -0.0586 -0.1684 0.0627  426 TYR A OH  
97  N N   . ILE A 39  ? 0.6417 0.7672 0.6266 -0.0517 -0.0330 0.0598  427 ILE A N   
98  C CA  . ILE A 39  ? 0.6380 0.7419 0.6054 -0.0559 -0.0199 0.0544  427 ILE A CA  
99  C C   . ILE A 39  ? 0.6392 0.7190 0.5915 -0.0369 -0.0043 0.0414  427 ILE A C   
100 O O   . ILE A 39  ? 0.6394 0.7250 0.5882 -0.0181 0.0098  0.0410  427 ILE A O   
101 C CB  . ILE A 39  ? 0.6359 0.7591 0.5972 -0.0623 -0.0008 0.0625  427 ILE A CB  
102 C CG1 . ILE A 39  ? 0.6254 0.7686 0.5993 -0.0857 -0.0160 0.0771  427 ILE A CG1 
103 C CG2 . ILE A 39  ? 0.6422 0.7414 0.5790 -0.0635 0.0157  0.0532  427 ILE A CG2 
104 C CD1 . ILE A 39  ? 0.6332 0.8019 0.6014 -0.0917 0.0044  0.0864  427 ILE A CD1 
105 N N   . GLY A 40  ? 0.6331 0.6869 0.5788 -0.0417 -0.0077 0.0327  428 GLY A N   
106 C CA  . GLY A 40  ? 0.6397 0.6713 0.5748 -0.0274 0.0067  0.0215  428 GLY A CA  
107 C C   . GLY A 40  ? 0.6525 0.6741 0.5913 -0.0158 -0.0028 0.0150  428 GLY A C   
108 O O   . GLY A 40  ? 0.6724 0.6768 0.6025 -0.0042 0.0106  0.0072  428 GLY A O   
109 N N   . THR A 41  ? 0.6469 0.6774 0.5963 -0.0193 -0.0244 0.0174  429 THR A N   
110 C CA  . THR A 41  ? 0.6555 0.6725 0.6034 -0.0097 -0.0345 0.0079  429 THR A CA  
111 C C   . THR A 41  ? 0.6545 0.6497 0.6088 -0.0142 -0.0388 -0.0011 429 THR A C   
112 O O   . THR A 41  ? 0.6473 0.6414 0.6146 -0.0298 -0.0528 0.0029  429 THR A O   
113 C CB  . THR A 41  ? 0.6631 0.6912 0.6202 -0.0160 -0.0590 0.0106  429 THR A CB  
114 O OG1 . THR A 41  ? 0.6595 0.7152 0.6174 -0.0121 -0.0557 0.0206  429 THR A OG1 
115 C CG2 . THR A 41  ? 0.6720 0.6825 0.6207 -0.0056 -0.0688 -0.0028 429 THR A CG2 
116 N N   . PRO A 42  ? 0.6841 0.6640 0.6313 -0.0009 -0.0264 -0.0112 430 PRO A N   
117 C CA  . PRO A 42  ? 0.6808 0.6463 0.6416 -0.0039 -0.0287 -0.0188 430 PRO A CA  
118 C C   . PRO A 42  ? 0.6887 0.6455 0.6638 -0.0071 -0.0526 -0.0238 430 PRO A C   
119 O O   . PRO A 42  ? 0.6888 0.6448 0.6581 -0.0044 -0.0653 -0.0263 430 PRO A O   
120 C CB  . PRO A 42  ? 0.6795 0.6352 0.6296 0.0123  -0.0066 -0.0271 430 PRO A CB  
121 C CG  . PRO A 42  ? 0.6943 0.6542 0.6221 0.0253  -0.0008 -0.0251 430 PRO A CG  
122 C CD  . PRO A 42  ? 0.6951 0.6726 0.6232 0.0174  -0.0078 -0.0136 430 PRO A CD  
123 N N   . TYR A 43  ? 0.6810 0.6302 0.6761 -0.0131 -0.0599 -0.0253 431 TYR A N   
124 C CA  . TYR A 43  ? 0.7025 0.6379 0.7148 -0.0139 -0.0813 -0.0301 431 TYR A CA  
125 C C   . TYR A 43  ? 0.7265 0.6481 0.7358 0.0050  -0.0729 -0.0468 431 TYR A C   
126 O O   . TYR A 43  ? 0.7446 0.6680 0.7543 0.0151  -0.0522 -0.0524 431 TYR A O   
127 C CB  . TYR A 43  ? 0.7037 0.6378 0.7409 -0.0245 -0.0927 -0.0234 431 TYR A CB  
128 C CG  . TYR A 43  ? 0.7276 0.6457 0.7838 -0.0285 -0.1186 -0.0220 431 TYR A CG  
129 C CD1 . TYR A 43  ? 0.7442 0.6445 0.8158 -0.0135 -0.1216 -0.0356 431 TYR A CD1 
130 C CD2 . TYR A 43  ? 0.7295 0.6486 0.7886 -0.0468 -0.1386 -0.0066 431 TYR A CD2 
131 C CE1 . TYR A 43  ? 0.7598 0.6396 0.8497 -0.0156 -0.1450 -0.0349 431 TYR A CE1 
132 C CE2 . TYR A 43  ? 0.7515 0.6510 0.8283 -0.0511 -0.1625 -0.0034 431 TYR A CE2 
133 C CZ  . TYR A 43  ? 0.7731 0.6508 0.8655 -0.0350 -0.1663 -0.0181 431 TYR A CZ  
134 O OH  . TYR A 43  ? 0.8085 0.6608 0.9192 -0.0380 -0.1900 -0.0152 431 TYR A OH  
135 N N   . VAL A 44  ? 0.7197 0.6269 0.7249 0.0088  -0.0883 -0.0553 432 VAL A N   
136 C CA  . VAL A 44  ? 0.7565 0.6465 0.7560 0.0266  -0.0822 -0.0739 432 VAL A CA  
137 C C   . VAL A 44  ? 0.7838 0.6507 0.7992 0.0243  -0.1065 -0.0809 432 VAL A C   
138 O O   . VAL A 44  ? 0.7898 0.6508 0.8005 0.0120  -0.1274 -0.0769 432 VAL A O   
139 C CB  . VAL A 44  ? 0.7778 0.6685 0.7409 0.0373  -0.0727 -0.0818 432 VAL A CB  
140 C CG1 . VAL A 44  ? 0.8054 0.6756 0.7563 0.0545  -0.0675 -0.1027 432 VAL A CG1 
141 C CG2 . VAL A 44  ? 0.7585 0.6665 0.7066 0.0421  -0.0473 -0.0734 432 VAL A CG2 
142 N N   . TRP A 45  ? 0.7437 0.5975 0.7810 0.0357  -0.1037 -0.0905 433 TRP A N   
143 C CA  . TRP A 45  ? 0.7948 0.6205 0.8490 0.0367  -0.1253 -0.0980 433 TRP A CA  
144 C C   . TRP A 45  ? 0.8167 0.6203 0.8413 0.0403  -0.1339 -0.1150 433 TRP A C   
145 O O   . TRP A 45  ? 0.8296 0.6308 0.8269 0.0555  -0.1170 -0.1312 433 TRP A O   
146 C CB  . TRP A 45  ? 0.8347 0.6521 0.9183 0.0542  -0.1161 -0.1080 433 TRP A CB  
147 C CG  . TRP A 45  ? 0.8956 0.6819 1.0025 0.0563  -0.1389 -0.1124 433 TRP A CG  
148 C CD1 . TRP A 45  ? 0.9456 0.6989 1.0467 0.0717  -0.1411 -0.1350 433 TRP A CD1 
149 C CD2 . TRP A 45  ? 0.9071 0.6884 1.0441 0.0425  -0.1632 -0.0932 433 TRP A CD2 
150 N NE1 . TRP A 45  ? 0.9708 0.6962 1.1003 0.0691  -0.1651 -0.1313 433 TRP A NE1 
151 C CE2 . TRP A 45  ? 0.9411 0.6839 1.0931 0.0510  -0.1794 -0.1039 433 TRP A CE2 
152 C CE3 . TRP A 45  ? 0.8935 0.6969 1.0429 0.0237  -0.1723 -0.0681 433 TRP A CE3 
153 C CZ2 . TRP A 45  ? 0.9544 0.6800 1.1358 0.0417  -0.2053 -0.0872 433 TRP A CZ2 
154 C CZ3 . TRP A 45  ? 0.9150 0.7044 1.0898 0.0137  -0.1979 -0.0518 433 TRP A CZ3 
155 C CH2 . TRP A 45  ? 0.9361 0.6868 1.1280 0.0228  -0.2145 -0.0599 433 TRP A CH2 
156 N N   . GLY A 46  ? 0.8432 0.6307 0.8711 0.0246  -0.1610 -0.1104 434 GLY A N   
157 C CA  . GLY A 46  ? 0.8758 0.6434 0.8770 0.0224  -0.1745 -0.1257 434 GLY A CA  
158 C C   . GLY A 46  ? 0.8627 0.6559 0.8333 0.0157  -0.1715 -0.1211 434 GLY A C   
159 O O   . GLY A 46  ? 0.8762 0.6572 0.8228 0.0132  -0.1845 -0.1340 434 GLY A O   
160 N N   . GLY A 47  ? 0.8191 0.6463 0.7903 0.0131  -0.1559 -0.1037 435 GLY A N   
161 C CA  . GLY A 47  ? 0.8274 0.6797 0.7733 0.0106  -0.1518 -0.0977 435 GLY A CA  
162 C C   . GLY A 47  ? 0.8531 0.7142 0.8056 -0.0111 -0.1772 -0.0869 435 GLY A C   
163 O O   . GLY A 47  ? 0.8350 0.6978 0.8136 -0.0283 -0.1896 -0.0721 435 GLY A O   
164 N N   . LYS A 48  ? 0.8604 0.7294 0.7889 -0.0112 -0.1855 -0.0931 436 LYS A N   
165 C CA  . LYS A 48  ? 0.8912 0.7712 0.8286 -0.0326 -0.2114 -0.0849 436 LYS A CA  
166 C C   . LYS A 48  ? 0.8804 0.8022 0.8093 -0.0337 -0.2082 -0.0716 436 LYS A C   
167 O O   . LYS A 48  ? 0.8897 0.8266 0.8259 -0.0499 -0.2301 -0.0666 436 LYS A O   
168 C CB  . LYS A 48  ? 0.9501 0.7959 0.8733 -0.0366 -0.2350 -0.1074 436 LYS A CB  
169 C CG  . LYS A 48  ? 0.9834 0.7845 0.9222 -0.0376 -0.2434 -0.1191 436 LYS A CG  
170 C CD  . LYS A 48  ? 1.0602 0.8230 0.9807 -0.0418 -0.2663 -0.1440 436 LYS A CD  
171 C CE  . LYS A 48  ? 1.1045 0.8227 1.0501 -0.0506 -0.2826 -0.1490 436 LYS A CE  
172 N NZ  . LYS A 48  ? 1.1835 0.8619 1.1127 -0.0606 -0.3087 -0.1724 436 LYS A NZ  
173 N N   . ASP A 49  ? 0.8569 0.7978 0.7737 -0.0170 -0.1824 -0.0650 437 ASP A N   
174 C CA  . ASP A 49  ? 0.8677 0.8454 0.7767 -0.0130 -0.1779 -0.0522 437 ASP A CA  
175 C C   . ASP A 49  ? 0.8128 0.8078 0.7275 -0.0034 -0.1489 -0.0375 437 ASP A C   
176 O O   . ASP A 49  ? 0.7840 0.7622 0.7044 -0.0004 -0.1339 -0.0396 437 ASP A O   
177 C CB  . ASP A 49  ? 0.9493 0.9222 0.8200 0.0025  -0.1805 -0.0659 437 ASP A CB  
178 C CG  . ASP A 49  ? 1.0288 0.9769 0.8722 0.0238  -0.1563 -0.0790 437 ASP A CG  
179 O OD1 . ASP A 49  ? 1.0186 0.9768 0.8613 0.0354  -0.1301 -0.0683 437 ASP A OD1 
180 O OD2 . ASP A 49  ? 1.0968 1.0145 0.9195 0.0286  -0.1626 -0.1007 437 ASP A OD2 
181 N N   . PRO A 50  ? 0.8428 0.8711 0.7580 0.0014  -0.1413 -0.0224 438 PRO A N   
182 C CA  . PRO A 50  ? 0.8043 0.8449 0.7259 0.0087  -0.1140 -0.0094 438 PRO A CA  
183 C C   . PRO A 50  ? 0.7808 0.7996 0.6810 0.0268  -0.0883 -0.0166 438 PRO A C   
184 O O   . PRO A 50  ? 0.7581 0.7806 0.6630 0.0302  -0.0665 -0.0084 438 PRO A O   
185 C CB  . PRO A 50  ? 0.8066 0.8847 0.7324 0.0144  -0.1130 0.0059  438 PRO A CB  
186 C CG  . PRO A 50  ? 0.8292 0.9240 0.7686 -0.0014 -0.1438 0.0063  438 PRO A CG  
187 C CD  . PRO A 50  ? 0.8559 0.9151 0.7757 -0.0037 -0.1602 -0.0146 438 PRO A CD  
188 N N   . SER A 51  ? 0.8458 0.8421 0.7221 0.0376  -0.0886 -0.0318 439 SER A N   
189 C CA  . SER A 51  ? 0.8392 0.8167 0.7014 0.0515  -0.0623 -0.0374 439 SER A CA  
190 C C   . SER A 51  ? 0.8142 0.7751 0.6980 0.0430  -0.0584 -0.0438 439 SER A C   
191 O O   . SER A 51  ? 0.8252 0.7770 0.7081 0.0503  -0.0363 -0.0454 439 SER A O   
192 C CB  . SER A 51  ? 0.8904 0.8521 0.7178 0.0669  -0.0601 -0.0507 439 SER A CB  
193 O OG  . SER A 51  ? 0.9319 0.8712 0.7595 0.0630  -0.0727 -0.0695 439 SER A OG  
194 N N   . GLY A 52  ? 0.8044 0.7616 0.7092 0.0274  -0.0804 -0.0459 440 GLY A N   
195 C CA  . GLY A 52  ? 0.7759 0.7197 0.7037 0.0194  -0.0813 -0.0482 440 GLY A CA  
196 C C   . GLY A 52  ? 0.7675 0.7028 0.7132 0.0036  -0.1095 -0.0494 440 GLY A C   
197 O O   . GLY A 52  ? 0.7873 0.7110 0.7234 0.0041  -0.1261 -0.0602 440 GLY A O   
198 N N   . PHE A 53  ? 0.7770 0.7159 0.7461 -0.0113 -0.1156 -0.0379 441 PHE A N   
199 C CA  . PHE A 53  ? 0.7656 0.6949 0.7531 -0.0286 -0.1414 -0.0338 441 PHE A CA  
200 C C   . PHE A 53  ? 0.7708 0.6814 0.7786 -0.0307 -0.1453 -0.0340 441 PHE A C   
201 O O   . PHE A 53  ? 0.7468 0.6644 0.7597 -0.0276 -0.1301 -0.0299 441 PHE A O   
202 C CB  . PHE A 53  ? 0.7308 0.6857 0.7279 -0.0477 -0.1481 -0.0137 441 PHE A CB  
203 C CG  . PHE A 53  ? 0.7177 0.6952 0.7069 -0.0491 -0.1524 -0.0104 441 PHE A CG  
204 C CD1 . PHE A 53  ? 0.7409 0.7086 0.7280 -0.0533 -0.1742 -0.0195 441 PHE A CD1 
205 C CD2 . PHE A 53  ? 0.7019 0.7107 0.6878 -0.0468 -0.1361 0.0017  441 PHE A CD2 
206 C CE1 . PHE A 53  ? 0.7413 0.7351 0.7249 -0.0562 -0.1816 -0.0152 441 PHE A CE1 
207 C CE2 . PHE A 53  ? 0.7054 0.7404 0.6904 -0.0467 -0.1413 0.0070  441 PHE A CE2 
208 C CZ  . PHE A 53  ? 0.7165 0.7463 0.7013 -0.0521 -0.1652 -0.0007 441 PHE A CZ  
209 N N   . ASP A 54  ? 0.7508 0.6370 0.7716 -0.0367 -0.1673 -0.0383 442 ASP A N   
210 C CA  . ASP A 54  ? 0.7596 0.6329 0.8051 -0.0449 -0.1789 -0.0291 442 ASP A CA  
211 C C   . ASP A 54  ? 0.7584 0.6376 0.8125 -0.0695 -0.1982 -0.0092 442 ASP A C   
212 O O   . ASP A 54  ? 0.7533 0.6505 0.7982 -0.0791 -0.2001 -0.0041 442 ASP A O   
213 C CB  . ASP A 54  ? 0.8028 0.6413 0.8607 -0.0322 -0.1879 -0.0454 442 ASP A CB  
214 C CG  . ASP A 54  ? 0.8673 0.6794 0.9183 -0.0361 -0.2075 -0.0571 442 ASP A CG  
215 O OD1 . ASP A 54  ? 0.8844 0.7086 0.9253 -0.0512 -0.2169 -0.0505 442 ASP A OD1 
216 O OD2 . ASP A 54  ? 0.9155 0.6947 0.9729 -0.0239 -0.2134 -0.0737 442 ASP A OD2 
217 N N   . CYS A 55  ? 0.7817 0.6480 0.8551 -0.0801 -0.2125 0.0039  443 CYS A N   
218 C CA  . CYS A 55  ? 0.7783 0.6530 0.8575 -0.1051 -0.2269 0.0270  443 CYS A CA  
219 C C   . CYS A 55  ? 0.7920 0.6572 0.8725 -0.1174 -0.2440 0.0256  443 CYS A C   
220 O O   . CYS A 55  ? 0.7852 0.6771 0.8630 -0.1334 -0.2437 0.0383  443 CYS A O   
221 C CB  . CYS A 55  ? 0.7814 0.6386 0.8785 -0.1131 -0.2423 0.0427  443 CYS A CB  
222 S SG  . CYS A 55  ? 0.8168 0.6237 0.9372 -0.1019 -0.2638 0.0316  443 CYS A SG  
223 N N   . SER A 56  ? 0.8330 0.6615 0.9186 -0.1103 -0.2583 0.0088  444 SER A N   
224 C CA  . SER A 56  ? 0.8614 0.6752 0.9489 -0.1256 -0.2786 0.0058  444 SER A CA  
225 C C   . SER A 56  ? 0.8546 0.6915 0.9230 -0.1210 -0.2716 -0.0077 444 SER A C   
226 O O   . SER A 56  ? 0.8423 0.6923 0.9143 -0.1397 -0.2846 -0.0010 444 SER A O   
227 C CB  . SER A 56  ? 0.9060 0.6663 1.0023 -0.1192 -0.2966 -0.0101 444 SER A CB  
228 O OG  . SER A 56  ? 0.9282 0.6751 1.0147 -0.0907 -0.2823 -0.0350 444 SER A OG  
229 N N   . GLY A 57  ? 0.8344 0.6776 0.8840 -0.0967 -0.2520 -0.0252 445 GLY A N   
230 C CA  . GLY A 57  ? 0.8212 0.6863 0.8495 -0.0903 -0.2458 -0.0353 445 GLY A CA  
231 C C   . GLY A 57  ? 0.7922 0.7047 0.8244 -0.1015 -0.2378 -0.0145 445 GLY A C   
232 O O   . GLY A 57  ? 0.8103 0.7438 0.8398 -0.1087 -0.2462 -0.0136 445 GLY A O   
233 N N   . PHE A 58  ? 0.7743 0.7047 0.8137 -0.1035 -0.2225 0.0022  446 PHE A N   
234 C CA  . PHE A 58  ? 0.7420 0.7155 0.7844 -0.1120 -0.2107 0.0207  446 PHE A CA  
235 C C   . PHE A 58  ? 0.7480 0.7365 0.8104 -0.1386 -0.2296 0.0371  446 PHE A C   
236 O O   . PHE A 58  ? 0.7304 0.7532 0.7978 -0.1435 -0.2296 0.0429  446 PHE A O   
237 C CB  . PHE A 58  ? 0.7146 0.6958 0.7559 -0.1102 -0.1918 0.0317  446 PHE A CB  
238 C CG  . PHE A 58  ? 0.6827 0.7024 0.7263 -0.1202 -0.1787 0.0501  446 PHE A CG  
239 C CD1 . PHE A 58  ? 0.6612 0.7112 0.6983 -0.1092 -0.1634 0.0494  446 PHE A CD1 
240 C CD2 . PHE A 58  ? 0.6792 0.7048 0.7304 -0.1391 -0.1807 0.0689  446 PHE A CD2 
241 C CE1 . PHE A 58  ? 0.6531 0.7387 0.6946 -0.1156 -0.1486 0.0652  446 PHE A CE1 
242 C CE2 . PHE A 58  ? 0.6643 0.7255 0.7147 -0.1473 -0.1651 0.0843  446 PHE A CE2 
243 C CZ  . PHE A 58  ? 0.6551 0.7466 0.7026 -0.1347 -0.1482 0.0815  446 PHE A CZ  
244 N N   . THR A 59  ? 0.7514 0.7156 0.8282 -0.1564 -0.2461 0.0465  447 THR A N   
245 C CA  . THR A 59  ? 0.7714 0.7472 0.8688 -0.1850 -0.2633 0.0647  447 THR A CA  
246 C C   . THR A 59  ? 0.8070 0.7781 0.9095 -0.1919 -0.2843 0.0522  447 THR A C   
247 O O   . THR A 59  ? 0.7987 0.8042 0.9177 -0.2097 -0.2910 0.0644  447 THR A O   
248 C CB  . THR A 59  ? 0.7873 0.7300 0.8961 -0.2014 -0.2780 0.0783  447 THR A CB  
249 O OG1 . THR A 59  ? 0.8235 0.7152 0.9312 -0.1921 -0.2942 0.0591  447 THR A OG1 
250 C CG2 . THR A 59  ? 0.7608 0.7107 0.8614 -0.1963 -0.2607 0.0909  447 THR A CG2 
251 N N   . ARG A 60  ? 0.8030 0.7334 0.8921 -0.1786 -0.2948 0.0271  448 ARG A N   
252 C CA  . ARG A 60  ? 0.8502 0.7727 0.9361 -0.1846 -0.3157 0.0110  448 ARG A CA  
253 C C   . ARG A 60  ? 0.8018 0.7730 0.8799 -0.1763 -0.3070 0.0103  448 ARG A C   
254 O O   . ARG A 60  ? 0.8043 0.7983 0.8950 -0.1932 -0.3246 0.0136  448 ARG A O   
255 C CB  . ARG A 60  ? 0.9248 0.7944 0.9895 -0.1670 -0.3228 -0.0188 448 ARG A CB  
256 C CG  . ARG A 60  ? 0.9978 0.8542 1.0504 -0.1731 -0.3452 -0.0398 448 ARG A CG  
257 C CD  . ARG A 60  ? 1.0577 0.8546 1.0885 -0.1580 -0.3520 -0.0704 448 ARG A CD  
258 N NE  . ARG A 60  ? 1.0629 0.8633 1.0592 -0.1284 -0.3337 -0.0911 448 ARG A NE  
259 C CZ  . ARG A 60  ? 1.1017 0.9113 1.0705 -0.1243 -0.3410 -0.1075 448 ARG A CZ  
260 N NH1 . ARG A 60  ? 1.1201 0.9313 1.0549 -0.0971 -0.3219 -0.1230 448 ARG A NH1 
261 N NH2 . ARG A 60  ? 1.1292 0.9481 1.1046 -0.1484 -0.3683 -0.1071 448 ARG A NH2 
262 N N   . TYR A 61  ? 0.8337 0.8217 0.8935 -0.1508 -0.2809 0.0074  449 TYR A N   
263 C CA  . TYR A 61  ? 0.7983 0.8287 0.8503 -0.1390 -0.2718 0.0086  449 TYR A CA  
264 C C   . TYR A 61  ? 0.7708 0.8543 0.8519 -0.1552 -0.2685 0.0343  449 TYR A C   
265 O O   . TYR A 61  ? 0.7628 0.8827 0.8543 -0.1592 -0.2781 0.0380  449 TYR A O   
266 C CB  . TYR A 61  ? 0.7615 0.7917 0.7888 -0.1095 -0.2428 0.0023  449 TYR A CB  
267 C CG  . TYR A 61  ? 0.7483 0.8093 0.7605 -0.0923 -0.2353 0.0006  449 TYR A CG  
268 C CD1 . TYR A 61  ? 0.7135 0.8182 0.7366 -0.0861 -0.2165 0.0187  449 TYR A CD1 
269 C CD2 . TYR A 61  ? 0.7775 0.8226 0.7627 -0.0815 -0.2471 -0.0189 449 TYR A CD2 
270 C CE1 . TYR A 61  ? 0.7169 0.8484 0.7285 -0.0684 -0.2108 0.0198  449 TYR A CE1 
271 C CE2 . TYR A 61  ? 0.7806 0.8537 0.7496 -0.0656 -0.2426 -0.0175 449 TYR A CE2 
272 C CZ  . TYR A 61  ? 0.7462 0.8624 0.7306 -0.0586 -0.2250 0.0031  449 TYR A CZ  
273 O OH  . TYR A 61  ? 0.7414 0.8839 0.7119 -0.0405 -0.2214 0.0071  449 TYR A OH  
274 N N   . VAL A 62  ? 0.7423 0.8334 0.8372 -0.1643 -0.2546 0.0523  450 VAL A N   
275 C CA  . VAL A 62  ? 0.7329 0.8749 0.8547 -0.1795 -0.2472 0.0766  450 VAL A CA  
276 C C   . VAL A 62  ? 0.7692 0.9245 0.9200 -0.2089 -0.2752 0.0845  450 VAL A C   
277 O O   . VAL A 62  ? 0.7478 0.9529 0.9213 -0.2149 -0.2780 0.0946  450 VAL A O   
278 C CB  . VAL A 62  ? 0.7102 0.8509 0.8336 -0.1862 -0.2288 0.0928  450 VAL A CB  
279 C CG1 . VAL A 62  ? 0.6985 0.8900 0.8484 -0.2042 -0.2201 0.1176  450 VAL A CG1 
280 C CG2 . VAL A 62  ? 0.6902 0.8242 0.7877 -0.1595 -0.2013 0.0847  450 VAL A CG2 
281 N N   . TYR A 63  ? 0.7365 0.8473 0.8901 -0.2276 -0.2970 0.0803  451 TYR A N   
282 C CA  . TYR A 63  ? 0.8071 0.9244 0.9892 -0.2593 -0.3246 0.0879  451 TYR A CA  
283 C C   . TYR A 63  ? 0.8325 0.9580 1.0116 -0.2572 -0.3461 0.0698  451 TYR A C   
284 O O   . TYR A 63  ? 0.8414 1.0019 1.0502 -0.2801 -0.3636 0.0796  451 TYR A O   
285 C CB  . TYR A 63  ? 0.8700 0.9295 1.0540 -0.2784 -0.3428 0.0875  451 TYR A CB  
286 C CG  . TYR A 63  ? 0.8898 0.9617 1.0923 -0.2987 -0.3331 0.1175  451 TYR A CG  
287 C CD1 . TYR A 63  ? 0.8813 0.9448 1.0668 -0.2847 -0.3107 0.1248  451 TYR A CD1 
288 C CD2 . TYR A 63  ? 0.9206 1.0158 1.1568 -0.3333 -0.3459 0.1395  451 TYR A CD2 
289 C CE1 . TYR A 63  ? 0.8990 0.9741 1.0944 -0.3035 -0.3021 0.1524  451 TYR A CE1 
290 C CE2 . TYR A 63  ? 0.9302 1.0379 1.1789 -0.3525 -0.3348 0.1688  451 TYR A CE2 
291 C CZ  . TYR A 63  ? 0.9370 1.0338 1.1623 -0.3367 -0.3131 0.1749  451 TYR A CZ  
292 O OH  . TYR A 63  ? 0.9886 1.0971 1.2191 -0.3560 -0.3026 0.2041  451 TYR A OH  
293 N N   . LEU A 64  ? 0.8454 0.9421 0.9888 -0.2309 -0.3450 0.0443  452 LEU A N   
294 C CA  . LEU A 64  ? 0.8669 0.9719 0.9985 -0.2270 -0.3650 0.0269  452 LEU A CA  
295 C C   . LEU A 64  ? 0.8396 1.0148 0.9874 -0.2190 -0.3561 0.0420  452 LEU A C   
296 O O   . LEU A 64  ? 0.8536 1.0606 1.0185 -0.2330 -0.3796 0.0430  452 LEU A O   
297 C CB  . LEU A 64  ? 0.8850 0.9441 0.9700 -0.1987 -0.3603 -0.0018 452 LEU A CB  
298 C CG  . LEU A 64  ? 0.9415 0.9768 1.0010 -0.2000 -0.3876 -0.0284 452 LEU A CG  
299 C CD1 . LEU A 64  ? 0.9848 1.0136 1.0710 -0.2370 -0.4221 -0.0276 452 LEU A CD1 
300 C CD2 . LEU A 64  ? 0.9637 0.9354 0.9839 -0.1799 -0.3814 -0.0560 452 LEU A CD2 
301 N N   . GLN A 65  ? 0.7917 0.9915 0.9363 -0.1967 -0.3234 0.0537  453 GLN A N   
302 C CA  . GLN A 65  ? 0.7742 1.0380 0.9362 -0.1848 -0.3118 0.0687  453 GLN A CA  
303 C C   . GLN A 65  ? 0.7629 1.0810 0.9766 -0.2119 -0.3179 0.0933  453 GLN A C   
304 O O   . GLN A 65  ? 0.7680 1.1399 1.0072 -0.2131 -0.3279 0.1022  453 GLN A O   
305 C CB  . GLN A 65  ? 0.7498 1.0185 0.8955 -0.1558 -0.2737 0.0742  453 GLN A CB  
306 C CG  . GLN A 65  ? 0.7685 0.9950 0.8681 -0.1279 -0.2644 0.0531  453 GLN A CG  
307 C CD  . GLN A 65  ? 0.8152 1.0462 0.8953 -0.1173 -0.2842 0.0403  453 GLN A CD  
308 O OE1 . GLN A 65  ? 0.8769 1.0686 0.9332 -0.1225 -0.3051 0.0195  453 GLN A OE1 
309 N NE2 . GLN A 65  ? 0.8002 1.0786 0.8887 -0.1017 -0.2779 0.0524  453 GLN A NE2 
310 N N   . VAL A 66  ? 0.7755 1.0835 1.0065 -0.2338 -0.3118 0.1066  454 VAL A N   
311 C CA  . VAL A 66  ? 0.7462 1.1109 1.0261 -0.2584 -0.3103 0.1331  454 VAL A CA  
312 C C   . VAL A 66  ? 0.7727 1.1400 1.0818 -0.2945 -0.3478 0.1341  454 VAL A C   
313 O O   . VAL A 66  ? 0.7593 1.1875 1.1113 -0.3096 -0.3571 0.1490  454 VAL A O   
314 C CB  . VAL A 66  ? 0.7295 1.0879 1.0121 -0.2669 -0.2848 0.1504  454 VAL A CB  
315 C CG1 . VAL A 66  ? 0.7288 1.1430 1.0604 -0.2959 -0.2826 0.1782  454 VAL A CG1 
316 C CG2 . VAL A 66  ? 0.6988 1.0628 0.9568 -0.2341 -0.2485 0.1495  454 VAL A CG2 
317 N N   . THR A 67  ? 0.7843 1.0862 1.0736 -0.3090 -0.3702 0.1178  455 THR A N   
318 C CA  . THR A 67  ? 0.8368 1.1251 1.1484 -0.3430 -0.3996 0.1174  455 THR A CA  
319 C C   . THR A 67  ? 0.8871 1.1398 1.1726 -0.3385 -0.4269 0.0869  455 THR A C   
320 O O   . THR A 67  ? 0.9291 1.1783 1.2302 -0.3595 -0.4449 0.0836  455 THR A O   
321 C CB  . THR A 67  ? 0.8688 1.0998 1.1759 -0.3611 -0.3977 0.1233  455 THR A CB  
322 O OG1 . THR A 67  ? 0.8851 1.0446 1.1518 -0.3470 -0.4068 0.0978  455 THR A OG1 
323 C CG2 . THR A 67  ? 0.8392 1.0978 1.1595 -0.3640 -0.3703 0.1511  455 THR A CG2 
324 N N   . GLY A 68  ? 0.8879 1.1135 1.1320 -0.3131 -0.4302 0.0645  456 GLY A N   
325 C CA  . GLY A 68  ? 0.9467 1.1368 1.1578 -0.3077 -0.4540 0.0341  456 GLY A CA  
326 C C   . GLY A 68  ? 1.0092 1.1176 1.1961 -0.3166 -0.4660 0.0117  456 GLY A C   
327 O O   . GLY A 68  ? 1.0451 1.1164 1.1962 -0.3089 -0.4822 -0.0177 456 GLY A O   
328 N N   . ARG A 69  ? 0.9780 1.0570 1.1817 -0.3315 -0.4580 0.0251  457 ARG A N   
329 C CA  . ARG A 69  ? 1.0498 1.0501 1.2349 -0.3371 -0.4685 0.0070  457 ARG A CA  
330 C C   . ARG A 69  ? 1.0310 0.9868 1.1875 -0.3134 -0.4564 -0.0039 457 ARG A C   
331 O O   . ARG A 69  ? 0.9847 0.9689 1.1424 -0.2985 -0.4351 0.0103  457 ARG A O   
332 C CB  . ARG A 69  ? 1.0958 1.0850 1.3144 -0.3658 -0.4694 0.0296  457 ARG A CB  
333 C CG  . ARG A 69  ? 1.0898 1.0943 1.3260 -0.3675 -0.4475 0.0598  457 ARG A CG  
334 C CD  . ARG A 69  ? 1.1426 1.1846 1.4190 -0.3966 -0.4442 0.0912  457 ARG A CD  
335 N NE  . ARG A 69  ? 1.2018 1.1992 1.4828 -0.4102 -0.4420 0.1078  457 ARG A NE  
336 C CZ  . ARG A 69  ? 1.1790 1.1773 1.4581 -0.4054 -0.4237 0.1279  457 ARG A CZ  
337 N NH1 . ARG A 69  ? 1.1387 1.1792 1.4124 -0.3883 -0.4051 0.1321  457 ARG A NH1 
338 N NH2 . ARG A 69  ? 1.1971 1.1543 1.4786 -0.4179 -0.4251 0.1445  457 ARG A NH2 
339 N N   . ASP A 70  ? 1.1285 1.0140 1.2594 -0.3073 -0.4666 -0.0300 458 ASP A N   
340 C CA  . ASP A 70  ? 1.1037 0.9427 1.2067 -0.2819 -0.4578 -0.0472 458 ASP A CA  
341 C C   . ASP A 70  ? 1.1132 0.9031 1.2321 -0.2893 -0.4554 -0.0363 458 ASP A C   
342 O O   . ASP A 70  ? 1.1610 0.8936 1.2738 -0.2932 -0.4677 -0.0521 458 ASP A O   
343 C CB  . ASP A 70  ? 1.1343 0.9317 1.1934 -0.2638 -0.4677 -0.0870 458 ASP A CB  
344 C CG  . ASP A 70  ? 1.1053 0.8826 1.1324 -0.2241 -0.4391 -0.1018 458 ASP A CG  
345 O OD1 . ASP A 70  ? 1.0780 0.8379 1.1174 -0.2149 -0.4223 -0.0907 458 ASP A OD1 
346 O OD2 . ASP A 70  ? 1.1124 0.8933 1.1020 -0.2028 -0.4337 -0.1235 458 ASP A OD2 
347 N N   . ILE A 71  ? 1.0651 0.8781 1.2021 -0.2890 -0.4377 -0.0087 459 ILE A N   
348 C CA  . ILE A 71  ? 1.0818 0.8485 1.2280 -0.2901 -0.4360 0.0018  459 ILE A CA  
349 C C   . ILE A 71  ? 1.1226 0.8468 1.2401 -0.2541 -0.4246 -0.0259 459 ILE A C   
350 O O   . ILE A 71  ? 1.0823 0.8231 1.1732 -0.2305 -0.4122 -0.0461 459 ILE A O   
351 C CB  . ILE A 71  ? 1.0062 0.8139 1.1710 -0.2960 -0.4164 0.0382  459 ILE A CB  
352 C CG1 . ILE A 71  ? 0.9325 0.7737 1.0777 -0.2637 -0.3852 0.0358  459 ILE A CG1 
353 C CG2 . ILE A 71  ? 0.9899 0.8534 1.1807 -0.3250 -0.4188 0.0632  459 ILE A CG2 
354 C CD1 . ILE A 71  ? 0.8772 0.7549 1.0335 -0.2688 -0.3654 0.0673  459 ILE A CD1 
355 N N   . GLY A 72  ? 1.0861 0.7567 1.2100 -0.2494 -0.4283 -0.0257 460 GLY A N   
356 C CA  . GLY A 72  ? 1.1422 0.7703 1.2458 -0.2164 -0.4192 -0.0535 460 GLY A CA  
357 C C   . GLY A 72  ? 1.1025 0.7655 1.1849 -0.1842 -0.3896 -0.0622 460 GLY A C   
358 O O   . GLY A 72  ? 1.0644 0.7788 1.1519 -0.1837 -0.3721 -0.0405 460 GLY A O   
359 N N   . GLY A 73  ? 1.1578 0.7911 1.2153 -0.1575 -0.3825 -0.0944 461 GLY A N   
360 C CA  . GLY A 73  ? 1.1267 0.7875 1.1644 -0.1274 -0.3535 -0.1028 461 GLY A CA  
361 C C   . GLY A 73  ? 1.1282 0.7872 1.1828 -0.1104 -0.3356 -0.0911 461 GLY A C   
362 O O   . GLY A 73  ? 1.1174 0.8107 1.1641 -0.0935 -0.3112 -0.0878 461 GLY A O   
363 N N   . TRP A 74  ? 1.1530 0.7721 1.2316 -0.1148 -0.3487 -0.0841 462 TRP A N   
364 C CA  . TRP A 74  ? 1.1107 0.7314 1.2109 -0.1030 -0.3381 -0.0676 462 TRP A CA  
365 C C   . TRP A 74  ? 1.1067 0.7262 1.2321 -0.1304 -0.3557 -0.0336 462 TRP A C   
366 O O   . TRP A 74  ? 1.1352 0.7598 1.2626 -0.1580 -0.3710 -0.0222 462 TRP A O   
367 C CB  . TRP A 74  ? 1.1309 0.7057 1.2371 -0.0756 -0.3348 -0.0902 462 TRP A CB  
368 C CG  . TRP A 74  ? 1.1785 0.6901 1.2869 -0.0796 -0.3572 -0.1082 462 TRP A CG  
369 C CD1 . TRP A 74  ? 1.2108 0.6988 1.2937 -0.0865 -0.3681 -0.1340 462 TRP A CD1 
370 C CD2 . TRP A 74  ? 1.1980 0.6586 1.3347 -0.0761 -0.3721 -0.1029 462 TRP A CD2 
371 N NE1 . TRP A 74  ? 1.2663 0.6887 1.3586 -0.0891 -0.3882 -0.1470 462 TRP A NE1 
372 C CE2 . TRP A 74  ? 1.2585 0.6618 1.3851 -0.0816 -0.3902 -0.1275 462 TRP A CE2 
373 C CE3 . TRP A 74  ? 1.1716 0.6286 1.3411 -0.0689 -0.3734 -0.0791 462 TRP A CE3 
374 C CZ2 . TRP A 74  ? 1.3025 0.6415 1.4518 -0.0788 -0.4075 -0.1291 462 TRP A CZ2 
375 C CZ3 . TRP A 74  ? 1.2177 0.6148 1.4110 -0.0652 -0.3919 -0.0782 462 TRP A CZ3 
376 C CH2 . TRP A 74  ? 1.2814 0.6184 1.4652 -0.0695 -0.4078 -0.1030 462 TRP A CH2 
377 N N   . THR A 75  ? 1.1569 0.7721 1.3020 -0.1234 -0.3536 -0.0160 463 THR A N   
378 C CA  . THR A 75  ? 1.1166 0.7464 1.2769 -0.1478 -0.3633 0.0209  463 THR A CA  
379 C C   . THR A 75  ? 1.1522 0.7374 1.3274 -0.1717 -0.3910 0.0331  463 THR A C   
380 O O   . THR A 75  ? 1.1496 0.7531 1.3285 -0.2014 -0.3993 0.0583  463 THR A O   
381 C CB  . THR A 75  ? 1.0955 0.7324 1.2693 -0.1337 -0.3565 0.0361  463 THR A CB  
382 O OG1 . THR A 75  ? 1.1027 0.7385 1.2885 -0.1569 -0.3716 0.0715  463 THR A OG1 
383 C CG2 . THR A 75  ? 1.1245 0.7185 1.3145 -0.1057 -0.3595 0.0165  463 THR A CG2 
384 N N   . VAL A 76  ? 1.1781 0.7043 1.3632 -0.1593 -0.4043 0.0157  464 VAL A N   
385 C CA  . VAL A 76  ? 1.2157 0.6901 1.4194 -0.1796 -0.4309 0.0313  464 VAL A CA  
386 C C   . VAL A 76  ? 1.2327 0.6975 1.4300 -0.2099 -0.4463 0.0266  464 VAL A C   
387 O O   . VAL A 76  ? 1.2342 0.7032 1.4420 -0.2367 -0.4565 0.0564  464 VAL A O   
388 C CB  . VAL A 76  ? 1.2698 0.6799 1.4887 -0.1539 -0.4394 0.0134  464 VAL A CB  
389 C CG1 . VAL A 76  ? 1.3458 0.7084 1.5809 -0.1710 -0.4618 0.0315  464 VAL A CG1 
390 C CG2 . VAL A 76  ? 1.2367 0.6641 1.4704 -0.1266 -0.4268 0.0228  464 VAL A CG2 
391 N N   . PRO A 77  ? 1.2008 0.6638 1.3781 -0.2041 -0.4439 -0.0077 465 PRO A N   
392 C CA  . PRO A 77  ? 1.2312 0.7040 1.4026 -0.2320 -0.4552 -0.0082 465 PRO A CA  
393 C C   . PRO A 77  ? 1.2076 0.7435 1.3862 -0.2594 -0.4509 0.0245  465 PRO A C   
394 O O   . PRO A 77  ? 1.2381 0.7813 1.4262 -0.2853 -0.4594 0.0417  465 PRO A O   
395 C CB  . PRO A 77  ? 1.2334 0.7049 1.3770 -0.2176 -0.4519 -0.0497 465 PRO A CB  
396 C CG  . PRO A 77  ? 1.1968 0.6833 1.3287 -0.1812 -0.4275 -0.0628 465 PRO A CG  
397 C CD  . PRO A 77  ? 1.2008 0.6581 1.3571 -0.1697 -0.4278 -0.0459 465 PRO A CD  
398 N N   . GLN A 78  ? 1.1831 0.7697 1.3565 -0.2503 -0.4319 0.0339  466 GLN A N   
399 C CA  . GLN A 78  ? 1.1455 0.7935 1.3248 -0.2726 -0.4233 0.0636  466 GLN A CA  
400 C C   . GLN A 78  ? 1.1846 0.8258 1.3825 -0.2975 -0.4315 0.1021  466 GLN A C   
401 O O   . GLN A 78  ? 1.1640 0.8522 1.3672 -0.3193 -0.4246 0.1273  466 GLN A O   
402 C CB  . GLN A 78  ? 1.0608 0.7604 1.2249 -0.2496 -0.3942 0.0644  466 GLN A CB  
403 C CG  . GLN A 78  ? 1.0191 0.7312 1.1613 -0.2239 -0.3814 0.0312  466 GLN A CG  
404 C CD  . GLN A 78  ? 0.9394 0.7077 1.0686 -0.2088 -0.3534 0.0359  466 GLN A CD  
405 O OE1 . GLN A 78  ? 0.9054 0.7020 1.0400 -0.2159 -0.3425 0.0610  466 GLN A OE1 
406 N NE2 . GLN A 78  ? 0.9147 0.6966 1.0238 -0.1882 -0.3416 0.0117  466 GLN A NE2 
407 N N   . GLU A 79  ? 1.0880 0.6763 1.2934 -0.2899 -0.4422 0.1081  467 GLU A N   
408 C CA  . GLU A 79  ? 1.1492 0.7297 1.3662 -0.3090 -0.4490 0.1456  467 GLU A CA  
409 C C   . GLU A 79  ? 1.1802 0.7526 1.4057 -0.3339 -0.4599 0.1530  467 GLU A C   
410 O O   . GLU A 79  ? 1.1877 0.7631 1.4216 -0.3544 -0.4635 0.1863  467 GLU A O   
411 C CB  . GLU A 79  ? 1.2482 0.7744 1.4733 -0.2908 -0.4597 0.1496  467 GLU A CB  
412 C CG  . GLU A 79  ? 1.2949 0.8273 1.5179 -0.2672 -0.4512 0.1460  467 GLU A CG  
413 C CD  . GLU A 79  ? 1.3760 0.8545 1.6135 -0.2439 -0.4626 0.1443  467 GLU A CD  
414 O OE1 . GLU A 79  ? 1.3717 0.8425 1.6106 -0.2138 -0.4549 0.1210  467 GLU A OE1 
415 O OE2 . GLU A 79  ? 1.4273 0.8772 1.6753 -0.2526 -0.4765 0.1662  467 GLU A OE2 
416 N N   . SER A 80  ? 1.1991 0.7615 1.4211 -0.3339 -0.4656 0.1231  468 SER A N   
417 C CA  . SER A 80  ? 1.2608 0.8134 1.4925 -0.3588 -0.4776 0.1270  468 SER A CA  
418 C C   . SER A 80  ? 1.2352 0.8522 1.4715 -0.3801 -0.4702 0.1337  468 SER A C   
419 O O   . SER A 80  ? 1.2880 0.9068 1.5372 -0.4045 -0.4792 0.1413  468 SER A O   
420 C CB  . SER A 80  ? 1.3194 0.8151 1.5439 -0.3478 -0.4914 0.0893  468 SER A CB  
421 O OG  . SER A 80  ? 1.3488 0.7866 1.5727 -0.3240 -0.4960 0.0806  468 SER A OG  
422 N N   . ALA A 81  ? 1.2611 0.9319 1.4902 -0.3714 -0.4539 0.1314  469 ALA A N   
423 C CA  . ALA A 81  ? 1.2193 0.9525 1.4549 -0.3849 -0.4471 0.1321  469 ALA A CA  
424 C C   . ALA A 81  ? 1.2359 1.0127 1.4917 -0.4134 -0.4401 0.1696  469 ALA A C   
425 O O   . ALA A 81  ? 1.2531 1.0807 1.5224 -0.4271 -0.4364 0.1721  469 ALA A O   
426 C CB  . ALA A 81  ? 1.1368 0.9132 1.3597 -0.3650 -0.4310 0.1204  469 ALA A CB  
427 N N   . GLY A 82  ? 1.2174 0.9781 1.4755 -0.4218 -0.4380 0.1991  470 GLY A N   
428 C CA  . GLY A 82  ? 1.2223 1.0223 1.4954 -0.4486 -0.4297 0.2354  470 GLY A CA  
429 C C   . GLY A 82  ? 1.2677 1.0219 1.5411 -0.4590 -0.4393 0.2604  470 GLY A C   
430 O O   . GLY A 82  ? 1.3215 1.0116 1.5924 -0.4504 -0.4568 0.2475  470 GLY A O   
431 N N   . THR A 83  ? 1.2731 1.0603 1.5488 -0.4766 -0.4273 0.2965  471 THR A N   
432 C CA  . THR A 83  ? 1.2956 1.0461 1.5693 -0.4879 -0.4360 0.3253  471 THR A CA  
433 C C   . THR A 83  ? 1.2569 1.0096 1.5086 -0.4741 -0.4271 0.3414  471 THR A C   
434 O O   . THR A 83  ? 1.2117 1.0176 1.4527 -0.4737 -0.4062 0.3498  471 THR A O   
435 C CB  . THR A 83  ? 1.3143 1.0976 1.6042 -0.5205 -0.4306 0.3561  471 THR A CB  
436 O OG1 . THR A 83  ? 1.3445 1.1013 1.6262 -0.5301 -0.4351 0.3882  471 THR A OG1 
437 C CG2 . THR A 83  ? 1.2652 1.1290 1.5574 -0.5278 -0.4045 0.3670  471 THR A CG2 
438 N N   . LYS A 84  ? 1.3145 1.0098 1.5602 -0.4624 -0.4431 0.3444  472 LYS A N   
439 C CA  . LYS A 84  ? 1.2837 0.9782 1.5099 -0.4495 -0.4391 0.3599  472 LYS A CA  
440 C C   . LYS A 84  ? 1.2795 1.0145 1.4933 -0.4714 -0.4260 0.3989  472 LYS A C   
441 O O   . LYS A 84  ? 1.3150 1.0553 1.5385 -0.4955 -0.4272 0.4200  472 LYS A O   
442 C CB  . LYS A 84  ? 1.3193 0.9464 1.5485 -0.4336 -0.4612 0.3589  472 LYS A CB  
443 C CG  . LYS A 84  ? 1.2949 0.8888 1.5277 -0.4034 -0.4675 0.3205  472 LYS A CG  
444 C CD  . LYS A 84  ? 1.3323 0.8603 1.5745 -0.3868 -0.4880 0.3189  472 LYS A CD  
445 C CE  . LYS A 84  ? 1.2986 0.7988 1.5440 -0.3541 -0.4900 0.2809  472 LYS A CE  
446 N NZ  . LYS A 84  ? 1.2702 0.7769 1.5157 -0.3529 -0.4843 0.2450  472 LYS A NZ  
447 N N   . ILE A 85  ? 1.2727 1.0361 1.4632 -0.4634 -0.4124 0.4074  473 ILE A N   
448 C CA  . ILE A 85  ? 1.2790 1.0892 1.4502 -0.4819 -0.3941 0.4385  473 ILE A CA  
449 C C   . ILE A 85  ? 1.2562 1.0704 1.3972 -0.4684 -0.3898 0.4453  473 ILE A C   
450 O O   . ILE A 85  ? 1.2212 1.0148 1.3613 -0.4457 -0.3962 0.4237  473 ILE A O   
451 C CB  . ILE A 85  ? 1.2524 1.1269 1.4306 -0.4935 -0.3686 0.4333  473 ILE A CB  
452 C CG1 . ILE A 85  ? 1.2769 1.1911 1.4483 -0.5192 -0.3525 0.4665  473 ILE A CG1 
453 C CG2 . ILE A 85  ? 1.1952 1.1043 1.3582 -0.4766 -0.3496 0.4147  473 ILE A CG2 
454 C CD1 . ILE A 85  ? 1.2452 1.2216 1.4347 -0.5310 -0.3292 0.4631  473 ILE A CD1 
455 N N   . SER A 86  ? 1.2917 1.1322 1.4073 -0.4829 -0.3792 0.4748  474 SER A N   
456 C CA  . SER A 86  ? 1.2871 1.1356 1.3689 -0.4731 -0.3750 0.4815  474 SER A CA  
457 C C   . SER A 86  ? 1.2317 1.1259 1.2986 -0.4657 -0.3483 0.4628  474 SER A C   
458 O O   . SER A 86  ? 1.1930 1.1257 1.2718 -0.4730 -0.3285 0.4539  474 SER A O   
459 C CB  . SER A 86  ? 1.3409 1.2037 1.3938 -0.4911 -0.3711 0.5164  474 SER A CB  
460 O OG  . SER A 86  ? 1.3345 1.2553 1.3673 -0.5048 -0.3393 0.5226  474 SER A OG  
461 N N   . VAL A 87  ? 1.2345 1.1244 1.2771 -0.4509 -0.3485 0.4569  475 VAL A N   
462 C CA  . VAL A 87  ? 1.2107 1.1393 1.2355 -0.4440 -0.3226 0.4397  475 VAL A CA  
463 C C   . VAL A 87  ? 1.2337 1.2161 1.2304 -0.4603 -0.2924 0.4548  475 VAL A C   
464 O O   . VAL A 87  ? 1.2033 1.2265 1.1969 -0.4581 -0.2652 0.4407  475 VAL A O   
465 C CB  . VAL A 87  ? 1.2091 1.1223 1.2121 -0.4214 -0.3297 0.4273  475 VAL A CB  
466 C CG1 . VAL A 87  ? 1.1656 1.1198 1.1514 -0.4016 -0.3005 0.3953  475 VAL A CG1 
467 C CG2 . VAL A 87  ? 1.2082 1.0712 1.2433 -0.4010 -0.3573 0.4113  475 VAL A CG2 
468 N N   . SER A 88  ? 1.2338 1.2178 1.2112 -0.4755 -0.2952 0.4823  476 SER A N   
469 C CA  . SER A 88  ? 1.2692 1.3029 1.2207 -0.4901 -0.2646 0.4953  476 SER A CA  
470 C C   . SER A 88  ? 1.2664 1.3345 1.2533 -0.5000 -0.2470 0.4921  476 SER A C   
471 O O   . SER A 88  ? 1.2652 1.3835 1.2433 -0.5011 -0.2145 0.4873  476 SER A O   
472 C CB  . SER A 88  ? 1.3570 1.3811 1.2838 -0.5055 -0.2733 0.5257  476 SER A CB  
473 O OG  . SER A 88  ? 1.4024 1.3974 1.3011 -0.4964 -0.2933 0.5296  476 SER A OG  
474 N N   . GLN A 89  ? 1.2362 1.2783 1.2642 -0.5058 -0.2684 0.4935  477 GLN A N   
475 C CA  . GLN A 89  ? 1.2315 1.3039 1.2967 -0.5173 -0.2577 0.4919  477 GLN A CA  
476 C C   . GLN A 89  ? 1.1764 1.2602 1.2705 -0.5030 -0.2553 0.4613  477 GLN A C   
477 O O   . GLN A 89  ? 1.1872 1.2798 1.3194 -0.5097 -0.2601 0.4553  477 GLN A O   
478 C CB  . GLN A 89  ? 1.2758 1.3127 1.3671 -0.5328 -0.2825 0.5082  477 GLN A CB  
479 C CG  . GLN A 89  ? 1.3243 1.3453 1.3886 -0.5466 -0.2881 0.5398  477 GLN A CG  
480 C CD  . GLN A 89  ? 1.3575 1.3255 1.4445 -0.5561 -0.3188 0.5530  477 GLN A CD  
481 O OE1 . GLN A 89  ? 1.3479 1.2963 1.4714 -0.5567 -0.3322 0.5396  477 GLN A OE1 
482 N NE2 . GLN A 89  ? 1.4014 1.3446 1.4652 -0.5631 -0.3301 0.5788  477 GLN A NE2 
483 N N   . ALA A 90  ? 1.2350 1.3189 1.3115 -0.4842 -0.2486 0.4418  478 ALA A N   
484 C CA  . ALA A 90  ? 1.1548 1.2497 1.2557 -0.4696 -0.2458 0.4123  478 ALA A CA  
485 C C   . ALA A 90  ? 1.1007 1.2628 1.2017 -0.4689 -0.2097 0.4088  478 ALA A C   
486 O O   . ALA A 90  ? 1.0926 1.2760 1.1558 -0.4600 -0.1853 0.4092  478 ALA A O   
487 C CB  . ALA A 90  ? 1.1275 1.1870 1.2106 -0.4419 -0.2560 0.3873  478 ALA A CB  
488 N N   . LYS A 91  ? 1.0670 1.2618 1.2084 -0.4717 -0.2063 0.4009  479 LYS A N   
489 C CA  . LYS A 91  ? 1.0223 1.2823 1.1728 -0.4631 -0.1735 0.3936  479 LYS A CA  
490 C C   . LYS A 91  ? 0.9636 1.2222 1.1160 -0.4270 -0.1719 0.3552  479 LYS A C   
491 O O   . LYS A 91  ? 0.9408 1.1526 1.0922 -0.4133 -0.1959 0.3355  479 LYS A O   
492 C CB  . LYS A 91  ? 1.0376 1.3389 1.2312 -0.4816 -0.1704 0.4072  479 LYS A CB  
493 C CG  . LYS A 91  ? 1.1026 1.3958 1.2887 -0.5039 -0.1720 0.4361  479 LYS A CG  
494 C CD  . LYS A 91  ? 1.1429 1.4702 1.3748 -0.5210 -0.1726 0.4464  479 LYS A CD  
495 C CE  . LYS A 91  ? 1.1322 1.5376 1.3814 -0.5178 -0.1352 0.4498  479 LYS A CE  
496 N NZ  . LYS A 91  ? 1.1590 1.6006 1.4544 -0.5368 -0.1350 0.4637  479 LYS A NZ  
497 N N   . ALA A 92  ? 0.9021 1.2123 1.0566 -0.4107 -0.1413 0.3455  480 ALA A N   
498 C CA  . ALA A 92  ? 0.8634 1.1754 1.0184 -0.3765 -0.1365 0.3128  480 ALA A CA  
499 C C   . ALA A 92  ? 0.8421 1.1429 1.0341 -0.3763 -0.1649 0.3000  480 ALA A C   
500 O O   . ALA A 92  ? 0.8487 1.1811 1.0803 -0.3964 -0.1721 0.3127  480 ALA A O   
501 C CB  . ALA A 92  ? 0.8523 1.2236 1.0108 -0.3611 -0.0992 0.3095  480 ALA A CB  
502 N N   . GLY A 93  ? 0.8641 1.1204 1.0421 -0.3547 -0.1811 0.2744  481 GLY A N   
503 C CA  . GLY A 93  ? 0.8510 1.0880 1.0524 -0.3519 -0.2081 0.2577  481 GLY A CA  
504 C C   . GLY A 93  ? 0.8807 1.0546 1.0802 -0.3639 -0.2402 0.2566  481 GLY A C   
505 O O   . GLY A 93  ? 0.8669 1.0099 1.0702 -0.3523 -0.2598 0.2338  481 GLY A O   
506 N N   . ASP A 94  ? 0.8705 1.0230 1.0622 -0.3855 -0.2457 0.2807  482 ASP A N   
507 C CA  . ASP A 94  ? 0.9273 1.0166 1.1197 -0.3950 -0.2760 0.2820  482 ASP A CA  
508 C C   . ASP A 94  ? 0.8930 0.9399 1.0610 -0.3639 -0.2804 0.2565  482 ASP A C   
509 O O   . ASP A 94  ? 0.8712 0.9353 1.0171 -0.3404 -0.2593 0.2438  482 ASP A O   
510 C CB  . ASP A 94  ? 1.0168 1.0929 1.2028 -0.4224 -0.2796 0.3173  482 ASP A CB  
511 C CG  . ASP A 94  ? 1.1019 1.2122 1.3143 -0.4534 -0.2770 0.3429  482 ASP A CG  
512 O OD1 . ASP A 94  ? 1.1529 1.2817 1.3516 -0.4678 -0.2620 0.3703  482 ASP A OD1 
513 O OD2 . ASP A 94  ? 1.1288 1.2476 1.3697 -0.4567 -0.2873 0.3317  482 ASP A OD2 
514 N N   . LEU A 95  ? 0.9746 0.9649 1.1490 -0.3644 -0.3075 0.2491  483 LEU A N   
515 C CA  . LEU A 95  ? 0.9366 0.8871 1.0947 -0.3356 -0.3122 0.2264  483 LEU A CA  
516 C C   . LEU A 95  ? 0.9475 0.8694 1.0923 -0.3393 -0.3186 0.2465  483 LEU A C   
517 O O   . LEU A 95  ? 0.9776 0.8854 1.1296 -0.3651 -0.3313 0.2748  483 LEU A O   
518 C CB  . LEU A 95  ? 0.9415 0.8470 1.1137 -0.3289 -0.3358 0.2025  483 LEU A CB  
519 C CG  . LEU A 95  ? 0.9076 0.8359 1.0847 -0.3184 -0.3326 0.1766  483 LEU A CG  
520 C CD1 . LEU A 95  ? 0.9382 0.8173 1.1244 -0.3184 -0.3587 0.1548  483 LEU A CD1 
521 C CD2 . LEU A 95  ? 0.8622 0.8117 1.0176 -0.2859 -0.3093 0.1562  483 LEU A CD2 
522 N N   . LEU A 96  ? 0.9380 0.8533 1.0639 -0.3147 -0.3102 0.2337  484 LEU A N   
523 C CA  . LEU A 96  ? 0.9460 0.8385 1.0593 -0.3148 -0.3183 0.2508  484 LEU A CA  
524 C C   . LEU A 96  ? 0.9331 0.7828 1.0550 -0.2894 -0.3325 0.2296  484 LEU A C   
525 O O   . LEU A 96  ? 0.9036 0.7593 1.0240 -0.2654 -0.3213 0.2002  484 LEU A O   
526 C CB  . LEU A 96  ? 0.9296 0.8597 1.0132 -0.3109 -0.2950 0.2566  484 LEU A CB  
527 C CG  . LEU A 96  ? 0.9444 0.9230 1.0167 -0.3295 -0.2728 0.2724  484 LEU A CG  
528 C CD1 . LEU A 96  ? 0.9203 0.9280 0.9596 -0.3195 -0.2480 0.2681  484 LEU A CD1 
529 C CD2 . LEU A 96  ? 1.0204 0.9943 1.0956 -0.3618 -0.2841 0.3089  484 LEU A CD2 
530 N N   . PHE A 97  ? 0.9832 0.7910 1.1151 -0.2939 -0.3558 0.2459  485 PHE A N   
531 C CA  . PHE A 97  ? 0.9929 0.7563 1.1412 -0.2703 -0.3708 0.2274  485 PHE A CA  
532 C C   . PHE A 97  ? 1.0108 0.7629 1.1567 -0.2622 -0.3804 0.2439  485 PHE A C   
533 O O   . PHE A 97  ? 1.0392 0.7866 1.1786 -0.2821 -0.3922 0.2776  485 PHE A O   
534 C CB  . PHE A 97  ? 1.0239 0.7375 1.1953 -0.2796 -0.3941 0.2272  485 PHE A CB  
535 C CG  . PHE A 97  ? 0.9932 0.7128 1.1691 -0.2829 -0.3896 0.2036  485 PHE A CG  
536 C CD1 . PHE A 97  ? 0.9844 0.7302 1.1619 -0.3118 -0.3877 0.2186  485 PHE A CD1 
537 C CD2 . PHE A 97  ? 0.9707 0.6734 1.1492 -0.2574 -0.3873 0.1668  485 PHE A CD2 
538 C CE1 . PHE A 97  ? 0.9667 0.7225 1.1509 -0.3155 -0.3870 0.1977  485 PHE A CE1 
539 C CE2 . PHE A 97  ? 0.9572 0.6663 1.1352 -0.2610 -0.3860 0.1455  485 PHE A CE2 
540 C CZ  . PHE A 97  ? 0.9569 0.6934 1.1390 -0.2903 -0.3875 0.1611  485 PHE A CZ  
541 N N   . TRP A 98  ? 0.9838 0.7341 1.1354 -0.2337 -0.3756 0.2214  486 TRP A N   
542 C CA  . TRP A 98  ? 1.0042 0.7429 1.1640 -0.2215 -0.3885 0.2324  486 TRP A CA  
543 C C   . TRP A 98  ? 1.0434 0.7298 1.2361 -0.2046 -0.4092 0.2256  486 TRP A C   
544 O O   . TRP A 98  ? 1.0401 0.7081 1.2447 -0.1888 -0.4040 0.1959  486 TRP A O   
545 C CB  . TRP A 98  ? 0.9578 0.7289 1.1106 -0.2010 -0.3701 0.2121  486 TRP A CB  
546 C CG  . TRP A 98  ? 0.9357 0.7509 1.0556 -0.2146 -0.3529 0.2207  486 TRP A CG  
547 C CD1 . TRP A 98  ? 0.9410 0.7740 1.0473 -0.2170 -0.3561 0.2339  486 TRP A CD1 
548 C CD2 . TRP A 98  ? 0.9145 0.7611 1.0108 -0.2261 -0.3298 0.2149  486 TRP A CD2 
549 N NE1 . TRP A 98  ? 0.9262 0.7952 0.9977 -0.2300 -0.3351 0.2346  486 TRP A NE1 
550 C CE2 . TRP A 98  ? 0.9076 0.7861 0.9747 -0.2342 -0.3176 0.2235  486 TRP A CE2 
551 C CE3 . TRP A 98  ? 0.9027 0.7544 1.0009 -0.2301 -0.3192 0.2032  486 TRP A CE3 
552 C CZ2 . TRP A 98  ? 0.8857 0.7980 0.9263 -0.2436 -0.2924 0.2202  486 TRP A CZ2 
553 C CZ3 . TRP A 98  ? 0.8896 0.7801 0.9660 -0.2395 -0.2961 0.2026  486 TRP A CZ3 
554 C CH2 . TRP A 98  ? 0.8768 0.7961 0.9254 -0.2449 -0.2816 0.2108  486 TRP A CH2 
555 N N   . GLY A 99  ? 1.0761 0.7381 1.2816 -0.2063 -0.4321 0.2527  487 GLY A N   
556 C CA  . GLY A 99  ? 1.1234 0.7317 1.3626 -0.1892 -0.4526 0.2500  487 GLY A CA  
557 C C   . GLY A 99  ? 1.1648 0.7282 1.4088 -0.2121 -0.4726 0.2732  487 GLY A C   
558 O O   . GLY A 99  ? 1.1645 0.7421 1.3881 -0.2426 -0.4699 0.2916  487 GLY A O   
559 N N   . SER A 100 ? 1.1732 0.6816 1.4469 -0.1969 -0.4917 0.2721  488 SER A N   
560 C CA  . SER A 100 ? 1.2348 0.7058 1.5130 -0.2154 -0.5077 0.2898  488 SER A CA  
561 C C   . SER A 100 ? 1.2463 0.6934 1.5259 -0.2179 -0.5013 0.2579  488 SER A C   
562 O O   . SER A 100 ? 1.2223 0.6606 1.5074 -0.1974 -0.4916 0.2215  488 SER A O   
563 C CB  . SER A 100 ? 1.2933 0.7295 1.5990 -0.1955 -0.5266 0.3010  488 SER A CB  
564 O OG  . SER A 100 ? 1.3140 0.7249 1.6469 -0.1596 -0.5239 0.2680  488 SER A OG  
565 N N   . PRO A 101 ? 1.2406 0.6791 1.5136 -0.2436 -0.5067 0.2708  489 PRO A N   
566 C CA  . PRO A 101 ? 1.2626 0.6787 1.5363 -0.2479 -0.5040 0.2416  489 PRO A CA  
567 C C   . PRO A 101 ? 1.2979 0.6625 1.5901 -0.2165 -0.5088 0.2081  489 PRO A C   
568 O O   . PRO A 101 ? 1.3399 0.6686 1.6511 -0.2026 -0.5215 0.2174  489 PRO A O   
569 C CB  . PRO A 101 ? 1.3068 0.7148 1.5783 -0.2782 -0.5137 0.2692  489 PRO A CB  
570 C CG  . PRO A 101 ? 1.3292 0.7425 1.6013 -0.2829 -0.5237 0.3098  489 PRO A CG  
571 C CD  . PRO A 101 ? 1.2710 0.7220 1.5341 -0.2708 -0.5149 0.3128  489 PRO A CD  
572 N N   . GLY A 102 ? 1.2887 0.6518 1.5742 -0.2045 -0.4974 0.1687  490 GLY A N   
573 C CA  . GLY A 102 ? 1.3239 0.6461 1.6206 -0.1715 -0.4955 0.1320  490 GLY A CA  
574 C C   . GLY A 102 ? 1.2947 0.6333 1.5990 -0.1407 -0.4832 0.1167  490 GLY A C   
575 O O   . GLY A 102 ? 1.2992 0.6167 1.6057 -0.1137 -0.4738 0.0793  490 GLY A O   
576 N N   . GLY A 103 ? 1.2762 0.6526 1.5828 -0.1446 -0.4820 0.1443  491 GLY A N   
577 C CA  . GLY A 103 ? 1.2411 0.6481 1.5554 -0.1152 -0.4669 0.1319  491 GLY A CA  
578 C C   . GLY A 103 ? 1.1858 0.6650 1.4761 -0.1273 -0.4486 0.1411  491 GLY A C   
579 O O   . GLY A 103 ? 1.1763 0.6900 1.4730 -0.1133 -0.4416 0.1485  491 GLY A O   
580 N N   . THR A 104 ? 1.2060 0.7082 1.4705 -0.1532 -0.4415 0.1408  492 THR A N   
581 C CA  . THR A 104 ? 1.1399 0.7068 1.3810 -0.1620 -0.4212 0.1457  492 THR A CA  
582 C C   . THR A 104 ? 1.1019 0.6956 1.3389 -0.1331 -0.3976 0.1134  492 THR A C   
583 O O   . THR A 104 ? 1.1487 0.7202 1.3873 -0.1151 -0.3915 0.0813  492 THR A O   
584 C CB  . THR A 104 ? 1.1253 0.7124 1.3458 -0.1910 -0.4166 0.1490  492 THR A CB  
585 O OG1 . THR A 104 ? 1.1423 0.7043 1.3617 -0.1861 -0.4168 0.1173  492 THR A OG1 
586 C CG2 . THR A 104 ? 1.1630 0.7351 1.3870 -0.2235 -0.4357 0.1869  492 THR A CG2 
587 N N   . TYR A 105 ? 1.0346 0.6742 1.2641 -0.1297 -0.3841 0.1219  493 TYR A N   
588 C CA  . TYR A 105 ? 0.9789 0.6467 1.2060 -0.1056 -0.3608 0.0961  493 TYR A CA  
589 C C   . TYR A 105 ? 0.9105 0.6272 1.1080 -0.1161 -0.3385 0.0934  493 TYR A C   
590 O O   . TYR A 105 ? 0.8714 0.6109 1.0635 -0.0988 -0.3175 0.0733  493 TYR A O   
591 C CB  . TYR A 105 ? 0.9789 0.6551 1.2307 -0.0878 -0.3640 0.1043  493 TYR A CB  
592 C CG  . TYR A 105 ? 0.9755 0.6763 1.2211 -0.1070 -0.3748 0.1385  493 TYR A CG  
593 C CD1 . TYR A 105 ? 0.9376 0.6854 1.1607 -0.1149 -0.3579 0.1406  493 TYR A CD1 
594 C CD2 . TYR A 105 ? 1.0155 0.6898 1.2747 -0.1172 -0.4019 0.1688  493 TYR A CD2 
595 C CE1 . TYR A 105 ? 0.9425 0.7111 1.1533 -0.1330 -0.3676 0.1690  493 TYR A CE1 
596 C CE2 . TYR A 105 ? 1.0189 0.7159 1.2656 -0.1352 -0.4124 0.2008  493 TYR A CE2 
597 C CZ  . TYR A 105 ? 0.9823 0.7272 1.2031 -0.1434 -0.3950 0.1993  493 TYR A CZ  
598 O OH  . TYR A 105 ? 0.9871 0.7527 1.1889 -0.1619 -0.4051 0.2282  493 TYR A OH  
599 N N   . HIS A 106 ? 0.9405 0.6734 1.1203 -0.1432 -0.3412 0.1136  494 HIS A N   
600 C CA  . HIS A 106 ? 0.8766 0.6548 1.0308 -0.1514 -0.3194 0.1123  494 HIS A CA  
601 C C   . HIS A 106 ? 0.8833 0.6703 1.0264 -0.1787 -0.3235 0.1285  494 HIS A C   
602 O O   . HIS A 106 ? 0.9154 0.6819 1.0668 -0.1976 -0.3431 0.1515  494 HIS A O   
603 C CB  . HIS A 106 ? 0.8384 0.6467 0.9838 -0.1531 -0.3116 0.1262  494 HIS A CB  
604 C CG  . HIS A 106 ? 0.7788 0.6268 0.8998 -0.1530 -0.2849 0.1167  494 HIS A CG  
605 N ND1 . HIS A 106 ? 0.7524 0.6103 0.8719 -0.1317 -0.2653 0.0914  494 HIS A ND1 
606 C CD2 . HIS A 106 ? 0.7693 0.6473 0.8668 -0.1704 -0.2733 0.1293  494 HIS A CD2 
607 C CE1 . HIS A 106 ? 0.7247 0.6136 0.8212 -0.1361 -0.2443 0.0895  494 HIS A CE1 
608 N NE2 . HIS A 106 ? 0.7392 0.6412 0.8226 -0.1583 -0.2481 0.1111  494 HIS A NE2 
609 N N   . VAL A 107 ? 0.8603 0.6799 0.9870 -0.1806 -0.3045 0.1183  495 VAL A N   
610 C CA  . VAL A 107 ? 0.8554 0.6944 0.9769 -0.2045 -0.3047 0.1318  495 VAL A CA  
611 C C   . VAL A 107 ? 0.8150 0.7025 0.9168 -0.2035 -0.2782 0.1309  495 VAL A C   
612 O O   . VAL A 107 ? 0.7953 0.6944 0.8874 -0.1829 -0.2607 0.1123  495 VAL A O   
613 C CB  . VAL A 107 ? 0.7884 0.6073 0.9195 -0.2062 -0.3157 0.1153  495 VAL A CB  
614 C CG1 . VAL A 107 ? 0.7811 0.6150 0.9004 -0.1841 -0.2987 0.0859  495 VAL A CG1 
615 C CG2 . VAL A 107 ? 0.8007 0.6374 0.9371 -0.2360 -0.3224 0.1347  495 VAL A CG2 
616 N N   . ALA A 108 ? 0.8022 0.7169 0.8992 -0.2260 -0.2740 0.1520  496 ALA A N   
617 C CA  . ALA A 108 ? 0.7799 0.7401 0.8612 -0.2250 -0.2480 0.1517  496 ALA A CA  
618 C C   . ALA A 108 ? 0.7869 0.7738 0.8776 -0.2474 -0.2480 0.1679  496 ALA A C   
619 O O   . ALA A 108 ? 0.8068 0.7764 0.9136 -0.2674 -0.2681 0.1824  496 ALA A O   
620 C CB  . ALA A 108 ? 0.7791 0.7534 0.8387 -0.2263 -0.2347 0.1626  496 ALA A CB  
621 N N   . ILE A 109 ? 0.7662 0.7955 0.8497 -0.2437 -0.2246 0.1660  497 ILE A N   
622 C CA  . ILE A 109 ? 0.7816 0.8480 0.8789 -0.2631 -0.2199 0.1824  497 ILE A CA  
623 C C   . ILE A 109 ? 0.7926 0.8849 0.8739 -0.2771 -0.2023 0.2049  497 ILE A C   
624 O O   . ILE A 109 ? 0.7657 0.8713 0.8233 -0.2637 -0.1802 0.1983  497 ILE A O   
625 C CB  . ILE A 109 ? 0.7636 0.8637 0.8680 -0.2480 -0.2060 0.1672  497 ILE A CB  
626 C CG1 . ILE A 109 ? 0.7661 0.8421 0.8832 -0.2404 -0.2270 0.1478  497 ILE A CG1 
627 C CG2 . ILE A 109 ? 0.7646 0.9146 0.8865 -0.2657 -0.1954 0.1865  497 ILE A CG2 
628 C CD1 . ILE A 109 ? 0.7384 0.8420 0.8555 -0.2210 -0.2159 0.1317  497 ILE A CD1 
629 N N   . ALA A 110 ? 0.8199 0.9178 0.9119 -0.3052 -0.2115 0.2312  498 ALA A N   
630 C CA  . ALA A 110 ? 0.8443 0.9663 0.9167 -0.3209 -0.1945 0.2545  498 ALA A CA  
631 C C   . ALA A 110 ? 0.8428 1.0189 0.9142 -0.3153 -0.1624 0.2527  498 ALA A C   
632 O O   . ALA A 110 ? 0.8290 1.0339 0.9295 -0.3150 -0.1602 0.2498  498 ALA A O   
633 C CB  . ALA A 110 ? 0.8751 0.9900 0.9606 -0.3537 -0.2111 0.2857  498 ALA A CB  
634 N N   . LEU A 111 ? 0.8123 1.0019 0.8507 -0.3102 -0.1384 0.2540  499 LEU A N   
635 C CA  . LEU A 111 ? 0.8241 1.0620 0.8583 -0.3047 -0.1045 0.2542  499 LEU A CA  
636 C C   . LEU A 111 ? 0.8732 1.1392 0.8973 -0.3302 -0.0901 0.2826  499 LEU A C   
637 O O   . LEU A 111 ? 0.8758 1.1860 0.9000 -0.3269 -0.0595 0.2849  499 LEU A O   
638 C CB  . LEU A 111 ? 0.8199 1.0519 0.8204 -0.2798 -0.0825 0.2319  499 LEU A CB  
639 C CG  . LEU A 111 ? 0.7927 1.0025 0.7999 -0.2527 -0.0886 0.2045  499 LEU A CG  
640 C CD1 . LEU A 111 ? 0.7878 0.9921 0.7617 -0.2335 -0.0649 0.1864  499 LEU A CD1 
641 C CD2 . LEU A 111 ? 0.7689 1.0057 0.8116 -0.2425 -0.0875 0.1987  499 LEU A CD2 
642 N N   . GLY A 112 ? 0.8651 1.1067 0.8801 -0.3544 -0.1101 0.3050  500 GLY A N   
643 C CA  . GLY A 112 ? 0.9099 1.1739 0.9054 -0.3791 -0.0955 0.3335  500 GLY A CA  
644 C C   . GLY A 112 ? 0.9515 1.2073 0.8903 -0.3730 -0.0788 0.3291  500 GLY A C   
645 O O   . GLY A 112 ? 0.9559 1.2084 0.8772 -0.3483 -0.0650 0.3021  500 GLY A O   
646 N N   . GLY A 113 ? 0.9839 1.2345 0.8918 -0.3967 -0.0811 0.3557  501 GLY A N   
647 C CA  . GLY A 113 ? 1.0092 1.2527 0.8575 -0.3947 -0.0678 0.3523  501 GLY A CA  
648 C C   . GLY A 113 ? 1.0046 1.2034 0.8337 -0.3807 -0.0919 0.3348  501 GLY A C   
649 O O   . GLY A 113 ? 1.0172 1.2132 0.8097 -0.3671 -0.0775 0.3141  501 GLY A O   
650 N N   . GLY A 114 ? 1.0178 1.1814 0.8728 -0.3838 -0.1280 0.3420  502 GLY A N   
651 C CA  . GLY A 114 ? 1.0009 1.1265 0.8450 -0.3708 -0.1517 0.3285  502 GLY A CA  
652 C C   . GLY A 114 ? 0.9393 1.0597 0.7973 -0.3415 -0.1450 0.2918  502 GLY A C   
653 O O   . GLY A 114 ? 0.9322 1.0296 0.7769 -0.3304 -0.1569 0.2782  502 GLY A O   
654 N N   . GLN A 115 ? 0.9340 1.0767 0.8196 -0.3293 -0.1270 0.2771  503 GLN A N   
655 C CA  . GLN A 115 ? 0.8781 1.0176 0.7743 -0.3016 -0.1177 0.2449  503 GLN A CA  
656 C C   . GLN A 115 ? 0.8306 0.9601 0.7728 -0.2927 -0.1347 0.2375  503 GLN A C   
657 O O   . GLN A 115 ? 0.8401 0.9788 0.8088 -0.3072 -0.1435 0.2537  503 GLN A O   
658 C CB  . GLN A 115 ? 0.8756 1.0494 0.7590 -0.2906 -0.0797 0.2320  503 GLN A CB  
659 C CG  . GLN A 115 ? 0.9159 1.0975 0.7481 -0.2987 -0.0594 0.2347  503 GLN A CG  
660 C CD  . GLN A 115 ? 0.9293 1.1498 0.7543 -0.2935 -0.0207 0.2313  503 GLN A CD  
661 O OE1 . GLN A 115 ? 0.9782 1.2204 0.7802 -0.3104 -0.0051 0.2489  503 GLN A OE1 
662 N NE2 . GLN A 115 ? 0.8950 1.1246 0.7397 -0.2690 -0.0037 0.2096  503 GLN A NE2 
663 N N   . TYR A 116 ? 0.8226 0.9327 0.7726 -0.2700 -0.1389 0.2127  504 TYR A N   
664 C CA  . TYR A 116 ? 0.7861 0.8855 0.7713 -0.2589 -0.1525 0.2012  504 TYR A CA  
665 C C   . TYR A 116 ? 0.7327 0.8315 0.7158 -0.2314 -0.1373 0.1729  504 TYR A C   
666 O O   . TYR A 116 ? 0.7191 0.8209 0.6769 -0.2225 -0.1188 0.1628  504 TYR A O   
667 C CB  . TYR A 116 ? 0.8150 0.8748 0.8159 -0.2638 -0.1856 0.2065  504 TYR A CB  
668 C CG  . TYR A 116 ? 0.8353 0.8706 0.8187 -0.2588 -0.1953 0.2044  504 TYR A CG  
669 C CD1 . TYR A 116 ? 0.8124 0.8351 0.7971 -0.2361 -0.1923 0.1799  504 TYR A CD1 
670 C CD2 . TYR A 116 ? 0.8699 0.8968 0.8372 -0.2777 -0.2089 0.2288  504 TYR A CD2 
671 C CE1 . TYR A 116 ? 0.8197 0.8257 0.7951 -0.2329 -0.2027 0.1788  504 TYR A CE1 
672 C CE2 . TYR A 116 ? 0.8821 0.8910 0.8366 -0.2737 -0.2214 0.2283  504 TYR A CE2 
673 C CZ  . TYR A 116 ? 0.8574 0.8576 0.8187 -0.2515 -0.2186 0.2029  504 TYR A CZ  
674 O OH  . TYR A 116 ? 0.8667 0.8545 0.8214 -0.2486 -0.2323 0.2033  504 TYR A OH  
675 N N   . ILE A 117 ? 0.7321 0.8252 0.7398 -0.2194 -0.1455 0.1606  505 ILE A N   
676 C CA  . ILE A 117 ? 0.6979 0.7876 0.7039 -0.1936 -0.1332 0.1363  505 ILE A CA  
677 C C   . ILE A 117 ? 0.6911 0.7488 0.7137 -0.1846 -0.1554 0.1242  505 ILE A C   
678 O O   . ILE A 117 ? 0.6997 0.7474 0.7413 -0.1956 -0.1765 0.1311  505 ILE A O   
679 C CB  . ILE A 117 ? 0.6801 0.8039 0.6945 -0.1843 -0.1143 0.1331  505 ILE A CB  
680 C CG1 . ILE A 117 ? 0.6546 0.7708 0.6659 -0.1574 -0.1040 0.1110  505 ILE A CG1 
681 C CG2 . ILE A 117 ? 0.6982 0.8379 0.7409 -0.1985 -0.1306 0.1450  505 ILE A CG2 
682 C CD1 . ILE A 117 ? 0.6571 0.8066 0.6743 -0.1449 -0.0848 0.1097  505 ILE A CD1 
683 N N   . HIS A 118 ? 0.6683 0.7087 0.6837 -0.1655 -0.1499 0.1059  506 HIS A N   
684 C CA  . HIS A 118 ? 0.6740 0.6835 0.7036 -0.1561 -0.1681 0.0940  506 HIS A CA  
685 C C   . HIS A 118 ? 0.6853 0.6866 0.7077 -0.1327 -0.1533 0.0728  506 HIS A C   
686 O O   . HIS A 118 ? 0.6886 0.7017 0.6951 -0.1266 -0.1322 0.0690  506 HIS A O   
687 C CB  . HIS A 118 ? 0.6757 0.6609 0.7125 -0.1675 -0.1898 0.1056  506 HIS A CB  
688 C CG  . HIS A 118 ? 0.6598 0.6465 0.6816 -0.1687 -0.1832 0.1090  506 HIS A CG  
689 N ND1 . HIS A 118 ? 0.6701 0.6367 0.7007 -0.1714 -0.2021 0.1154  506 HIS A ND1 
690 C CD2 . HIS A 118 ? 0.6479 0.6536 0.6472 -0.1681 -0.1616 0.1066  506 HIS A CD2 
691 C CE1 . HIS A 118 ? 0.6644 0.6403 0.6779 -0.1741 -0.1942 0.1170  506 HIS A CE1 
692 N NE2 . HIS A 118 ? 0.6589 0.6560 0.6512 -0.1728 -0.1692 0.1105  506 HIS A NE2 
693 N N   . ALA A 119 ? 0.6896 0.6688 0.7230 -0.1203 -0.1636 0.0589  507 ALA A N   
694 C CA  . ALA A 119 ? 0.7003 0.6665 0.7321 -0.1004 -0.1534 0.0412  507 ALA A CA  
695 C C   . ALA A 119 ? 0.7065 0.6565 0.7510 -0.1040 -0.1659 0.0453  507 ALA A C   
696 O O   . ALA A 119 ? 0.7357 0.6637 0.7976 -0.1045 -0.1860 0.0459  507 ALA A O   
697 C CB  . ALA A 119 ? 0.7256 0.6768 0.7603 -0.0851 -0.1573 0.0241  507 ALA A CB  
698 N N   . PRO A 120 ? 0.6980 0.6574 0.7350 -0.1068 -0.1558 0.0486  508 PRO A N   
699 C CA  . PRO A 120 ? 0.7108 0.6621 0.7595 -0.1154 -0.1727 0.0589  508 PRO A CA  
700 C C   . PRO A 120 ? 0.7314 0.6649 0.8063 -0.1001 -0.1816 0.0485  508 PRO A C   
701 O O   . PRO A 120 ? 0.7612 0.6776 0.8553 -0.1025 -0.2040 0.0567  508 PRO A O   
702 C CB  . PRO A 120 ? 0.7000 0.6679 0.7296 -0.1219 -0.1577 0.0604  508 PRO A CB  
703 C CG  . PRO A 120 ? 0.6857 0.6686 0.6932 -0.1202 -0.1343 0.0560  508 PRO A CG  
704 C CD  . PRO A 120 ? 0.6833 0.6601 0.6998 -0.1038 -0.1304 0.0440  508 PRO A CD  
705 N N   . GLN A 121 ? 0.6840 0.6204 0.7617 -0.0836 -0.1633 0.0313  509 GLN A N   
706 C CA  . GLN A 121 ? 0.7210 0.6473 0.8268 -0.0686 -0.1671 0.0218  509 GLN A CA  
707 C C   . GLN A 121 ? 0.7308 0.6632 0.8322 -0.0520 -0.1402 0.0033  509 GLN A C   
708 O O   . GLN A 121 ? 0.7072 0.6509 0.7848 -0.0546 -0.1214 0.0013  509 GLN A O   
709 C CB  . GLN A 121 ? 0.7215 0.6555 0.8450 -0.0771 -0.1807 0.0338  509 GLN A CB  
710 C CG  . GLN A 121 ? 0.7083 0.6622 0.8208 -0.0822 -0.1635 0.0303  509 GLN A CG  
711 C CD  . GLN A 121 ? 0.7249 0.6890 0.8443 -0.0973 -0.1810 0.0443  509 GLN A CD  
712 O OE1 . GLN A 121 ? 0.7692 0.7297 0.8827 -0.1108 -0.2021 0.0621  509 GLN A OE1 
713 N NE2 . GLN A 121 ? 0.7076 0.6856 0.8392 -0.0967 -0.1734 0.0374  509 GLN A NE2 
714 N N   . PRO A 122 ? 0.6799 0.6044 0.8044 -0.0343 -0.1368 -0.0092 510 PRO A N   
715 C CA  . PRO A 122 ? 0.7006 0.6313 0.8209 -0.0194 -0.1094 -0.0244 510 PRO A CA  
716 C C   . PRO A 122 ? 0.7161 0.6643 0.8246 -0.0281 -0.0914 -0.0217 510 PRO A C   
717 O O   . PRO A 122 ? 0.7497 0.6993 0.8401 -0.0202 -0.0676 -0.0299 510 PRO A O   
718 C CB  . PRO A 122 ? 0.7099 0.6371 0.8675 -0.0043 -0.1114 -0.0324 510 PRO A CB  
719 C CG  . PRO A 122 ? 0.7332 0.6385 0.9023 -0.0027 -0.1367 -0.0295 510 PRO A CG  
720 C CD  . PRO A 122 ? 0.7171 0.6236 0.8712 -0.0254 -0.1559 -0.0103 510 PRO A CD  
721 N N   . GLY A 123 ? 0.7281 0.6867 0.8431 -0.0447 -0.1024 -0.0104 511 GLY A N   
722 C CA  . GLY A 123 ? 0.7349 0.7045 0.8347 -0.0546 -0.0860 -0.0106 511 GLY A CA  
723 C C   . GLY A 123 ? 0.7747 0.7419 0.8363 -0.0583 -0.0716 -0.0098 511 GLY A C   
724 O O   . GLY A 123 ? 0.7793 0.7467 0.8262 -0.0554 -0.0485 -0.0161 511 GLY A O   
725 N N   . GLU A 124 ? 0.7550 0.7203 0.8030 -0.0644 -0.0844 -0.0011 512 GLU A N   
726 C CA  . GLU A 124 ? 0.7665 0.7374 0.7848 -0.0724 -0.0740 0.0038  512 GLU A CA  
727 C C   . GLU A 124 ? 0.6975 0.6679 0.7042 -0.0624 -0.0689 0.0029  512 GLU A C   
728 O O   . GLU A 124 ? 0.6912 0.6540 0.7085 -0.0528 -0.0780 -0.0015 512 GLU A O   
729 C CB  . GLU A 124 ? 0.8523 0.8296 0.8632 -0.0927 -0.0912 0.0182  512 GLU A CB  
730 C CG  . GLU A 124 ? 0.9491 0.9294 0.9659 -0.1047 -0.0988 0.0198  512 GLU A CG  
731 C CD  . GLU A 124 ? 1.0396 1.0196 1.0476 -0.1028 -0.0757 0.0074  512 GLU A CD  
732 O OE1 . GLU A 124 ? 1.0813 1.0590 1.0643 -0.1001 -0.0543 0.0030  512 GLU A OE1 
733 O OE2 . GLU A 124 ? 1.0890 1.0713 1.1183 -0.1041 -0.0789 0.0027  512 GLU A OE2 
734 N N   . SER A 125 ? 0.7440 0.7228 0.7290 -0.0642 -0.0545 0.0061  513 SER A N   
735 C CA  . SER A 125 ? 0.6998 0.6854 0.6763 -0.0562 -0.0511 0.0081  513 SER A CA  
736 C C   . SER A 125 ? 0.6690 0.6680 0.6451 -0.0717 -0.0648 0.0219  513 SER A C   
737 O O   . SER A 125 ? 0.6698 0.6714 0.6441 -0.0878 -0.0723 0.0304  513 SER A O   
738 C CB  . SER A 125 ? 0.6800 0.6685 0.6381 -0.0445 -0.0244 0.0044  513 SER A CB  
739 O OG  . SER A 125 ? 0.6820 0.6749 0.6271 -0.0545 -0.0129 0.0080  513 SER A OG  
740 N N   . VAL A 126 ? 0.6814 0.6906 0.6587 -0.0678 -0.0685 0.0252  514 VAL A N   
741 C CA  . VAL A 126 ? 0.6598 0.6849 0.6422 -0.0838 -0.0811 0.0396  514 VAL A CA  
742 C C   . VAL A 126 ? 0.6508 0.6910 0.6191 -0.0934 -0.0658 0.0481  514 VAL A C   
743 O O   . VAL A 126 ? 0.6226 0.6693 0.5778 -0.0828 -0.0425 0.0435  514 VAL A O   
744 C CB  . VAL A 126 ? 0.6558 0.6954 0.6439 -0.0778 -0.0848 0.0409  514 VAL A CB  
745 C CG1 . VAL A 126 ? 0.6588 0.7211 0.6567 -0.0963 -0.0941 0.0577  514 VAL A CG1 
746 C CG2 . VAL A 126 ? 0.6667 0.6874 0.6624 -0.0707 -0.1019 0.0301  514 VAL A CG2 
747 N N   . LYS A 127 ? 0.6468 0.6900 0.6151 -0.1132 -0.0780 0.0607  515 LYS A N   
748 C CA  . LYS A 127 ? 0.6843 0.7391 0.6323 -0.1237 -0.0635 0.0671  515 LYS A CA  
749 C C   . LYS A 127 ? 0.6870 0.7534 0.6362 -0.1458 -0.0777 0.0865  515 LYS A C   
750 O O   . LYS A 127 ? 0.6787 0.7405 0.6468 -0.1538 -0.1002 0.0954  515 LYS A O   
751 C CB  . LYS A 127 ? 0.7188 0.7567 0.6515 -0.1248 -0.0585 0.0580  515 LYS A CB  
752 C CG  . LYS A 127 ? 0.7510 0.7751 0.6934 -0.1364 -0.0841 0.0632  515 LYS A CG  
753 C CD  . LYS A 127 ? 0.7981 0.8145 0.7235 -0.1433 -0.0807 0.0576  515 LYS A CD  
754 C CE  . LYS A 127 ? 0.8076 0.8101 0.7491 -0.1310 -0.0804 0.0430  515 LYS A CE  
755 N NZ  . LYS A 127 ? 0.8197 0.8193 0.7615 -0.1118 -0.0573 0.0295  515 LYS A NZ  
756 N N   . VAL A 128 ? 0.7204 0.7992 0.6467 -0.1560 -0.0632 0.0928  516 VAL A N   
757 C CA  . VAL A 128 ? 0.7389 0.8298 0.6587 -0.1784 -0.0721 0.1131  516 VAL A CA  
758 C C   . VAL A 128 ? 0.7564 0.8270 0.6634 -0.1918 -0.0914 0.1185  516 VAL A C   
759 O O   . VAL A 128 ? 0.7477 0.8022 0.6466 -0.1852 -0.0915 0.1051  516 VAL A O   
760 C CB  . VAL A 128 ? 0.7488 0.8654 0.6470 -0.1818 -0.0441 0.1171  516 VAL A CB  
761 C CG1 . VAL A 128 ? 0.7597 0.8644 0.6191 -0.1863 -0.0323 0.1089  516 VAL A CG1 
762 C CG2 . VAL A 128 ? 0.7787 0.9193 0.6837 -0.2014 -0.0488 0.1405  516 VAL A CG2 
763 N N   . GLY A 129 ? 0.7767 0.8497 0.6842 -0.2116 -0.1090 0.1402  517 GLY A N   
764 C CA  . GLY A 129 ? 0.7988 0.8552 0.6951 -0.2249 -0.1307 0.1506  517 GLY A CA  
765 C C   . GLY A 129 ? 0.8317 0.8987 0.7114 -0.2488 -0.1368 0.1774  517 GLY A C   
766 O O   . GLY A 129 ? 0.8283 0.9144 0.7165 -0.2560 -0.1283 0.1889  517 GLY A O   
767 N N   . SER A 130 ? 0.8512 0.9079 0.7084 -0.2620 -0.1524 0.1887  518 SER A N   
768 C CA  . SER A 130 ? 0.8970 0.9610 0.7302 -0.2861 -0.1592 0.2167  518 SER A CA  
769 C C   . SER A 130 ? 0.9260 0.9664 0.7754 -0.2949 -0.1959 0.2373  518 SER A C   
770 O O   . SER A 130 ? 0.9122 0.9337 0.7791 -0.2831 -0.2140 0.2278  518 SER A O   
771 C CB  . SER A 130 ? 0.9310 1.0045 0.7110 -0.2956 -0.1440 0.2142  518 SER A CB  
772 O OG  . SER A 130 ? 0.9976 1.0770 0.7485 -0.3194 -0.1513 0.2430  518 SER A OG  
773 N N   . VAL A 131 ? 0.9042 0.9457 0.7501 -0.3153 -0.2058 0.2671  519 VAL A N   
774 C CA  . VAL A 131 ? 0.9481 0.9637 0.8051 -0.3244 -0.2408 0.2910  519 VAL A CA  
775 C C   . VAL A 131 ? 1.0034 1.0158 0.8233 -0.3319 -0.2539 0.2996  519 VAL A C   
776 O O   . VAL A 131 ? 1.0273 1.0185 0.8591 -0.3334 -0.2853 0.3158  519 VAL A O   
777 C CB  . VAL A 131 ? 0.9743 0.9886 0.8375 -0.3463 -0.2480 0.3232  519 VAL A CB  
778 C CG1 . VAL A 131 ? 0.9383 0.9586 0.8402 -0.3413 -0.2382 0.3135  519 VAL A CG1 
779 C CG2 . VAL A 131 ? 1.0084 1.0480 0.8236 -0.3684 -0.2298 0.3430  519 VAL A CG2 
780 N N   . GLN A 132 ? 1.0052 1.0376 0.7799 -0.3365 -0.2314 0.2890  520 GLN A N   
781 C CA  . GLN A 132 ? 1.0470 1.0769 0.7842 -0.3433 -0.2449 0.2906  520 GLN A CA  
782 C C   . GLN A 132 ? 0.9816 1.0015 0.7445 -0.3243 -0.2564 0.2658  520 GLN A C   
783 O O   . GLN A 132 ? 0.9990 1.0162 0.7445 -0.3293 -0.2762 0.2687  520 GLN A O   
784 C CB  . GLN A 132 ? 1.1143 1.1645 0.7920 -0.3542 -0.2158 0.2825  520 GLN A CB  
785 C CG  . GLN A 132 ? 1.1993 1.2633 0.8452 -0.3756 -0.2039 0.3105  520 GLN A CG  
786 C CD  . GLN A 132 ? 1.3019 1.3539 0.9280 -0.3956 -0.2365 0.3479  520 GLN A CD  
787 O OE1 . GLN A 132 ? 1.3617 1.4123 0.9967 -0.4093 -0.2417 0.3782  520 GLN A OE1 
788 N NE2 . GLN A 132 ? 1.3360 1.3791 0.9359 -0.3983 -0.2597 0.3473  520 GLN A NE2 
789 N N   . TRP A 133 ? 0.9931 1.0101 0.7960 -0.3035 -0.2442 0.2423  521 TRP A N   
790 C CA  . TRP A 133 ? 0.9457 0.9540 0.7800 -0.2850 -0.2535 0.2213  521 TRP A CA  
791 C C   . TRP A 133 ? 0.9260 0.9146 0.8095 -0.2754 -0.2825 0.2331  521 TRP A C   
792 O O   . TRP A 133 ? 0.9349 0.9172 0.8318 -0.2736 -0.3086 0.2406  521 TRP A O   
793 C CB  . TRP A 133 ? 0.8952 0.9090 0.7421 -0.2668 -0.2232 0.1901  521 TRP A CB  
794 C CG  . TRP A 133 ? 0.8805 0.9087 0.6843 -0.2714 -0.1918 0.1754  521 TRP A CG  
795 C CD1 . TRP A 133 ? 0.9135 0.9493 0.6659 -0.2894 -0.1876 0.1814  521 TRP A CD1 
796 C CD2 . TRP A 133 ? 0.8310 0.8653 0.6381 -0.2562 -0.1601 0.1518  521 TRP A CD2 
797 N NE1 . TRP A 133 ? 0.9030 0.9469 0.6278 -0.2854 -0.1535 0.1609  521 TRP A NE1 
798 C CE2 . TRP A 133 ? 0.8541 0.8974 0.6138 -0.2646 -0.1367 0.1438  521 TRP A CE2 
799 C CE3 . TRP A 133 ? 0.7796 0.8111 0.6226 -0.2358 -0.1496 0.1370  521 TRP A CE3 
800 C CZ2 . TRP A 133 ? 0.8351 0.8833 0.5874 -0.2516 -0.1032 0.1227  521 TRP A CZ2 
801 C CZ3 . TRP A 133 ? 0.7584 0.7971 0.5919 -0.2241 -0.1181 0.1182  521 TRP A CZ3 
802 C CH2 . TRP A 133 ? 0.7910 0.8375 0.5820 -0.2311 -0.0952 0.1117  521 TRP A CH2 
803 N N   . PHE A 134 ? 0.9189 0.8978 0.8304 -0.2688 -0.2788 0.2344  522 PHE A N   
804 C CA  . PHE A 134 ? 0.9177 0.8718 0.8738 -0.2589 -0.3034 0.2424  522 PHE A CA  
805 C C   . PHE A 134 ? 0.9250 0.8692 0.8842 -0.2722 -0.3065 0.2628  522 PHE A C   
806 O O   . PHE A 134 ? 0.9004 0.8540 0.8615 -0.2717 -0.2860 0.2522  522 PHE A O   
807 C CB  . PHE A 134 ? 0.8891 0.8366 0.8820 -0.2332 -0.2947 0.2128  522 PHE A CB  
808 C CG  . PHE A 134 ? 0.8696 0.8263 0.8682 -0.2215 -0.2931 0.1954  522 PHE A CG  
809 C CD1 . PHE A 134 ? 0.8806 0.8302 0.9048 -0.2160 -0.3198 0.2044  522 PHE A CD1 
810 C CD2 . PHE A 134 ? 0.8392 0.8124 0.8208 -0.2164 -0.2656 0.1716  522 PHE A CD2 
811 C CE1 . PHE A 134 ? 0.8616 0.8249 0.8966 -0.2078 -0.3192 0.1896  522 PHE A CE1 
812 C CE2 . PHE A 134 ? 0.8286 0.8096 0.8176 -0.2091 -0.2645 0.1564  522 PHE A CE2 
813 C CZ  . PHE A 134 ? 0.8367 0.8151 0.8537 -0.2058 -0.2914 0.1654  522 PHE A CZ  
814 N N   . ALA A 135 ? 0.9501 0.8763 0.9115 -0.2851 -0.3333 0.2936  523 ALA A N   
815 C CA  . ALA A 135 ? 0.9753 0.8919 0.9358 -0.3040 -0.3373 0.3187  523 ALA A CA  
816 C C   . ALA A 135 ? 0.9832 0.8682 0.9894 -0.2932 -0.3502 0.3130  523 ALA A C   
817 O O   . ALA A 135 ? 0.9650 0.8232 0.9999 -0.2778 -0.3717 0.3113  523 ALA A O   
818 C CB  . ALA A 135 ? 1.0212 0.9291 0.9584 -0.3245 -0.3596 0.3574  523 ALA A CB  
819 N N   . PRO A 136 ? 0.9492 0.8366 0.9641 -0.3009 -0.3383 0.3097  524 PRO A N   
820 C CA  . PRO A 136 ? 0.9720 0.8245 1.0248 -0.2950 -0.3535 0.3044  524 PRO A CA  
821 C C   . PRO A 136 ? 1.0219 0.8400 1.0837 -0.3120 -0.3812 0.3393  524 PRO A C   
822 O O   . PRO A 136 ? 1.0441 0.8708 1.0800 -0.3331 -0.3853 0.3709  524 PRO A O   
823 C CB  . PRO A 136 ? 0.9628 0.8362 1.0178 -0.3030 -0.3332 0.2930  524 PRO A CB  
824 C CG  . PRO A 136 ? 0.9674 0.8799 0.9882 -0.3225 -0.3136 0.3101  524 PRO A CG  
825 C CD  . PRO A 136 ? 0.9520 0.8750 0.9437 -0.3156 -0.3110 0.3100  524 PRO A CD  
826 N N   . ASP A 137 ? 1.0130 0.7884 1.1097 -0.3022 -0.3998 0.3332  525 ASP A N   
827 C CA  . ASP A 137 ? 1.0893 0.8217 1.1994 -0.3147 -0.4280 0.3650  525 ASP A CA  
828 C C   . ASP A 137 ? 1.0923 0.8159 1.2046 -0.3446 -0.4287 0.3842  525 ASP A C   
829 O O   . ASP A 137 ? 1.1324 0.8479 1.2343 -0.3653 -0.4399 0.4196  525 ASP A O   
830 C CB  . ASP A 137 ? 1.1571 0.8422 1.3047 -0.2887 -0.4478 0.3495  525 ASP A CB  
831 C CG  . ASP A 137 ? 1.2037 0.8975 1.3566 -0.2630 -0.4526 0.3418  525 ASP A CG  
832 O OD1 . ASP A 137 ? 1.2439 0.9452 1.3824 -0.2703 -0.4659 0.3706  525 ASP A OD1 
833 O OD2 . ASP A 137 ? 1.1828 0.8787 1.3538 -0.2366 -0.4431 0.3076  525 ASP A OD2 
834 N N   . PHE A 138 ? 1.1289 0.8595 1.2544 -0.3459 -0.4165 0.3602  526 PHE A N   
835 C CA  . PHE A 138 ? 1.1430 0.8784 1.2728 -0.3760 -0.4150 0.3777  526 PHE A CA  
836 C C   . PHE A 138 ? 1.0923 0.8688 1.2240 -0.3775 -0.3918 0.3526  526 PHE A C   
837 O O   . PHE A 138 ? 1.0419 0.8430 1.1656 -0.3535 -0.3752 0.3233  526 PHE A O   
838 C CB  . PHE A 138 ? 1.1719 0.8579 1.3278 -0.3739 -0.4373 0.3781  526 PHE A CB  
839 C CG  . PHE A 138 ? 1.1489 0.7989 1.3293 -0.3518 -0.4451 0.3410  526 PHE A CG  
840 C CD1 . PHE A 138 ? 1.1480 0.7577 1.3418 -0.3254 -0.4595 0.3298  526 PHE A CD1 
841 C CD2 . PHE A 138 ? 1.1303 0.7886 1.3201 -0.3564 -0.4376 0.3173  526 PHE A CD2 
842 C CE1 . PHE A 138 ? 1.1388 0.7154 1.3517 -0.3036 -0.4635 0.2938  526 PHE A CE1 
843 C CE2 . PHE A 138 ? 1.1195 0.7443 1.3245 -0.3361 -0.4443 0.2814  526 PHE A CE2 
844 C CZ  . PHE A 138 ? 1.1262 0.7092 1.3413 -0.3096 -0.4558 0.2689  526 PHE A CZ  
845 N N   . ALA A 139 ? 1.1357 0.9269 1.2770 -0.3992 -0.3880 0.3617  527 ALA A N   
846 C CA  . ALA A 139 ? 1.1017 0.9350 1.2505 -0.4037 -0.3694 0.3434  527 ALA A CA  
847 C C   . ALA A 139 ? 1.1318 0.9484 1.3056 -0.4113 -0.3809 0.3352  527 ALA A C   
848 O O   . ALA A 139 ? 1.1722 0.9476 1.3551 -0.4170 -0.3996 0.3467  527 ALA A O   
849 C CB  . ALA A 139 ? 1.0868 0.9800 1.2167 -0.4216 -0.3431 0.3640  527 ALA A CB  
850 N N   . VAL A 140 ? 1.0826 0.9328 1.2676 -0.4120 -0.3699 0.3154  528 VAL A N   
851 C CA  . VAL A 140 ? 1.1223 0.9620 1.3295 -0.4192 -0.3809 0.3030  528 VAL A CA  
852 C C   . VAL A 140 ? 1.1091 1.0147 1.3265 -0.4333 -0.3621 0.3062  528 VAL A C   
853 O O   . VAL A 140 ? 1.0588 1.0039 1.2726 -0.4223 -0.3463 0.2917  528 VAL A O   
854 C CB  . VAL A 140 ? 1.1245 0.9255 1.3373 -0.3966 -0.3945 0.2643  528 VAL A CB  
855 C CG1 . VAL A 140 ? 1.1463 0.9495 1.3758 -0.4059 -0.4024 0.2486  528 VAL A CG1 
856 C CG2 . VAL A 140 ? 1.1629 0.8965 1.3744 -0.3832 -0.4139 0.2621  528 VAL A CG2 
857 N N   . SER A 141 ? 1.1281 1.0473 1.3607 -0.4571 -0.3634 0.3264  529 SER A N   
858 C CA  . SER A 141 ? 1.1272 1.1094 1.3785 -0.4707 -0.3478 0.3304  529 SER A CA  
859 C C   . SER A 141 ? 1.1388 1.1169 1.4100 -0.4661 -0.3614 0.3013  529 SER A C   
860 O O   . SER A 141 ? 1.1778 1.1008 1.4520 -0.4649 -0.3841 0.2870  529 SER A O   
861 C CB  . SER A 141 ? 1.1786 1.1784 1.4408 -0.4988 -0.3437 0.3637  529 SER A CB  
862 O OG  . SER A 141 ? 1.1985 1.2032 1.4363 -0.5034 -0.3313 0.3908  529 SER A OG  
863 N N   . MET A 142 ? 1.1030 1.1402 1.3867 -0.4631 -0.3475 0.2925  530 MET A N   
864 C CA  . MET A 142 ? 1.1201 1.1623 1.4182 -0.4567 -0.3600 0.2644  530 MET A CA  
865 C C   . MET A 142 ? 1.1377 1.2386 1.4684 -0.4764 -0.3549 0.2763  530 MET A C   
866 O O   . MET A 142 ? 1.1086 1.2760 1.4510 -0.4757 -0.3330 0.2873  530 MET A O   
867 C CB  . MET A 142 ? 1.0751 1.1349 1.3597 -0.4297 -0.3522 0.2398  530 MET A CB  
868 C CG  . MET A 142 ? 1.0685 1.0868 1.3248 -0.4110 -0.3505 0.2328  530 MET A CG  
869 S SD  . MET A 142 ? 1.1289 1.0612 1.3722 -0.3959 -0.3776 0.2038  530 MET A SD  
870 C CE  . MET A 142 ? 1.1473 1.0972 1.3902 -0.3800 -0.3839 0.1671  530 MET A CE  
871 O O   . HOH B .   ? 0.7384 0.7818 0.5890 -0.1753 -0.0527 0.0731  601 HOH A O   
872 O O   . HOH B .   ? 0.7615 0.7341 0.7057 -0.0790 -0.0094 -0.0037 602 HOH A O   
873 O O   . HOH B .   ? 1.0840 1.5310 1.4653 -0.5774 -0.1730 0.4777  603 HOH A O   
874 O O   . HOH B .   ? 0.7365 0.6914 0.7403 -0.0201 -0.0270 -0.0246 604 HOH A O   
875 O O   . HOH B .   ? 0.7330 0.8691 0.6967 0.0266  -0.0312 0.0499  605 HOH A O   
876 O O   . HOH B .   ? 0.7321 0.8182 0.6225 -0.1226 0.0029  0.0647  606 HOH A O   
877 O O   . HOH B .   ? 0.8647 0.6646 1.0148 -0.1717 -0.3960 0.1919  607 HOH A O   
878 O O   . HOH B .   ? 1.3428 1.3863 0.8041 -0.4400 -0.3071 0.3781  608 HOH A O   
# 
loop_
_pdbx_poly_seq_scheme.asym_id 
_pdbx_poly_seq_scheme.entity_id 
_pdbx_poly_seq_scheme.seq_id 
_pdbx_poly_seq_scheme.mon_id 
_pdbx_poly_seq_scheme.ndb_seq_num 
_pdbx_poly_seq_scheme.pdb_seq_num 
_pdbx_poly_seq_scheme.auth_seq_num 
_pdbx_poly_seq_scheme.pdb_mon_id 
_pdbx_poly_seq_scheme.auth_mon_id 
_pdbx_poly_seq_scheme.pdb_strand_id 
_pdbx_poly_seq_scheme.pdb_ins_code 
_pdbx_poly_seq_scheme.hetero 
A 1 1   PRO 1   389 ?   ?   ?   A . n 
A 1 2   GLY 2   390 ?   ?   ?   A . n 
A 1 3   ASN 3   391 ?   ?   ?   A . n 
A 1 4   SER 4   392 ?   ?   ?   A . n 
A 1 5   THR 5   393 ?   ?   ?   A . n 
A 1 6   GLY 6   394 ?   ?   ?   A . n 
A 1 7   SER 7   395 ?   ?   ?   A . n 
A 1 8   ASN 8   396 ?   ?   ?   A . n 
A 1 9   ALA 9   397 ?   ?   ?   A . n 
A 1 10  THR 10  398 ?   ?   ?   A . n 
A 1 11  ASN 11  399 ?   ?   ?   A . n 
A 1 12  ASN 12  400 ?   ?   ?   A . n 
A 1 13  THR 13  401 ?   ?   ?   A . n 
A 1 14  THR 14  402 ?   ?   ?   A . n 
A 1 15  ASN 15  403 ?   ?   ?   A . n 
A 1 16  THR 16  404 ?   ?   ?   A . n 
A 1 17  THR 17  405 ?   ?   ?   A . n 
A 1 18  PRO 18  406 ?   ?   ?   A . n 
A 1 19  THR 19  407 ?   ?   ?   A . n 
A 1 20  PRO 20  408 ?   ?   ?   A . n 
A 1 21  THR 21  409 ?   ?   ?   A . n 
A 1 22  PRO 22  410 ?   ?   ?   A . n 
A 1 23  SER 23  411 ?   ?   ?   A . n 
A 1 24  GLY 24  412 ?   ?   ?   A . n 
A 1 25  SER 25  413 ?   ?   ?   A . n 
A 1 26  VAL 26  414 414 VAL VAL A . n 
A 1 27  ASN 27  415 415 ASN ASN A . n 
A 1 28  GLY 28  416 416 GLY GLY A . n 
A 1 29  ALA 29  417 417 ALA ALA A . n 
A 1 30  ALA 30  418 418 ALA ALA A . n 
A 1 31  ILE 31  419 419 ILE ILE A . n 
A 1 32  VAL 32  420 420 VAL VAL A . n 
A 1 33  ALA 33  421 421 ALA ALA A . n 
A 1 34  GLU 34  422 422 GLU GLU A . n 
A 1 35  ALA 35  423 423 ALA ALA A . n 
A 1 36  TYR 36  424 424 TYR TYR A . n 
A 1 37  LYS 37  425 425 LYS LYS A . n 
A 1 38  TYR 38  426 426 TYR TYR A . n 
A 1 39  ILE 39  427 427 ILE ILE A . n 
A 1 40  GLY 40  428 428 GLY GLY A . n 
A 1 41  THR 41  429 429 THR THR A . n 
A 1 42  PRO 42  430 430 PRO PRO A . n 
A 1 43  TYR 43  431 431 TYR TYR A . n 
A 1 44  VAL 44  432 432 VAL VAL A . n 
A 1 45  TRP 45  433 433 TRP TRP A . n 
A 1 46  GLY 46  434 434 GLY GLY A . n 
A 1 47  GLY 47  435 435 GLY GLY A . n 
A 1 48  LYS 48  436 436 LYS LYS A . n 
A 1 49  ASP 49  437 437 ASP ASP A . n 
A 1 50  PRO 50  438 438 PRO PRO A . n 
A 1 51  SER 51  439 439 SER SER A . n 
A 1 52  GLY 52  440 440 GLY GLY A . n 
A 1 53  PHE 53  441 441 PHE PHE A . n 
A 1 54  ASP 54  442 442 ASP ASP A . n 
A 1 55  CYS 55  443 443 CYS CYS A . n 
A 1 56  SER 56  444 444 SER SER A . n 
A 1 57  GLY 57  445 445 GLY GLY A . n 
A 1 58  PHE 58  446 446 PHE PHE A . n 
A 1 59  THR 59  447 447 THR THR A . n 
A 1 60  ARG 60  448 448 ARG ARG A . n 
A 1 61  TYR 61  449 449 TYR TYR A . n 
A 1 62  VAL 62  450 450 VAL VAL A . n 
A 1 63  TYR 63  451 451 TYR TYR A . n 
A 1 64  LEU 64  452 452 LEU LEU A . n 
A 1 65  GLN 65  453 453 GLN GLN A . n 
A 1 66  VAL 66  454 454 VAL VAL A . n 
A 1 67  THR 67  455 455 THR THR A . n 
A 1 68  GLY 68  456 456 GLY GLY A . n 
A 1 69  ARG 69  457 457 ARG ARG A . n 
A 1 70  ASP 70  458 458 ASP ASP A . n 
A 1 71  ILE 71  459 459 ILE ILE A . n 
A 1 72  GLY 72  460 460 GLY GLY A . n 
A 1 73  GLY 73  461 461 GLY GLY A . n 
A 1 74  TRP 74  462 462 TRP TRP A . n 
A 1 75  THR 75  463 463 THR THR A . n 
A 1 76  VAL 76  464 464 VAL VAL A . n 
A 1 77  PRO 77  465 465 PRO PRO A . n 
A 1 78  GLN 78  466 466 GLN GLN A . n 
A 1 79  GLU 79  467 467 GLU GLU A . n 
A 1 80  SER 80  468 468 SER SER A . n 
A 1 81  ALA 81  469 469 ALA ALA A . n 
A 1 82  GLY 82  470 470 GLY GLY A . n 
A 1 83  THR 83  471 471 THR THR A . n 
A 1 84  LYS 84  472 472 LYS LYS A . n 
A 1 85  ILE 85  473 473 ILE ILE A . n 
A 1 86  SER 86  474 474 SER SER A . n 
A 1 87  VAL 87  475 475 VAL VAL A . n 
A 1 88  SER 88  476 476 SER SER A . n 
A 1 89  GLN 89  477 477 GLN GLN A . n 
A 1 90  ALA 90  478 478 ALA ALA A . n 
A 1 91  LYS 91  479 479 LYS LYS A . n 
A 1 92  ALA 92  480 480 ALA ALA A . n 
A 1 93  GLY 93  481 481 GLY GLY A . n 
A 1 94  ASP 94  482 482 ASP ASP A . n 
A 1 95  LEU 95  483 483 LEU LEU A . n 
A 1 96  LEU 96  484 484 LEU LEU A . n 
A 1 97  PHE 97  485 485 PHE PHE A . n 
A 1 98  TRP 98  486 486 TRP TRP A . n 
A 1 99  GLY 99  487 487 GLY GLY A . n 
A 1 100 SER 100 488 488 SER SER A . n 
A 1 101 PRO 101 489 489 PRO PRO A . n 
A 1 102 GLY 102 490 490 GLY GLY A . n 
A 1 103 GLY 103 491 491 GLY GLY A . n 
A 1 104 THR 104 492 492 THR THR A . n 
A 1 105 TYR 105 493 493 TYR TYR A . n 
A 1 106 HIS 106 494 494 HIS HIS A . n 
A 1 107 VAL 107 495 495 VAL VAL A . n 
A 1 108 ALA 108 496 496 ALA ALA A . n 
A 1 109 ILE 109 497 497 ILE ILE A . n 
A 1 110 ALA 110 498 498 ALA ALA A . n 
A 1 111 LEU 111 499 499 LEU LEU A . n 
A 1 112 GLY 112 500 500 GLY GLY A . n 
A 1 113 GLY 113 501 501 GLY GLY A . n 
A 1 114 GLY 114 502 502 GLY GLY A . n 
A 1 115 GLN 115 503 503 GLN GLN A . n 
A 1 116 TYR 116 504 504 TYR TYR A . n 
A 1 117 ILE 117 505 505 ILE ILE A . n 
A 1 118 HIS 118 506 506 HIS HIS A . n 
A 1 119 ALA 119 507 507 ALA ALA A . n 
A 1 120 PRO 120 508 508 PRO PRO A . n 
A 1 121 GLN 121 509 509 GLN GLN A . n 
A 1 122 PRO 122 510 510 PRO PRO A . n 
A 1 123 GLY 123 511 511 GLY GLY A . n 
A 1 124 GLU 124 512 512 GLU GLU A . n 
A 1 125 SER 125 513 513 SER SER A . n 
A 1 126 VAL 126 514 514 VAL VAL A . n 
A 1 127 LYS 127 515 515 LYS LYS A . n 
A 1 128 VAL 128 516 516 VAL VAL A . n 
A 1 129 GLY 129 517 517 GLY GLY A . n 
A 1 130 SER 130 518 518 SER SER A . n 
A 1 131 VAL 131 519 519 VAL VAL A . n 
A 1 132 GLN 132 520 520 GLN GLN A . n 
A 1 133 TRP 133 521 521 TRP TRP A . n 
A 1 134 PHE 134 522 522 PHE PHE A . n 
A 1 135 ALA 135 523 523 ALA ALA A . n 
A 1 136 PRO 136 524 524 PRO PRO A . n 
A 1 137 ASP 137 525 525 ASP ASP A . n 
A 1 138 PHE 138 526 526 PHE PHE A . n 
A 1 139 ALA 139 527 527 ALA ALA A . n 
A 1 140 VAL 140 528 528 VAL VAL A . n 
A 1 141 SER 141 529 529 SER SER A . n 
A 1 142 MET 142 530 530 MET MET A . n 
A 1 143 LEU 143 531 ?   ?   ?   A . n 
A 1 144 GLU 144 532 ?   ?   ?   A . n 
A 1 145 HIS 145 533 ?   ?   ?   A . n 
A 1 146 HIS 146 534 ?   ?   ?   A . n 
A 1 147 HIS 147 535 ?   ?   ?   A . n 
A 1 148 HIS 148 536 ?   ?   ?   A . n 
A 1 149 HIS 149 537 ?   ?   ?   A . n 
A 1 150 HIS 150 538 ?   ?   ?   A . n 
# 
loop_
_pdbx_nonpoly_scheme.asym_id 
_pdbx_nonpoly_scheme.entity_id 
_pdbx_nonpoly_scheme.mon_id 
_pdbx_nonpoly_scheme.ndb_seq_num 
_pdbx_nonpoly_scheme.pdb_seq_num 
_pdbx_nonpoly_scheme.auth_seq_num 
_pdbx_nonpoly_scheme.pdb_mon_id 
_pdbx_nonpoly_scheme.auth_mon_id 
_pdbx_nonpoly_scheme.pdb_strand_id 
_pdbx_nonpoly_scheme.pdb_ins_code 
B 2 HOH 1 601 7 HOH HOH A . 
B 2 HOH 2 602 8 HOH HOH A . 
B 2 HOH 3 603 6 HOH HOH A . 
B 2 HOH 4 604 2 HOH HOH A . 
B 2 HOH 5 605 5 HOH HOH A . 
B 2 HOH 6 606 1 HOH HOH A . 
B 2 HOH 7 607 3 HOH HOH A . 
B 2 HOH 8 608 4 HOH HOH A . 
# 
loop_
_pdbx_struct_assembly.id 
_pdbx_struct_assembly.details 
_pdbx_struct_assembly.method_details 
_pdbx_struct_assembly.oligomeric_details 
_pdbx_struct_assembly.oligomeric_count 
1 author_defined_assembly   ?    monomeric 1 
2 software_defined_assembly PISA octameric 8 
3 software_defined_assembly PISA dimeric   2 
# 
loop_
_pdbx_struct_assembly_gen.assembly_id 
_pdbx_struct_assembly_gen.oper_expression 
_pdbx_struct_assembly_gen.asym_id_list 
1 1               A,B 
2 1,2,3,4,5,6,7,8 A,B 
3 1,3             A,B 
# 
loop_
_pdbx_struct_assembly_prop.biol_id 
_pdbx_struct_assembly_prop.type 
_pdbx_struct_assembly_prop.value 
_pdbx_struct_assembly_prop.details 
2 'ABSA (A^2)' 11030 ? 
2 MORE         -82   ? 
2 'SSA (A^2)'  35180 ? 
3 'ABSA (A^2)' 1280  ? 
3 MORE         -9    ? 
3 'SSA (A^2)'  10270 ? 
# 
loop_
_pdbx_struct_oper_list.id 
_pdbx_struct_oper_list.type 
_pdbx_struct_oper_list.name 
_pdbx_struct_oper_list.symmetry_operation 
_pdbx_struct_oper_list.matrix[1][1] 
_pdbx_struct_oper_list.matrix[1][2] 
_pdbx_struct_oper_list.matrix[1][3] 
_pdbx_struct_oper_list.vector[1] 
_pdbx_struct_oper_list.matrix[2][1] 
_pdbx_struct_oper_list.matrix[2][2] 
_pdbx_struct_oper_list.matrix[2][3] 
_pdbx_struct_oper_list.vector[2] 
_pdbx_struct_oper_list.matrix[3][1] 
_pdbx_struct_oper_list.matrix[3][2] 
_pdbx_struct_oper_list.matrix[3][3] 
_pdbx_struct_oper_list.vector[3] 
1 'identity operation'         1_555  x,y,z          1.0000000000  0.0000000000  0.0000000000  0.0000000000   0.0000000000  1.0000000000  0.0000000000  0.0000000000   0.0000000000  0.0000000000  1.0000000000  0.0000000000   
2 'crystal symmetry operation' 2_775  -x+2,-y+2,z    -0.8452740237 0.1949245147  0.4975100587  -18.3699014333 0.1949245147  -0.7544331771 0.6267655182  -36.8741717932 0.4975100587  0.6267655182  0.5997072008  20.1603581690  
3 'crystal symmetry operation' 3_758  -x+2,y,-z+3    -0.9971633203 0.0697774116  -0.0282210096 -22.4587228691 0.0697774116  0.7164036018  -0.6941880093 -4.7532991257  -0.0282210096 -0.6941880093 -0.7192402814 -14.0101689462 
4 'crystal symmetry operation' 4_578  x,-y+2,-z+3    0.8424373440  -0.2647019263 -0.4692890491 -7.2828608866  -0.2647019263 -0.9619704247 0.0674224910  -46.4469716879 -0.4692890491 0.0674224910  -0.8804669194 -2.3942855542  
5 'crystal symmetry operation' 13_558 y,x,-z+3       -0.1496568643 -0.9814211846 0.1200636554  -35.5501926303 -0.9814211846 0.1327045532  -0.1385711367 -30.7709334989 0.1200636554  -0.1385711367 -0.9830476889 0.2550003104   
6 'crystal symmetry operation' 14_778 -y+2,-x+2,-z+3 -0.0050691120 0.7864966699  -0.6175737140 5.8086088746   0.7864966699  -0.3782713761 -0.4881943815 -20.4293373147 -0.6175737140 -0.4881943815 -0.6166595118 -16.6594548108 
7 'crystal symmetry operation' 15_575 y,-x+2,z       0.0773629882  -0.7968830900 0.5991596689  -29.2062142268 0.9918076047  0.1227834114  0.0352407304  -7.4188464964  -0.1016496103 0.5915247879  0.7998536004  11.9898582146  
8 'crystal symmetry operation' 16_755 -y+2,x,z       0.0773629882  0.9918076047  -0.1016496103 10.8363127935  -0.7968830900 0.1227834114  0.5915247879  -29.4553252968 0.5991596689  0.0352407304  0.7998536004  8.1704999544   
# 
_pdbx_struct_special_symmetry.id              1 
_pdbx_struct_special_symmetry.PDB_model_num   1 
_pdbx_struct_special_symmetry.auth_asym_id    A 
_pdbx_struct_special_symmetry.auth_comp_id    HOH 
_pdbx_struct_special_symmetry.auth_seq_id     607 
_pdbx_struct_special_symmetry.PDB_ins_code    ? 
_pdbx_struct_special_symmetry.label_asym_id   B 
_pdbx_struct_special_symmetry.label_comp_id   HOH 
_pdbx_struct_special_symmetry.label_seq_id    . 
# 
loop_
_pdbx_audit_revision_history.ordinal 
_pdbx_audit_revision_history.data_content_type 
_pdbx_audit_revision_history.major_revision 
_pdbx_audit_revision_history.minor_revision 
_pdbx_audit_revision_history.revision_date 
1 'Structure model' 1 0 2019-01-16 
2 'Structure model' 1 1 2019-07-31 
3 'Structure model' 1 2 2019-12-04 
4 'Structure model' 1 3 2023-10-04 
# 
_pdbx_audit_revision_details.ordinal             1 
_pdbx_audit_revision_details.revision_ordinal    1 
_pdbx_audit_revision_details.data_content_type   'Structure model' 
_pdbx_audit_revision_details.provider            repository 
_pdbx_audit_revision_details.type                'Initial release' 
_pdbx_audit_revision_details.description         ? 
_pdbx_audit_revision_details.details             ? 
# 
loop_
_pdbx_audit_revision_group.ordinal 
_pdbx_audit_revision_group.revision_ordinal 
_pdbx_audit_revision_group.data_content_type 
_pdbx_audit_revision_group.group 
1 2 'Structure model' 'Data collection'            
2 2 'Structure model' 'Database references'        
3 3 'Structure model' 'Author supporting evidence' 
4 4 'Structure model' 'Data collection'            
5 4 'Structure model' 'Database references'        
6 4 'Structure model' 'Refinement description'     
# 
loop_
_pdbx_audit_revision_category.ordinal 
_pdbx_audit_revision_category.revision_ordinal 
_pdbx_audit_revision_category.data_content_type 
_pdbx_audit_revision_category.category 
1 2 'Structure model' citation                      
2 2 'Structure model' citation_author               
3 3 'Structure model' pdbx_audit_support            
4 4 'Structure model' chem_comp_atom                
5 4 'Structure model' chem_comp_bond                
6 4 'Structure model' database_2                    
7 4 'Structure model' pdbx_initial_refinement_model 
# 
loop_
_pdbx_audit_revision_item.ordinal 
_pdbx_audit_revision_item.revision_ordinal 
_pdbx_audit_revision_item.data_content_type 
_pdbx_audit_revision_item.item 
1  2 'Structure model' '_citation.country'                        
2  2 'Structure model' '_citation.journal_abbrev'                 
3  2 'Structure model' '_citation.journal_id_CSD'                 
4  2 'Structure model' '_citation.journal_id_ISSN'                
5  2 'Structure model' '_citation.journal_volume'                 
6  2 'Structure model' '_citation.pdbx_database_id_DOI'           
7  2 'Structure model' '_citation.pdbx_database_id_PubMed'        
8  2 'Structure model' '_citation.title'                          
9  2 'Structure model' '_citation.year'                           
10 3 'Structure model' '_pdbx_audit_support.funding_organization' 
11 4 'Structure model' '_database_2.pdbx_DOI'                     
12 4 'Structure model' '_database_2.pdbx_database_accession'      
# 
_pdbx_refine_tls.pdbx_refine_id   'X-RAY DIFFRACTION' 
_pdbx_refine_tls.id               1 
_pdbx_refine_tls.details          ? 
_pdbx_refine_tls.method           refined 
_pdbx_refine_tls.origin_x         -0.3440 
_pdbx_refine_tls.origin_y         -0.2069 
_pdbx_refine_tls.origin_z         0.0719 
_pdbx_refine_tls.T[1][1]          0.6303 
_pdbx_refine_tls.T[2][2]          0.5968 
_pdbx_refine_tls.T[3][3]          0.7274 
_pdbx_refine_tls.T[1][2]          -0.2141 
_pdbx_refine_tls.T[1][3]          -0.2513 
_pdbx_refine_tls.T[2][3]          0.1233 
_pdbx_refine_tls.L[1][1]          3.4069 
_pdbx_refine_tls.L[2][2]          3.6521 
_pdbx_refine_tls.L[3][3]          3.3220 
_pdbx_refine_tls.L[1][2]          0.2803 
_pdbx_refine_tls.L[1][3]          -0.0499 
_pdbx_refine_tls.L[2][3]          -0.6225 
_pdbx_refine_tls.S[1][1]          -0.5926 
_pdbx_refine_tls.S[1][2]          0.2843 
_pdbx_refine_tls.S[1][3]          0.9629 
_pdbx_refine_tls.S[2][1]          -0.0820 
_pdbx_refine_tls.S[2][2]          0.0587 
_pdbx_refine_tls.S[2][3]          -0.2147 
_pdbx_refine_tls.S[3][1]          -0.7081 
_pdbx_refine_tls.S[3][2]          0.5958 
_pdbx_refine_tls.S[3][3]          0.3725 
# 
_pdbx_refine_tls_group.pdbx_refine_id      'X-RAY DIFFRACTION' 
_pdbx_refine_tls_group.id                  1 
_pdbx_refine_tls_group.refine_tls_id       1 
_pdbx_refine_tls_group.beg_auth_asym_id    ? 
_pdbx_refine_tls_group.beg_auth_seq_id     ? 
_pdbx_refine_tls_group.beg_label_asym_id   ? 
_pdbx_refine_tls_group.beg_label_seq_id    ? 
_pdbx_refine_tls_group.end_auth_asym_id    ? 
_pdbx_refine_tls_group.end_auth_seq_id     ? 
_pdbx_refine_tls_group.end_label_asym_id   ? 
_pdbx_refine_tls_group.end_label_seq_id    ? 
_pdbx_refine_tls_group.selection           ? 
_pdbx_refine_tls_group.selection_details   all 
# 
loop_
_software.citation_id 
_software.classification 
_software.compiler_name 
_software.compiler_version 
_software.contact_author 
_software.contact_author_email 
_software.date 
_software.description 
_software.dependencies 
_software.hardware 
_software.language 
_software.location 
_software.mods 
_software.name 
_software.os 
_software.os_version 
_software.type 
_software.version 
_software.pdbx_ordinal 
? refinement       ? ? ? ? ? ? ? ? ? ? ? PHENIX   ? ? ? '(1.14_3260: ???)' 1 
? 'data reduction' ? ? ? ? ? ? ? ? ? ? ? HKL-2000 ? ? ? .                  2 
? 'data scaling'   ? ? ? ? ? ? ? ? ? ? ? HKL-2000 ? ? ? .                  3 
? phasing          ? ? ? ? ? ? ? ? ? ? ? PHENIX   ? ? ? .                  4 
# 
_pdbx_validate_torsion.id              1 
_pdbx_validate_torsion.PDB_model_num   1 
_pdbx_validate_torsion.auth_comp_id    TRP 
_pdbx_validate_torsion.auth_asym_id    A 
_pdbx_validate_torsion.auth_seq_id     521 
_pdbx_validate_torsion.PDB_ins_code    ? 
_pdbx_validate_torsion.label_alt_id    ? 
_pdbx_validate_torsion.phi             -91.34 
_pdbx_validate_torsion.psi             -61.10 
# 
loop_
_pdbx_unobs_or_zero_occ_residues.id 
_pdbx_unobs_or_zero_occ_residues.PDB_model_num 
_pdbx_unobs_or_zero_occ_residues.polymer_flag 
_pdbx_unobs_or_zero_occ_residues.occupancy_flag 
_pdbx_unobs_or_zero_occ_residues.auth_asym_id 
_pdbx_unobs_or_zero_occ_residues.auth_comp_id 
_pdbx_unobs_or_zero_occ_residues.auth_seq_id 
_pdbx_unobs_or_zero_occ_residues.PDB_ins_code 
_pdbx_unobs_or_zero_occ_residues.label_asym_id 
_pdbx_unobs_or_zero_occ_residues.label_comp_id 
_pdbx_unobs_or_zero_occ_residues.label_seq_id 
1  1 Y 1 A PRO 389 ? A PRO 1   
2  1 Y 1 A GLY 390 ? A GLY 2   
3  1 Y 1 A ASN 391 ? A ASN 3   
4  1 Y 1 A SER 392 ? A SER 4   
5  1 Y 1 A THR 393 ? A THR 5   
6  1 Y 1 A GLY 394 ? A GLY 6   
7  1 Y 1 A SER 395 ? A SER 7   
8  1 Y 1 A ASN 396 ? A ASN 8   
9  1 Y 1 A ALA 397 ? A ALA 9   
10 1 Y 1 A THR 398 ? A THR 10  
11 1 Y 1 A ASN 399 ? A ASN 11  
12 1 Y 1 A ASN 400 ? A ASN 12  
13 1 Y 1 A THR 401 ? A THR 13  
14 1 Y 1 A THR 402 ? A THR 14  
15 1 Y 1 A ASN 403 ? A ASN 15  
16 1 Y 1 A THR 404 ? A THR 16  
17 1 Y 1 A THR 405 ? A THR 17  
18 1 Y 1 A PRO 406 ? A PRO 18  
19 1 Y 1 A THR 407 ? A THR 19  
20 1 Y 1 A PRO 408 ? A PRO 20  
21 1 Y 1 A THR 409 ? A THR 21  
22 1 Y 1 A PRO 410 ? A PRO 22  
23 1 Y 1 A SER 411 ? A SER 23  
24 1 Y 1 A GLY 412 ? A GLY 24  
25 1 Y 1 A SER 413 ? A SER 25  
26 1 Y 1 A LEU 531 ? A LEU 143 
27 1 Y 1 A GLU 532 ? A GLU 144 
28 1 Y 1 A HIS 533 ? A HIS 145 
29 1 Y 1 A HIS 534 ? A HIS 146 
30 1 Y 1 A HIS 535 ? A HIS 147 
31 1 Y 1 A HIS 536 ? A HIS 148 
32 1 Y 1 A HIS 537 ? A HIS 149 
33 1 Y 1 A HIS 538 ? A HIS 150 
# 
loop_
_chem_comp_atom.comp_id 
_chem_comp_atom.atom_id 
_chem_comp_atom.type_symbol 
_chem_comp_atom.pdbx_aromatic_flag 
_chem_comp_atom.pdbx_stereo_config 
_chem_comp_atom.pdbx_ordinal 
ALA N    N N N 1   
ALA CA   C N S 2   
ALA C    C N N 3   
ALA O    O N N 4   
ALA CB   C N N 5   
ALA OXT  O N N 6   
ALA H    H N N 7   
ALA H2   H N N 8   
ALA HA   H N N 9   
ALA HB1  H N N 10  
ALA HB2  H N N 11  
ALA HB3  H N N 12  
ALA HXT  H N N 13  
ARG N    N N N 14  
ARG CA   C N S 15  
ARG C    C N N 16  
ARG O    O N N 17  
ARG CB   C N N 18  
ARG CG   C N N 19  
ARG CD   C N N 20  
ARG NE   N N N 21  
ARG CZ   C N N 22  
ARG NH1  N N N 23  
ARG NH2  N N N 24  
ARG OXT  O N N 25  
ARG H    H N N 26  
ARG H2   H N N 27  
ARG HA   H N N 28  
ARG HB2  H N N 29  
ARG HB3  H N N 30  
ARG HG2  H N N 31  
ARG HG3  H N N 32  
ARG HD2  H N N 33  
ARG HD3  H N N 34  
ARG HE   H N N 35  
ARG HH11 H N N 36  
ARG HH12 H N N 37  
ARG HH21 H N N 38  
ARG HH22 H N N 39  
ARG HXT  H N N 40  
ASN N    N N N 41  
ASN CA   C N S 42  
ASN C    C N N 43  
ASN O    O N N 44  
ASN CB   C N N 45  
ASN CG   C N N 46  
ASN OD1  O N N 47  
ASN ND2  N N N 48  
ASN OXT  O N N 49  
ASN H    H N N 50  
ASN H2   H N N 51  
ASN HA   H N N 52  
ASN HB2  H N N 53  
ASN HB3  H N N 54  
ASN HD21 H N N 55  
ASN HD22 H N N 56  
ASN HXT  H N N 57  
ASP N    N N N 58  
ASP CA   C N S 59  
ASP C    C N N 60  
ASP O    O N N 61  
ASP CB   C N N 62  
ASP CG   C N N 63  
ASP OD1  O N N 64  
ASP OD2  O N N 65  
ASP OXT  O N N 66  
ASP H    H N N 67  
ASP H2   H N N 68  
ASP HA   H N N 69  
ASP HB2  H N N 70  
ASP HB3  H N N 71  
ASP HD2  H N N 72  
ASP HXT  H N N 73  
CYS N    N N N 74  
CYS CA   C N R 75  
CYS C    C N N 76  
CYS O    O N N 77  
CYS CB   C N N 78  
CYS SG   S N N 79  
CYS OXT  O N N 80  
CYS H    H N N 81  
CYS H2   H N N 82  
CYS HA   H N N 83  
CYS HB2  H N N 84  
CYS HB3  H N N 85  
CYS HG   H N N 86  
CYS HXT  H N N 87  
GLN N    N N N 88  
GLN CA   C N S 89  
GLN C    C N N 90  
GLN O    O N N 91  
GLN CB   C N N 92  
GLN CG   C N N 93  
GLN CD   C N N 94  
GLN OE1  O N N 95  
GLN NE2  N N N 96  
GLN OXT  O N N 97  
GLN H    H N N 98  
GLN H2   H N N 99  
GLN HA   H N N 100 
GLN HB2  H N N 101 
GLN HB3  H N N 102 
GLN HG2  H N N 103 
GLN HG3  H N N 104 
GLN HE21 H N N 105 
GLN HE22 H N N 106 
GLN HXT  H N N 107 
GLU N    N N N 108 
GLU CA   C N S 109 
GLU C    C N N 110 
GLU O    O N N 111 
GLU CB   C N N 112 
GLU CG   C N N 113 
GLU CD   C N N 114 
GLU OE1  O N N 115 
GLU OE2  O N N 116 
GLU OXT  O N N 117 
GLU H    H N N 118 
GLU H2   H N N 119 
GLU HA   H N N 120 
GLU HB2  H N N 121 
GLU HB3  H N N 122 
GLU HG2  H N N 123 
GLU HG3  H N N 124 
GLU HE2  H N N 125 
GLU HXT  H N N 126 
GLY N    N N N 127 
GLY CA   C N N 128 
GLY C    C N N 129 
GLY O    O N N 130 
GLY OXT  O N N 131 
GLY H    H N N 132 
GLY H2   H N N 133 
GLY HA2  H N N 134 
GLY HA3  H N N 135 
GLY HXT  H N N 136 
HIS N    N N N 137 
HIS CA   C N S 138 
HIS C    C N N 139 
HIS O    O N N 140 
HIS CB   C N N 141 
HIS CG   C Y N 142 
HIS ND1  N Y N 143 
HIS CD2  C Y N 144 
HIS CE1  C Y N 145 
HIS NE2  N Y N 146 
HIS OXT  O N N 147 
HIS H    H N N 148 
HIS H2   H N N 149 
HIS HA   H N N 150 
HIS HB2  H N N 151 
HIS HB3  H N N 152 
HIS HD1  H N N 153 
HIS HD2  H N N 154 
HIS HE1  H N N 155 
HIS HE2  H N N 156 
HIS HXT  H N N 157 
HOH O    O N N 158 
HOH H1   H N N 159 
HOH H2   H N N 160 
ILE N    N N N 161 
ILE CA   C N S 162 
ILE C    C N N 163 
ILE O    O N N 164 
ILE CB   C N S 165 
ILE CG1  C N N 166 
ILE CG2  C N N 167 
ILE CD1  C N N 168 
ILE OXT  O N N 169 
ILE H    H N N 170 
ILE H2   H N N 171 
ILE HA   H N N 172 
ILE HB   H N N 173 
ILE HG12 H N N 174 
ILE HG13 H N N 175 
ILE HG21 H N N 176 
ILE HG22 H N N 177 
ILE HG23 H N N 178 
ILE HD11 H N N 179 
ILE HD12 H N N 180 
ILE HD13 H N N 181 
ILE HXT  H N N 182 
LEU N    N N N 183 
LEU CA   C N S 184 
LEU C    C N N 185 
LEU O    O N N 186 
LEU CB   C N N 187 
LEU CG   C N N 188 
LEU CD1  C N N 189 
LEU CD2  C N N 190 
LEU OXT  O N N 191 
LEU H    H N N 192 
LEU H2   H N N 193 
LEU HA   H N N 194 
LEU HB2  H N N 195 
LEU HB3  H N N 196 
LEU HG   H N N 197 
LEU HD11 H N N 198 
LEU HD12 H N N 199 
LEU HD13 H N N 200 
LEU HD21 H N N 201 
LEU HD22 H N N 202 
LEU HD23 H N N 203 
LEU HXT  H N N 204 
LYS N    N N N 205 
LYS CA   C N S 206 
LYS C    C N N 207 
LYS O    O N N 208 
LYS CB   C N N 209 
LYS CG   C N N 210 
LYS CD   C N N 211 
LYS CE   C N N 212 
LYS NZ   N N N 213 
LYS OXT  O N N 214 
LYS H    H N N 215 
LYS H2   H N N 216 
LYS HA   H N N 217 
LYS HB2  H N N 218 
LYS HB3  H N N 219 
LYS HG2  H N N 220 
LYS HG3  H N N 221 
LYS HD2  H N N 222 
LYS HD3  H N N 223 
LYS HE2  H N N 224 
LYS HE3  H N N 225 
LYS HZ1  H N N 226 
LYS HZ2  H N N 227 
LYS HZ3  H N N 228 
LYS HXT  H N N 229 
MET N    N N N 230 
MET CA   C N S 231 
MET C    C N N 232 
MET O    O N N 233 
MET CB   C N N 234 
MET CG   C N N 235 
MET SD   S N N 236 
MET CE   C N N 237 
MET OXT  O N N 238 
MET H    H N N 239 
MET H2   H N N 240 
MET HA   H N N 241 
MET HB2  H N N 242 
MET HB3  H N N 243 
MET HG2  H N N 244 
MET HG3  H N N 245 
MET HE1  H N N 246 
MET HE2  H N N 247 
MET HE3  H N N 248 
MET HXT  H N N 249 
PHE N    N N N 250 
PHE CA   C N S 251 
PHE C    C N N 252 
PHE O    O N N 253 
PHE CB   C N N 254 
PHE CG   C Y N 255 
PHE CD1  C Y N 256 
PHE CD2  C Y N 257 
PHE CE1  C Y N 258 
PHE CE2  C Y N 259 
PHE CZ   C Y N 260 
PHE OXT  O N N 261 
PHE H    H N N 262 
PHE H2   H N N 263 
PHE HA   H N N 264 
PHE HB2  H N N 265 
PHE HB3  H N N 266 
PHE HD1  H N N 267 
PHE HD2  H N N 268 
PHE HE1  H N N 269 
PHE HE2  H N N 270 
PHE HZ   H N N 271 
PHE HXT  H N N 272 
PRO N    N N N 273 
PRO CA   C N S 274 
PRO C    C N N 275 
PRO O    O N N 276 
PRO CB   C N N 277 
PRO CG   C N N 278 
PRO CD   C N N 279 
PRO OXT  O N N 280 
PRO H    H N N 281 
PRO HA   H N N 282 
PRO HB2  H N N 283 
PRO HB3  H N N 284 
PRO HG2  H N N 285 
PRO HG3  H N N 286 
PRO HD2  H N N 287 
PRO HD3  H N N 288 
PRO HXT  H N N 289 
SER N    N N N 290 
SER CA   C N S 291 
SER C    C N N 292 
SER O    O N N 293 
SER CB   C N N 294 
SER OG   O N N 295 
SER OXT  O N N 296 
SER H    H N N 297 
SER H2   H N N 298 
SER HA   H N N 299 
SER HB2  H N N 300 
SER HB3  H N N 301 
SER HG   H N N 302 
SER HXT  H N N 303 
THR N    N N N 304 
THR CA   C N S 305 
THR C    C N N 306 
THR O    O N N 307 
THR CB   C N R 308 
THR OG1  O N N 309 
THR CG2  C N N 310 
THR OXT  O N N 311 
THR H    H N N 312 
THR H2   H N N 313 
THR HA   H N N 314 
THR HB   H N N 315 
THR HG1  H N N 316 
THR HG21 H N N 317 
THR HG22 H N N 318 
THR HG23 H N N 319 
THR HXT  H N N 320 
TRP N    N N N 321 
TRP CA   C N S 322 
TRP C    C N N 323 
TRP O    O N N 324 
TRP CB   C N N 325 
TRP CG   C Y N 326 
TRP CD1  C Y N 327 
TRP CD2  C Y N 328 
TRP NE1  N Y N 329 
TRP CE2  C Y N 330 
TRP CE3  C Y N 331 
TRP CZ2  C Y N 332 
TRP CZ3  C Y N 333 
TRP CH2  C Y N 334 
TRP OXT  O N N 335 
TRP H    H N N 336 
TRP H2   H N N 337 
TRP HA   H N N 338 
TRP HB2  H N N 339 
TRP HB3  H N N 340 
TRP HD1  H N N 341 
TRP HE1  H N N 342 
TRP HE3  H N N 343 
TRP HZ2  H N N 344 
TRP HZ3  H N N 345 
TRP HH2  H N N 346 
TRP HXT  H N N 347 
TYR N    N N N 348 
TYR CA   C N S 349 
TYR C    C N N 350 
TYR O    O N N 351 
TYR CB   C N N 352 
TYR CG   C Y N 353 
TYR CD1  C Y N 354 
TYR CD2  C Y N 355 
TYR CE1  C Y N 356 
TYR CE2  C Y N 357 
TYR CZ   C Y N 358 
TYR OH   O N N 359 
TYR OXT  O N N 360 
TYR H    H N N 361 
TYR H2   H N N 362 
TYR HA   H N N 363 
TYR HB2  H N N 364 
TYR HB3  H N N 365 
TYR HD1  H N N 366 
TYR HD2  H N N 367 
TYR HE1  H N N 368 
TYR HE2  H N N 369 
TYR HH   H N N 370 
TYR HXT  H N N 371 
VAL N    N N N 372 
VAL CA   C N S 373 
VAL C    C N N 374 
VAL O    O N N 375 
VAL CB   C N N 376 
VAL CG1  C N N 377 
VAL CG2  C N N 378 
VAL OXT  O N N 379 
VAL H    H N N 380 
VAL H2   H N N 381 
VAL HA   H N N 382 
VAL HB   H N N 383 
VAL HG11 H N N 384 
VAL HG12 H N N 385 
VAL HG13 H N N 386 
VAL HG21 H N N 387 
VAL HG22 H N N 388 
VAL HG23 H N N 389 
VAL HXT  H N N 390 
# 
loop_
_chem_comp_bond.comp_id 
_chem_comp_bond.atom_id_1 
_chem_comp_bond.atom_id_2 
_chem_comp_bond.value_order 
_chem_comp_bond.pdbx_aromatic_flag 
_chem_comp_bond.pdbx_stereo_config 
_chem_comp_bond.pdbx_ordinal 
ALA N   CA   sing N N 1   
ALA N   H    sing N N 2   
ALA N   H2   sing N N 3   
ALA CA  C    sing N N 4   
ALA CA  CB   sing N N 5   
ALA CA  HA   sing N N 6   
ALA C   O    doub N N 7   
ALA C   OXT  sing N N 8   
ALA CB  HB1  sing N N 9   
ALA CB  HB2  sing N N 10  
ALA CB  HB3  sing N N 11  
ALA OXT HXT  sing N N 12  
ARG N   CA   sing N N 13  
ARG N   H    sing N N 14  
ARG N   H2   sing N N 15  
ARG CA  C    sing N N 16  
ARG CA  CB   sing N N 17  
ARG CA  HA   sing N N 18  
ARG C   O    doub N N 19  
ARG C   OXT  sing N N 20  
ARG CB  CG   sing N N 21  
ARG CB  HB2  sing N N 22  
ARG CB  HB3  sing N N 23  
ARG CG  CD   sing N N 24  
ARG CG  HG2  sing N N 25  
ARG CG  HG3  sing N N 26  
ARG CD  NE   sing N N 27  
ARG CD  HD2  sing N N 28  
ARG CD  HD3  sing N N 29  
ARG NE  CZ   sing N N 30  
ARG NE  HE   sing N N 31  
ARG CZ  NH1  sing N N 32  
ARG CZ  NH2  doub N N 33  
ARG NH1 HH11 sing N N 34  
ARG NH1 HH12 sing N N 35  
ARG NH2 HH21 sing N N 36  
ARG NH2 HH22 sing N N 37  
ARG OXT HXT  sing N N 38  
ASN N   CA   sing N N 39  
ASN N   H    sing N N 40  
ASN N   H2   sing N N 41  
ASN CA  C    sing N N 42  
ASN CA  CB   sing N N 43  
ASN CA  HA   sing N N 44  
ASN C   O    doub N N 45  
ASN C   OXT  sing N N 46  
ASN CB  CG   sing N N 47  
ASN CB  HB2  sing N N 48  
ASN CB  HB3  sing N N 49  
ASN CG  OD1  doub N N 50  
ASN CG  ND2  sing N N 51  
ASN ND2 HD21 sing N N 52  
ASN ND2 HD22 sing N N 53  
ASN OXT HXT  sing N N 54  
ASP N   CA   sing N N 55  
ASP N   H    sing N N 56  
ASP N   H2   sing N N 57  
ASP CA  C    sing N N 58  
ASP CA  CB   sing N N 59  
ASP CA  HA   sing N N 60  
ASP C   O    doub N N 61  
ASP C   OXT  sing N N 62  
ASP CB  CG   sing N N 63  
ASP CB  HB2  sing N N 64  
ASP CB  HB3  sing N N 65  
ASP CG  OD1  doub N N 66  
ASP CG  OD2  sing N N 67  
ASP OD2 HD2  sing N N 68  
ASP OXT HXT  sing N N 69  
CYS N   CA   sing N N 70  
CYS N   H    sing N N 71  
CYS N   H2   sing N N 72  
CYS CA  C    sing N N 73  
CYS CA  CB   sing N N 74  
CYS CA  HA   sing N N 75  
CYS C   O    doub N N 76  
CYS C   OXT  sing N N 77  
CYS CB  SG   sing N N 78  
CYS CB  HB2  sing N N 79  
CYS CB  HB3  sing N N 80  
CYS SG  HG   sing N N 81  
CYS OXT HXT  sing N N 82  
GLN N   CA   sing N N 83  
GLN N   H    sing N N 84  
GLN N   H2   sing N N 85  
GLN CA  C    sing N N 86  
GLN CA  CB   sing N N 87  
GLN CA  HA   sing N N 88  
GLN C   O    doub N N 89  
GLN C   OXT  sing N N 90  
GLN CB  CG   sing N N 91  
GLN CB  HB2  sing N N 92  
GLN CB  HB3  sing N N 93  
GLN CG  CD   sing N N 94  
GLN CG  HG2  sing N N 95  
GLN CG  HG3  sing N N 96  
GLN CD  OE1  doub N N 97  
GLN CD  NE2  sing N N 98  
GLN NE2 HE21 sing N N 99  
GLN NE2 HE22 sing N N 100 
GLN OXT HXT  sing N N 101 
GLU N   CA   sing N N 102 
GLU N   H    sing N N 103 
GLU N   H2   sing N N 104 
GLU CA  C    sing N N 105 
GLU CA  CB   sing N N 106 
GLU CA  HA   sing N N 107 
GLU C   O    doub N N 108 
GLU C   OXT  sing N N 109 
GLU CB  CG   sing N N 110 
GLU CB  HB2  sing N N 111 
GLU CB  HB3  sing N N 112 
GLU CG  CD   sing N N 113 
GLU CG  HG2  sing N N 114 
GLU CG  HG3  sing N N 115 
GLU CD  OE1  doub N N 116 
GLU CD  OE2  sing N N 117 
GLU OE2 HE2  sing N N 118 
GLU OXT HXT  sing N N 119 
GLY N   CA   sing N N 120 
GLY N   H    sing N N 121 
GLY N   H2   sing N N 122 
GLY CA  C    sing N N 123 
GLY CA  HA2  sing N N 124 
GLY CA  HA3  sing N N 125 
GLY C   O    doub N N 126 
GLY C   OXT  sing N N 127 
GLY OXT HXT  sing N N 128 
HIS N   CA   sing N N 129 
HIS N   H    sing N N 130 
HIS N   H2   sing N N 131 
HIS CA  C    sing N N 132 
HIS CA  CB   sing N N 133 
HIS CA  HA   sing N N 134 
HIS C   O    doub N N 135 
HIS C   OXT  sing N N 136 
HIS CB  CG   sing N N 137 
HIS CB  HB2  sing N N 138 
HIS CB  HB3  sing N N 139 
HIS CG  ND1  sing Y N 140 
HIS CG  CD2  doub Y N 141 
HIS ND1 CE1  doub Y N 142 
HIS ND1 HD1  sing N N 143 
HIS CD2 NE2  sing Y N 144 
HIS CD2 HD2  sing N N 145 
HIS CE1 NE2  sing Y N 146 
HIS CE1 HE1  sing N N 147 
HIS NE2 HE2  sing N N 148 
HIS OXT HXT  sing N N 149 
HOH O   H1   sing N N 150 
HOH O   H2   sing N N 151 
ILE N   CA   sing N N 152 
ILE N   H    sing N N 153 
ILE N   H2   sing N N 154 
ILE CA  C    sing N N 155 
ILE CA  CB   sing N N 156 
ILE CA  HA   sing N N 157 
ILE C   O    doub N N 158 
ILE C   OXT  sing N N 159 
ILE CB  CG1  sing N N 160 
ILE CB  CG2  sing N N 161 
ILE CB  HB   sing N N 162 
ILE CG1 CD1  sing N N 163 
ILE CG1 HG12 sing N N 164 
ILE CG1 HG13 sing N N 165 
ILE CG2 HG21 sing N N 166 
ILE CG2 HG22 sing N N 167 
ILE CG2 HG23 sing N N 168 
ILE CD1 HD11 sing N N 169 
ILE CD1 HD12 sing N N 170 
ILE CD1 HD13 sing N N 171 
ILE OXT HXT  sing N N 172 
LEU N   CA   sing N N 173 
LEU N   H    sing N N 174 
LEU N   H2   sing N N 175 
LEU CA  C    sing N N 176 
LEU CA  CB   sing N N 177 
LEU CA  HA   sing N N 178 
LEU C   O    doub N N 179 
LEU C   OXT  sing N N 180 
LEU CB  CG   sing N N 181 
LEU CB  HB2  sing N N 182 
LEU CB  HB3  sing N N 183 
LEU CG  CD1  sing N N 184 
LEU CG  CD2  sing N N 185 
LEU CG  HG   sing N N 186 
LEU CD1 HD11 sing N N 187 
LEU CD1 HD12 sing N N 188 
LEU CD1 HD13 sing N N 189 
LEU CD2 HD21 sing N N 190 
LEU CD2 HD22 sing N N 191 
LEU CD2 HD23 sing N N 192 
LEU OXT HXT  sing N N 193 
LYS N   CA   sing N N 194 
LYS N   H    sing N N 195 
LYS N   H2   sing N N 196 
LYS CA  C    sing N N 197 
LYS CA  CB   sing N N 198 
LYS CA  HA   sing N N 199 
LYS C   O    doub N N 200 
LYS C   OXT  sing N N 201 
LYS CB  CG   sing N N 202 
LYS CB  HB2  sing N N 203 
LYS CB  HB3  sing N N 204 
LYS CG  CD   sing N N 205 
LYS CG  HG2  sing N N 206 
LYS CG  HG3  sing N N 207 
LYS CD  CE   sing N N 208 
LYS CD  HD2  sing N N 209 
LYS CD  HD3  sing N N 210 
LYS CE  NZ   sing N N 211 
LYS CE  HE2  sing N N 212 
LYS CE  HE3  sing N N 213 
LYS NZ  HZ1  sing N N 214 
LYS NZ  HZ2  sing N N 215 
LYS NZ  HZ3  sing N N 216 
LYS OXT HXT  sing N N 217 
MET N   CA   sing N N 218 
MET N   H    sing N N 219 
MET N   H2   sing N N 220 
MET CA  C    sing N N 221 
MET CA  CB   sing N N 222 
MET CA  HA   sing N N 223 
MET C   O    doub N N 224 
MET C   OXT  sing N N 225 
MET CB  CG   sing N N 226 
MET CB  HB2  sing N N 227 
MET CB  HB3  sing N N 228 
MET CG  SD   sing N N 229 
MET CG  HG2  sing N N 230 
MET CG  HG3  sing N N 231 
MET SD  CE   sing N N 232 
MET CE  HE1  sing N N 233 
MET CE  HE2  sing N N 234 
MET CE  HE3  sing N N 235 
MET OXT HXT  sing N N 236 
PHE N   CA   sing N N 237 
PHE N   H    sing N N 238 
PHE N   H2   sing N N 239 
PHE CA  C    sing N N 240 
PHE CA  CB   sing N N 241 
PHE CA  HA   sing N N 242 
PHE C   O    doub N N 243 
PHE C   OXT  sing N N 244 
PHE CB  CG   sing N N 245 
PHE CB  HB2  sing N N 246 
PHE CB  HB3  sing N N 247 
PHE CG  CD1  doub Y N 248 
PHE CG  CD2  sing Y N 249 
PHE CD1 CE1  sing Y N 250 
PHE CD1 HD1  sing N N 251 
PHE CD2 CE2  doub Y N 252 
PHE CD2 HD2  sing N N 253 
PHE CE1 CZ   doub Y N 254 
PHE CE1 HE1  sing N N 255 
PHE CE2 CZ   sing Y N 256 
PHE CE2 HE2  sing N N 257 
PHE CZ  HZ   sing N N 258 
PHE OXT HXT  sing N N 259 
PRO N   CA   sing N N 260 
PRO N   CD   sing N N 261 
PRO N   H    sing N N 262 
PRO CA  C    sing N N 263 
PRO CA  CB   sing N N 264 
PRO CA  HA   sing N N 265 
PRO C   O    doub N N 266 
PRO C   OXT  sing N N 267 
PRO CB  CG   sing N N 268 
PRO CB  HB2  sing N N 269 
PRO CB  HB3  sing N N 270 
PRO CG  CD   sing N N 271 
PRO CG  HG2  sing N N 272 
PRO CG  HG3  sing N N 273 
PRO CD  HD2  sing N N 274 
PRO CD  HD3  sing N N 275 
PRO OXT HXT  sing N N 276 
SER N   CA   sing N N 277 
SER N   H    sing N N 278 
SER N   H2   sing N N 279 
SER CA  C    sing N N 280 
SER CA  CB   sing N N 281 
SER CA  HA   sing N N 282 
SER C   O    doub N N 283 
SER C   OXT  sing N N 284 
SER CB  OG   sing N N 285 
SER CB  HB2  sing N N 286 
SER CB  HB3  sing N N 287 
SER OG  HG   sing N N 288 
SER OXT HXT  sing N N 289 
THR N   CA   sing N N 290 
THR N   H    sing N N 291 
THR N   H2   sing N N 292 
THR CA  C    sing N N 293 
THR CA  CB   sing N N 294 
THR CA  HA   sing N N 295 
THR C   O    doub N N 296 
THR C   OXT  sing N N 297 
THR CB  OG1  sing N N 298 
THR CB  CG2  sing N N 299 
THR CB  HB   sing N N 300 
THR OG1 HG1  sing N N 301 
THR CG2 HG21 sing N N 302 
THR CG2 HG22 sing N N 303 
THR CG2 HG23 sing N N 304 
THR OXT HXT  sing N N 305 
TRP N   CA   sing N N 306 
TRP N   H    sing N N 307 
TRP N   H2   sing N N 308 
TRP CA  C    sing N N 309 
TRP CA  CB   sing N N 310 
TRP CA  HA   sing N N 311 
TRP C   O    doub N N 312 
TRP C   OXT  sing N N 313 
TRP CB  CG   sing N N 314 
TRP CB  HB2  sing N N 315 
TRP CB  HB3  sing N N 316 
TRP CG  CD1  doub Y N 317 
TRP CG  CD2  sing Y N 318 
TRP CD1 NE1  sing Y N 319 
TRP CD1 HD1  sing N N 320 
TRP CD2 CE2  doub Y N 321 
TRP CD2 CE3  sing Y N 322 
TRP NE1 CE2  sing Y N 323 
TRP NE1 HE1  sing N N 324 
TRP CE2 CZ2  sing Y N 325 
TRP CE3 CZ3  doub Y N 326 
TRP CE3 HE3  sing N N 327 
TRP CZ2 CH2  doub Y N 328 
TRP CZ2 HZ2  sing N N 329 
TRP CZ3 CH2  sing Y N 330 
TRP CZ3 HZ3  sing N N 331 
TRP CH2 HH2  sing N N 332 
TRP OXT HXT  sing N N 333 
TYR N   CA   sing N N 334 
TYR N   H    sing N N 335 
TYR N   H2   sing N N 336 
TYR CA  C    sing N N 337 
TYR CA  CB   sing N N 338 
TYR CA  HA   sing N N 339 
TYR C   O    doub N N 340 
TYR C   OXT  sing N N 341 
TYR CB  CG   sing N N 342 
TYR CB  HB2  sing N N 343 
TYR CB  HB3  sing N N 344 
TYR CG  CD1  doub Y N 345 
TYR CG  CD2  sing Y N 346 
TYR CD1 CE1  sing Y N 347 
TYR CD1 HD1  sing N N 348 
TYR CD2 CE2  doub Y N 349 
TYR CD2 HD2  sing N N 350 
TYR CE1 CZ   doub Y N 351 
TYR CE1 HE1  sing N N 352 
TYR CE2 CZ   sing Y N 353 
TYR CE2 HE2  sing N N 354 
TYR CZ  OH   sing N N 355 
TYR OH  HH   sing N N 356 
TYR OXT HXT  sing N N 357 
VAL N   CA   sing N N 358 
VAL N   H    sing N N 359 
VAL N   H2   sing N N 360 
VAL CA  C    sing N N 361 
VAL CA  CB   sing N N 362 
VAL CA  HA   sing N N 363 
VAL C   O    doub N N 364 
VAL C   OXT  sing N N 365 
VAL CB  CG1  sing N N 366 
VAL CB  CG2  sing N N 367 
VAL CB  HB   sing N N 368 
VAL CG1 HG11 sing N N 369 
VAL CG1 HG12 sing N N 370 
VAL CG1 HG13 sing N N 371 
VAL CG2 HG21 sing N N 372 
VAL CG2 HG22 sing N N 373 
VAL CG2 HG23 sing N N 374 
VAL OXT HXT  sing N N 375 
# 
_pdbx_audit_support.funding_organization   
'National Institutes of Health/National Center for Advancing Translational Sciences (NIH/NCATS)' 
_pdbx_audit_support.country                'United States' 
_pdbx_audit_support.grant_number           'UL1 TR0018663' 
_pdbx_audit_support.ordinal                1 
# 
_pdbx_entity_nonpoly.entity_id   2 
_pdbx_entity_nonpoly.name        water 
_pdbx_entity_nonpoly.comp_id     HOH 
# 
_pdbx_initial_refinement_model.id               1 
_pdbx_initial_refinement_model.entity_id_list   ? 
_pdbx_initial_refinement_model.type             'experimental model' 
_pdbx_initial_refinement_model.source_name      PDB 
_pdbx_initial_refinement_model.accession_code   4FDY 
_pdbx_initial_refinement_model.details          ? 
# 
loop_
_pdbx_struct_assembly_auth_evidence.id 
_pdbx_struct_assembly_auth_evidence.assembly_id 
_pdbx_struct_assembly_auth_evidence.experimental_support 
_pdbx_struct_assembly_auth_evidence.details 
1 1 homology         ?                                                                               
2 1 'gel filtration' 'Based on size-exclusion chromatography, it seems it is a monomer in solution.' 
# 
